data_6PUC
#
_entry.id   6PUC
#
_cell.length_a   217.967
_cell.length_b   70.248
_cell.length_c   143.634
_cell.angle_alpha   90.000
_cell.angle_beta   104.808
_cell.angle_gamma   90.000
#
_symmetry.space_group_name_H-M   'C 1 2 1'
#
loop_
_entity.id
_entity.type
_entity.pdbx_description
1 polymer 'Major histocompatibility complex class I-related gene protein'
2 polymer Beta-2-microglobulin
3 polymer 'Human TCR alpha chain'
4 polymer 'Human TCR beta chain'
5 non-polymer 1-deoxy-1-({2,6-dioxo-5-[(E)-(2-oxopropylidene)amino]-1,2,3,6-tetrahydropyrimidin-4-yl}amino)-D-ribitol
6 non-polymer GLYCEROL
7 non-polymer 'CHLORIDE ION'
8 non-polymer 'SODIUM ION'
9 water water
#
loop_
_entity_poly.entity_id
_entity_poly.type
_entity_poly.pdbx_seq_one_letter_code
_entity_poly.pdbx_strand_id
1 'polypeptide(L)'
;MRTHSLRYFRLGVSDPIHGVPEFISVGYVDSHPITTYDSVTRQKEPRAPWMAENLAPDHWERYTQLLRGWQQMFKVELKR
LQRHYNHSGSHTYQRMIGCELLEDGSTTGFLQYAYDGQDFLIFNKDTLSWLAVDNVAHTIKQAWEANQHELLYQKNWLEE
ECIAWLKRFLEYGKDTLQRTEPPLVRVNRKETFPGVTALFCKAHGFYPPEIYMTWMKNGEEIVQEIDYGDILPSGDGTYQ
AWASIELDPQSSNLYSCHVEHSGVHMVLQVP
;
A,C
2 'polypeptide(L)'
;MIQRTPKIQVYSRHPAENGKSNFLNCYVSGFHPSDIEVDLLKNGERIEKVEHSDLSFSKDWSFYLLYYTEFTPTEKDEYA
CRVNHVTLSQPKIVKWDRDM
;
B,F
3 'polypeptide(L)'
;MGQNIDQPTEMTATEGAIVQINCTYQTSGFNGLFWYQQHAGEAPTFLSYNVLDGLEEKGRFSSFLSRSKGYSYLLLKELQ
MKDSASYLCAVKDSNYQLIWGAGTKLIIKPDIQNPDPAVYQLRDSKSSDKSVCLFTDFDSQTNVSQSKDSDVYITDKCVL
DMRSMDFKSNSAVAWSNKSDFACANAFNNSIIPEDTFFPSPESS
;
D,G
4 'polypeptide(L)'
;MNAGVTQTPKFQVLKTGQSMTLQCAQDMNHNSMYWYRQDPGMGLRLIYYSASEGTTDKGEVPNGYNVSRLNKREFSLRLE
SAAPSQTSVYFCASSVWTGEGSGELFFGEGSRLTVLEDLKNVFPPEVAVFEPSEAEISHTQKATLVCLATGFYPDHVELS
WWVNGKEVHSGVCTDPQPLKEQPALNDSRYALSSRLRVSATFWQNPRNHFRCQVQFYGLSENDEWTQDRAKPVTQIVSAE
AWGRAD
;
E,H
#
# COMPACT_ATOMS: atom_id res chain seq x y z
N MET A 1 -28.37 22.95 55.69
CA MET A 1 -28.53 23.63 54.41
C MET A 1 -30.02 23.76 54.06
N ARG A 2 -30.39 24.93 53.52
CA ARG A 2 -31.69 25.07 52.89
C ARG A 2 -31.78 24.15 51.67
N THR A 3 -32.98 24.03 51.11
CA THR A 3 -33.17 23.29 49.85
C THR A 3 -32.49 24.02 48.71
N HIS A 4 -31.82 23.27 47.84
CA HIS A 4 -31.18 23.84 46.67
C HIS A 4 -31.53 22.99 45.45
N SER A 5 -31.43 23.58 44.27
CA SER A 5 -31.73 22.85 43.05
C SER A 5 -30.76 23.21 41.94
N LEU A 6 -30.59 22.27 41.03
CA LEU A 6 -29.87 22.48 39.78
C LEU A 6 -30.81 22.13 38.65
N ARG A 7 -30.91 22.99 37.63
CA ARG A 7 -31.81 22.76 36.50
CA ARG A 7 -31.72 22.62 36.47
C ARG A 7 -31.16 23.26 35.21
N TYR A 8 -31.34 22.53 34.10
CA TYR A 8 -30.96 23.02 32.78
C TYR A 8 -32.17 23.05 31.88
N PHE A 9 -32.34 24.13 31.14
CA PHE A 9 -33.40 24.26 30.15
C PHE A 9 -32.82 24.27 28.74
N ARG A 10 -33.60 23.76 27.79
CA ARG A 10 -33.35 23.94 26.37
C ARG A 10 -34.59 24.53 25.72
N LEU A 11 -34.37 25.42 24.77
CA LEU A 11 -35.42 26.04 23.97
C LEU A 11 -35.05 25.93 22.49
N GLY A 12 -35.95 25.37 21.69
CA GLY A 12 -35.80 25.37 20.24
C GLY A 12 -36.97 26.10 19.60
N VAL A 13 -36.68 26.86 18.55
CA VAL A 13 -37.68 27.62 17.81
C VAL A 13 -37.53 27.25 16.34
N SER A 14 -38.64 26.87 15.69
CA SER A 14 -38.51 26.27 14.37
C SER A 14 -38.34 27.27 13.25
N ASP A 15 -38.92 28.47 13.36
CA ASP A 15 -38.80 29.48 12.30
C ASP A 15 -38.57 30.85 12.91
N PRO A 16 -37.42 31.04 13.58
CA PRO A 16 -37.22 32.27 14.35
C PRO A 16 -37.02 33.49 13.47
N ILE A 17 -37.37 34.65 14.04
CA ILE A 17 -37.07 35.93 13.43
C ILE A 17 -35.56 36.06 13.25
N HIS A 18 -35.15 36.81 12.22
CA HIS A 18 -33.74 36.99 11.91
C HIS A 18 -32.96 37.53 13.11
N GLY A 19 -31.79 36.93 13.37
CA GLY A 19 -30.97 37.28 14.51
C GLY A 19 -31.31 36.54 15.80
N VAL A 20 -32.53 36.05 15.93
CA VAL A 20 -32.99 35.40 17.16
C VAL A 20 -32.58 33.93 17.12
N PRO A 21 -31.99 33.38 18.19
CA PRO A 21 -31.39 32.04 18.09
C PRO A 21 -32.44 30.94 17.91
N GLU A 22 -32.11 29.97 17.08
CA GLU A 22 -33.01 28.83 17.01
C GLU A 22 -32.85 27.88 18.21
N PHE A 23 -31.79 28.01 19.00
CA PHE A 23 -31.54 27.14 20.14
C PHE A 23 -30.86 27.91 21.26
N ILE A 24 -31.37 27.77 22.49
CA ILE A 24 -30.77 28.36 23.69
C ILE A 24 -30.77 27.32 24.79
N SER A 25 -29.67 27.21 25.55
CA SER A 25 -29.69 26.33 26.73
C SER A 25 -29.04 27.03 27.92
N VAL A 26 -29.76 27.07 29.05
CA VAL A 26 -29.32 27.83 30.23
C VAL A 26 -29.46 26.94 31.46
N GLY A 27 -28.42 26.91 32.28
CA GLY A 27 -28.46 26.23 33.57
C GLY A 27 -28.69 27.20 34.73
N TYR A 28 -29.33 26.71 35.79
CA TYR A 28 -29.58 27.48 37.01
C TYR A 28 -29.21 26.69 38.26
N VAL A 29 -28.71 27.38 39.28
CA VAL A 29 -28.68 26.84 40.62
C VAL A 29 -29.56 27.74 41.46
N ASP A 30 -30.63 27.17 42.02
CA ASP A 30 -31.69 27.97 42.68
C ASP A 30 -32.16 29.00 41.66
N SER A 31 -32.20 30.29 42.01
CA SER A 31 -32.62 31.35 41.10
CA SER A 31 -32.65 31.28 41.03
C SER A 31 -31.49 31.89 40.23
N HIS A 32 -30.26 31.36 40.36
CA HIS A 32 -29.10 32.00 39.75
C HIS A 32 -28.75 31.32 38.43
N PRO A 33 -28.74 32.03 37.31
CA PRO A 33 -28.16 31.48 36.07
C PRO A 33 -26.68 31.16 36.30
N ILE A 34 -26.25 30.01 35.76
CA ILE A 34 -24.88 29.58 35.95
C ILE A 34 -24.18 29.37 34.61
N THR A 35 -24.92 28.98 33.57
CA THR A 35 -24.31 28.64 32.29
C THR A 35 -25.23 29.13 31.18
N THR A 36 -24.65 29.41 30.01
CA THR A 36 -25.48 29.74 28.86
C THR A 36 -24.80 29.24 27.59
N TYR A 37 -25.63 28.92 26.60
CA TYR A 37 -25.21 28.47 25.28
C TYR A 37 -26.32 28.88 24.30
N ASP A 38 -25.96 29.35 23.11
CA ASP A 38 -26.99 29.44 22.08
C ASP A 38 -26.40 29.17 20.70
N SER A 39 -27.29 29.09 19.72
CA SER A 39 -26.90 28.73 18.36
C SER A 39 -26.17 29.86 17.64
N VAL A 40 -26.14 31.07 18.20
CA VAL A 40 -25.39 32.17 17.62
C VAL A 40 -23.95 32.17 18.13
N THR A 41 -23.76 32.15 19.45
CA THR A 41 -22.39 32.09 19.99
C THR A 41 -21.76 30.73 19.76
N ARG A 42 -22.55 29.66 19.79
CA ARG A 42 -22.08 28.27 19.71
CA ARG A 42 -22.05 28.28 19.70
C ARG A 42 -21.01 27.98 20.76
N GLN A 43 -21.07 28.66 21.91
CA GLN A 43 -20.14 28.47 23.01
C GLN A 43 -20.89 28.37 24.32
N LYS A 44 -20.49 27.44 25.17
CA LYS A 44 -20.99 27.42 26.54
C LYS A 44 -20.17 28.41 27.37
N GLU A 45 -20.85 29.32 28.08
CA GLU A 45 -20.18 30.36 28.82
C GLU A 45 -20.76 30.48 30.22
N PRO A 46 -19.95 30.90 31.19
CA PRO A 46 -20.47 31.10 32.54
C PRO A 46 -21.38 32.31 32.62
N ARG A 47 -22.38 32.20 33.50
CA ARG A 47 -23.27 33.28 33.84
C ARG A 47 -23.16 33.68 35.30
N ALA A 48 -22.24 33.07 36.05
CA ALA A 48 -21.97 33.49 37.42
C ALA A 48 -20.45 33.50 37.60
N PRO A 49 -19.91 34.51 38.28
CA PRO A 49 -18.45 34.57 38.40
C PRO A 49 -17.86 33.41 39.17
N TRP A 50 -18.61 32.85 40.13
CA TRP A 50 -18.09 31.70 40.85
C TRP A 50 -18.11 30.42 40.01
N MET A 51 -18.79 30.42 38.86
CA MET A 51 -18.63 29.31 37.92
C MET A 51 -17.37 29.51 37.08
N ALA A 52 -17.17 30.72 36.55
CA ALA A 52 -15.98 30.99 35.76
C ALA A 52 -14.71 30.68 36.54
N GLU A 53 -14.71 31.02 37.83
CA GLU A 53 -13.54 30.95 38.69
C GLU A 53 -13.16 29.52 39.07
N ASN A 54 -14.08 28.57 38.94
CA ASN A 54 -13.89 27.23 39.49
C ASN A 54 -13.90 26.12 38.46
N LEU A 55 -14.27 26.40 37.22
CA LEU A 55 -14.31 25.39 36.17
C LEU A 55 -13.28 25.78 35.13
N ALA A 56 -12.30 24.89 34.91
CA ALA A 56 -11.18 25.15 34.02
C ALA A 56 -11.64 25.16 32.56
N PRO A 57 -10.84 25.73 31.66
CA PRO A 57 -11.24 25.77 30.24
C PRO A 57 -11.69 24.44 29.67
N ASP A 58 -11.12 23.31 30.12
CA ASP A 58 -11.49 22.01 29.58
C ASP A 58 -12.97 21.72 29.76
N HIS A 59 -13.55 22.21 30.86
CA HIS A 59 -14.97 22.01 31.11
C HIS A 59 -15.81 22.72 30.06
N TRP A 60 -15.55 24.02 29.83
CA TRP A 60 -16.33 24.78 28.86
C TRP A 60 -16.11 24.28 27.44
N GLU A 61 -14.88 23.87 27.13
CA GLU A 61 -14.60 23.32 25.79
C GLU A 61 -15.39 22.04 25.53
N ARG A 62 -15.39 21.12 26.50
CA ARG A 62 -16.05 19.84 26.29
C ARG A 62 -17.56 20.04 26.18
N TYR A 63 -18.15 20.79 27.11
CA TYR A 63 -19.59 20.92 27.03
C TYR A 63 -20.03 21.78 25.86
N THR A 64 -19.15 22.67 25.35
CA THR A 64 -19.46 23.35 24.10
C THR A 64 -19.69 22.35 22.96
N GLN A 65 -18.83 21.33 22.86
CA GLN A 65 -19.02 20.30 21.84
C GLN A 65 -20.31 19.53 22.06
N LEU A 66 -20.58 19.14 23.31
CA LEU A 66 -21.81 18.39 23.59
C LEU A 66 -23.04 19.22 23.25
N LEU A 67 -23.02 20.52 23.60
CA LEU A 67 -24.14 21.40 23.32
C LEU A 67 -24.34 21.62 21.82
N ARG A 68 -23.26 21.64 21.05
CA ARG A 68 -23.40 21.69 19.59
C ARG A 68 -24.13 20.45 19.09
N GLY A 69 -23.85 19.28 19.68
CA GLY A 69 -24.59 18.08 19.31
C GLY A 69 -26.02 18.11 19.83
N TRP A 70 -26.22 18.56 21.08
CA TRP A 70 -27.57 18.66 21.62
C TRP A 70 -28.41 19.65 20.84
N GLN A 71 -27.80 20.73 20.35
CA GLN A 71 -28.51 21.68 19.48
C GLN A 71 -29.08 21.00 18.25
N GLN A 72 -28.25 20.22 17.55
CA GLN A 72 -28.71 19.53 16.34
C GLN A 72 -29.83 18.53 16.67
N MET A 73 -29.66 17.78 17.76
CA MET A 73 -30.69 16.83 18.14
CA MET A 73 -30.69 16.82 18.16
C MET A 73 -32.01 17.51 18.44
N PHE A 74 -31.97 18.69 19.06
CA PHE A 74 -33.18 19.44 19.35
C PHE A 74 -33.87 19.87 18.07
N LYS A 75 -33.11 20.30 17.09
CA LYS A 75 -33.71 20.69 15.82
C LYS A 75 -34.43 19.51 15.18
N VAL A 76 -33.75 18.36 15.08
CA VAL A 76 -34.32 17.14 14.52
C VAL A 76 -35.59 16.74 15.27
N GLU A 77 -35.57 16.80 16.61
CA GLU A 77 -36.77 16.44 17.37
C GLU A 77 -37.93 17.40 17.11
N LEU A 78 -37.65 18.70 17.08
CA LEU A 78 -38.71 19.67 16.79
C LEU A 78 -39.26 19.49 15.38
N LYS A 79 -38.38 19.25 14.41
CA LYS A 79 -38.81 18.99 13.05
C LYS A 79 -39.79 17.83 13.02
N ARG A 80 -39.48 16.76 13.78
CA ARG A 80 -40.34 15.58 13.83
C ARG A 80 -41.69 15.88 14.48
N LEU A 81 -41.69 16.63 15.59
CA LEU A 81 -42.96 16.98 16.23
C LEU A 81 -43.85 17.80 15.31
N GLN A 82 -43.28 18.79 14.63
CA GLN A 82 -44.09 19.69 13.82
C GLN A 82 -44.61 18.97 12.57
N ARG A 83 -43.89 17.96 12.10
CA ARG A 83 -44.41 17.13 11.02
C ARG A 83 -45.60 16.29 11.51
N HIS A 84 -45.50 15.72 12.70
CA HIS A 84 -46.57 14.86 13.15
C HIS A 84 -47.79 15.64 13.63
N TYR A 85 -47.58 16.85 14.16
CA TYR A 85 -48.70 17.74 14.40
C TYR A 85 -49.25 18.33 13.12
N ASN A 86 -48.52 18.23 12.01
CA ASN A 86 -48.91 18.87 10.74
C ASN A 86 -49.10 20.38 10.93
N HIS A 87 -48.10 21.02 11.55
CA HIS A 87 -48.17 22.43 11.91
C HIS A 87 -47.29 23.28 11.00
N SER A 88 -47.83 24.42 10.57
CA SER A 88 -47.07 25.42 9.84
CA SER A 88 -47.07 25.42 9.84
C SER A 88 -46.63 26.53 10.78
N GLY A 89 -45.65 27.31 10.33
CA GLY A 89 -45.18 28.45 11.09
C GLY A 89 -44.15 28.07 12.13
N SER A 90 -43.94 29.01 13.05
CA SER A 90 -42.91 28.85 14.07
C SER A 90 -43.51 28.24 15.32
N HIS A 91 -42.85 27.21 15.83
CA HIS A 91 -43.28 26.53 17.04
C HIS A 91 -42.09 26.30 17.94
N THR A 92 -42.36 26.05 19.22
CA THR A 92 -41.29 25.94 20.21
C THR A 92 -41.25 24.53 20.80
N TYR A 93 -40.06 24.14 21.20
CA TYR A 93 -39.77 22.89 21.85
C TYR A 93 -38.93 23.23 23.08
N GLN A 94 -39.26 22.63 24.21
CA GLN A 94 -38.49 22.96 25.41
C GLN A 94 -38.24 21.71 26.22
N ARG A 95 -37.15 21.74 26.95
CA ARG A 95 -36.75 20.68 27.85
C ARG A 95 -36.34 21.30 29.17
N MET A 96 -36.63 20.60 30.25
CA MET A 96 -36.14 20.97 31.58
CA MET A 96 -36.12 20.97 31.57
C MET A 96 -35.72 19.70 32.30
N ILE A 97 -34.50 19.70 32.81
CA ILE A 97 -33.99 18.57 33.60
C ILE A 97 -33.38 19.14 34.86
N GLY A 98 -33.46 18.39 35.96
CA GLY A 98 -32.86 18.95 37.17
C GLY A 98 -33.11 18.06 38.37
N CYS A 99 -32.61 18.54 39.51
CA CYS A 99 -32.67 17.79 40.76
C CYS A 99 -32.71 18.79 41.91
N GLU A 100 -33.24 18.34 43.04
CA GLU A 100 -33.27 19.12 44.28
C GLU A 100 -32.62 18.31 45.38
N LEU A 101 -31.86 19.00 46.21
CA LEU A 101 -31.31 18.45 47.43
C LEU A 101 -32.05 19.15 48.57
N LEU A 102 -32.89 18.40 49.29
CA LEU A 102 -33.73 19.05 50.29
C LEU A 102 -33.00 19.19 51.62
N GLU A 103 -33.51 20.10 52.46
CA GLU A 103 -32.87 20.36 53.75
C GLU A 103 -32.67 19.08 54.55
N ASP A 104 -33.65 18.17 54.52
CA ASP A 104 -33.58 16.92 55.26
C ASP A 104 -32.70 15.86 54.59
N GLY A 105 -31.99 16.19 53.51
CA GLY A 105 -31.08 15.26 52.87
C GLY A 105 -31.66 14.42 51.75
N SER A 106 -32.99 14.37 51.63
CA SER A 106 -33.64 13.64 50.54
C SER A 106 -33.48 14.40 49.22
N THR A 107 -33.73 13.70 48.11
CA THR A 107 -33.52 14.28 46.79
C THR A 107 -34.76 14.10 45.92
N THR A 108 -34.88 14.96 44.92
CA THR A 108 -35.83 14.77 43.84
C THR A 108 -35.09 14.92 42.53
N GLY A 109 -35.71 14.43 41.46
CA GLY A 109 -35.12 14.50 40.14
C GLY A 109 -36.22 14.54 39.11
N PHE A 110 -36.07 15.32 38.04
CA PHE A 110 -37.17 15.49 37.10
C PHE A 110 -36.62 15.76 35.70
N LEU A 111 -37.40 15.35 34.70
CA LEU A 111 -37.09 15.60 33.29
C LEU A 111 -38.41 15.69 32.55
N GLN A 112 -38.57 16.73 31.74
CA GLN A 112 -39.80 16.84 30.99
C GLN A 112 -39.58 17.73 29.79
N TYR A 113 -40.54 17.68 28.86
CA TYR A 113 -40.50 18.35 27.58
C TYR A 113 -41.84 19.03 27.36
N ALA A 114 -41.81 20.11 26.57
CA ALA A 114 -43.00 20.86 26.22
C ALA A 114 -42.97 21.21 24.74
N TYR A 115 -44.15 21.25 24.14
CA TYR A 115 -44.34 21.74 22.79
C TYR A 115 -45.25 22.96 22.84
N ASP A 116 -44.80 24.08 22.27
CA ASP A 116 -45.54 25.36 22.35
C ASP A 116 -45.89 25.72 23.79
N GLY A 117 -44.93 25.50 24.68
CA GLY A 117 -45.10 25.90 26.06
C GLY A 117 -46.09 25.09 26.88
N GLN A 118 -46.53 23.94 26.39
CA GLN A 118 -47.41 23.06 27.13
C GLN A 118 -46.73 21.72 27.35
N ASP A 119 -46.92 21.13 28.53
CA ASP A 119 -46.38 19.79 28.81
C ASP A 119 -46.59 18.87 27.62
N PHE A 120 -45.55 18.10 27.29
CA PHE A 120 -45.61 17.21 26.15
C PHE A 120 -45.25 15.78 26.56
N LEU A 121 -44.11 15.62 27.25
CA LEU A 121 -43.66 14.34 27.77
C LEU A 121 -43.03 14.57 29.13
N ILE A 122 -43.37 13.71 30.10
CA ILE A 122 -42.88 13.84 31.46
C ILE A 122 -42.30 12.51 31.90
N PHE A 123 -41.04 12.52 32.32
CA PHE A 123 -40.34 11.30 32.70
C PHE A 123 -40.70 10.91 34.13
N ASN A 124 -40.94 9.63 34.34
CA ASN A 124 -41.08 9.05 35.67
C ASN A 124 -39.87 8.16 35.91
N LYS A 125 -38.94 8.59 36.78
CA LYS A 125 -37.71 7.83 36.95
C LYS A 125 -37.87 6.65 37.90
N ASP A 126 -39.04 6.48 38.50
CA ASP A 126 -39.26 5.30 39.34
C ASP A 126 -39.93 4.18 38.57
N THR A 127 -40.96 4.47 37.78
CA THR A 127 -41.53 3.45 36.91
C THR A 127 -40.77 3.32 35.60
N LEU A 128 -39.78 4.17 35.35
CA LEU A 128 -39.00 4.17 34.11
C LEU A 128 -39.92 4.18 32.90
N SER A 129 -40.64 5.28 32.77
CA SER A 129 -41.58 5.43 31.67
C SER A 129 -41.80 6.91 31.40
N TRP A 130 -42.41 7.18 30.26
CA TRP A 130 -42.72 8.53 29.82
C TRP A 130 -44.23 8.70 29.78
N LEU A 131 -44.73 9.78 30.40
CA LEU A 131 -46.15 10.11 30.33
CA LEU A 131 -46.14 10.13 30.34
C LEU A 131 -46.38 11.00 29.12
N ALA A 132 -47.27 10.57 28.23
CA ALA A 132 -47.59 11.29 27.01
C ALA A 132 -48.93 12.02 27.15
N VAL A 133 -48.98 13.29 26.71
CA VAL A 133 -50.20 14.09 26.86
C VAL A 133 -51.15 13.95 25.67
N ASP A 134 -50.68 13.47 24.52
CA ASP A 134 -51.54 13.33 23.35
C ASP A 134 -50.92 12.25 22.46
N ASN A 135 -51.48 12.06 21.27
CA ASN A 135 -51.04 10.95 20.45
CA ASN A 135 -51.05 10.95 20.44
C ASN A 135 -49.73 11.20 19.72
N VAL A 136 -49.34 12.45 19.52
CA VAL A 136 -48.01 12.72 19.00
C VAL A 136 -46.98 12.36 20.05
N ALA A 137 -47.21 12.80 21.29
CA ALA A 137 -46.36 12.40 22.40
C ALA A 137 -46.35 10.88 22.55
N HIS A 138 -47.50 10.24 22.35
CA HIS A 138 -47.58 8.79 22.51
C HIS A 138 -46.67 8.08 21.51
N THR A 139 -46.61 8.58 20.27
CA THR A 139 -45.68 7.99 19.30
C THR A 139 -44.24 8.12 19.77
N ILE A 140 -43.88 9.29 20.29
CA ILE A 140 -42.51 9.49 20.78
C ILE A 140 -42.25 8.61 22.00
N LYS A 141 -43.21 8.56 22.93
CA LYS A 141 -43.08 7.68 24.10
C LYS A 141 -42.72 6.26 23.68
N GLN A 142 -43.40 5.71 22.68
CA GLN A 142 -43.12 4.35 22.26
CA GLN A 142 -43.12 4.35 22.26
C GLN A 142 -41.69 4.20 21.78
N ALA A 143 -41.20 5.18 21.01
CA ALA A 143 -39.82 5.13 20.51
C ALA A 143 -38.81 5.27 21.64
N TRP A 144 -39.04 6.19 22.59
CA TRP A 144 -38.07 6.37 23.65
C TRP A 144 -38.07 5.20 24.61
N GLU A 145 -39.25 4.63 24.89
CA GLU A 145 -39.31 3.52 25.82
C GLU A 145 -38.75 2.25 25.21
N ALA A 146 -38.64 2.18 23.88
CA ALA A 146 -37.99 1.04 23.25
C ALA A 146 -36.51 1.01 23.57
N ASN A 147 -35.93 2.14 23.96
CA ASN A 147 -34.50 2.24 24.26
C ASN A 147 -34.33 2.24 25.78
N GLN A 148 -34.58 1.06 26.37
CA GLN A 148 -34.63 0.93 27.82
C GLN A 148 -33.34 1.37 28.48
N HIS A 149 -32.19 1.19 27.81
CA HIS A 149 -30.93 1.57 28.44
C HIS A 149 -30.83 3.07 28.67
N GLU A 150 -31.38 3.88 27.76
CA GLU A 150 -31.34 5.32 27.92
CA GLU A 150 -31.30 5.31 27.95
C GLU A 150 -32.21 5.77 29.10
N LEU A 151 -33.28 5.03 29.38
CA LEU A 151 -34.10 5.36 30.56
C LEU A 151 -33.31 5.12 31.84
N LEU A 152 -32.61 3.98 31.91
CA LEU A 152 -31.76 3.66 33.05
C LEU A 152 -30.65 4.69 33.21
N TYR A 153 -29.99 5.06 32.11
CA TYR A 153 -29.00 6.14 32.14
C TYR A 153 -29.59 7.42 32.73
N GLN A 154 -30.81 7.78 32.33
CA GLN A 154 -31.40 9.03 32.78
CA GLN A 154 -31.38 9.04 32.80
C GLN A 154 -31.71 8.96 34.28
N LYS A 155 -32.16 7.80 34.76
CA LYS A 155 -32.42 7.66 36.19
C LYS A 155 -31.13 7.83 36.97
N ASN A 156 -30.07 7.18 36.53
CA ASN A 156 -28.78 7.38 37.19
C ASN A 156 -28.35 8.83 37.12
N TRP A 157 -28.54 9.50 35.99
CA TRP A 157 -28.06 10.89 35.89
C TRP A 157 -28.82 11.76 36.88
N LEU A 158 -30.14 11.60 36.92
CA LEU A 158 -30.96 12.42 37.81
C LEU A 158 -30.65 12.15 39.26
N GLU A 159 -30.49 10.87 39.64
CA GLU A 159 -30.37 10.51 41.04
C GLU A 159 -28.95 10.64 41.59
N GLU A 160 -27.93 10.43 40.76
CA GLU A 160 -26.54 10.45 41.25
C GLU A 160 -25.75 11.61 40.65
N GLU A 161 -25.66 11.70 39.32
CA GLU A 161 -24.79 12.71 38.71
C GLU A 161 -25.29 14.13 39.00
N CYS A 162 -26.58 14.39 38.79
CA CYS A 162 -27.14 15.72 39.00
C CYS A 162 -26.89 16.21 40.43
N ILE A 163 -27.10 15.33 41.41
CA ILE A 163 -26.91 15.73 42.81
C ILE A 163 -25.44 16.03 43.07
N ALA A 164 -24.54 15.24 42.47
CA ALA A 164 -23.11 15.50 42.61
C ALA A 164 -22.72 16.84 42.01
N TRP A 165 -23.24 17.15 40.81
CA TRP A 165 -23.00 18.46 40.21
C TRP A 165 -23.50 19.57 41.12
N LEU A 166 -24.73 19.43 41.62
CA LEU A 166 -25.32 20.44 42.48
C LEU A 166 -24.45 20.70 43.70
N LYS A 167 -23.99 19.63 44.36
CA LYS A 167 -23.16 19.83 45.55
C LYS A 167 -21.85 20.51 45.20
N ARG A 168 -21.30 20.20 44.03
CA ARG A 168 -20.08 20.85 43.58
C ARG A 168 -20.31 22.33 43.32
N PHE A 169 -21.40 22.69 42.63
CA PHE A 169 -21.67 24.10 42.35
C PHE A 169 -22.06 24.85 43.62
N LEU A 170 -22.74 24.16 44.56
CA LEU A 170 -23.12 24.81 45.80
CA LEU A 170 -23.13 24.79 45.82
C LEU A 170 -21.90 25.25 46.60
N GLU A 171 -20.83 24.45 46.56
CA GLU A 171 -19.59 24.83 47.23
C GLU A 171 -18.90 25.97 46.50
N TYR A 172 -18.80 25.87 45.16
CA TYR A 172 -18.28 26.99 44.35
C TYR A 172 -18.98 28.30 44.71
N GLY A 173 -20.31 28.29 44.78
CA GLY A 173 -21.06 29.52 44.96
C GLY A 173 -21.50 29.81 46.38
N LYS A 174 -20.84 29.19 47.36
CA LYS A 174 -21.39 29.18 48.72
C LYS A 174 -21.55 30.59 49.30
N ASP A 175 -20.63 31.51 48.97
CA ASP A 175 -20.73 32.87 49.50
C ASP A 175 -21.97 33.59 49.01
N THR A 176 -22.46 33.24 47.82
CA THR A 176 -23.70 33.78 47.30
C THR A 176 -24.91 32.96 47.75
N LEU A 177 -24.85 31.64 47.52
CA LEU A 177 -26.03 30.77 47.64
C LEU A 177 -26.43 30.47 49.07
N GLN A 178 -25.47 30.46 50.00
CA GLN A 178 -25.76 30.05 51.37
C GLN A 178 -25.85 31.22 52.34
N ARG A 179 -25.72 32.44 51.87
CA ARG A 179 -25.84 33.61 52.74
C ARG A 179 -27.31 33.87 53.10
N THR A 180 -27.51 34.81 54.04
CA THR A 180 -28.86 35.23 54.43
C THR A 180 -28.84 36.74 54.58
N GLU A 181 -29.73 37.42 53.87
CA GLU A 181 -29.96 38.85 54.12
C GLU A 181 -31.40 39.01 54.58
N PRO A 182 -31.62 39.42 55.84
CA PRO A 182 -33.00 39.44 56.36
C PRO A 182 -33.82 40.56 55.73
N PRO A 183 -35.13 40.41 55.67
CA PRO A 183 -35.96 41.44 55.02
C PRO A 183 -36.14 42.64 55.92
N LEU A 184 -36.27 43.81 55.28
CA LEU A 184 -36.79 45.03 55.92
C LEU A 184 -38.28 45.11 55.59
N VAL A 185 -39.11 45.21 56.62
CA VAL A 185 -40.55 45.03 56.47
C VAL A 185 -41.25 46.25 57.06
N ARG A 186 -42.28 46.72 56.37
CA ARG A 186 -43.03 47.92 56.76
C ARG A 186 -44.48 47.73 56.34
N VAL A 187 -45.38 48.43 57.02
CA VAL A 187 -46.80 48.43 56.70
C VAL A 187 -47.22 49.86 56.37
N ASN A 188 -48.06 50.01 55.35
CA ASN A 188 -48.66 51.31 55.05
C ASN A 188 -50.08 51.12 54.53
N ARG A 189 -50.79 52.24 54.43
CA ARG A 189 -52.18 52.27 54.01
C ARG A 189 -52.31 52.87 52.62
N LYS A 190 -53.18 52.28 51.80
CA LYS A 190 -53.41 52.75 50.44
C LYS A 190 -54.81 52.39 49.96
N THR A 197 -59.49 51.23 50.72
CA THR A 197 -58.45 51.39 51.74
C THR A 197 -57.94 50.03 52.21
N ALA A 198 -56.65 49.78 51.98
CA ALA A 198 -56.06 48.47 52.26
C ALA A 198 -54.72 48.65 52.98
N LEU A 199 -54.37 47.64 53.77
CA LEU A 199 -53.08 47.59 54.43
C LEU A 199 -52.10 46.85 53.53
N PHE A 200 -50.98 47.48 53.20
CA PHE A 200 -49.93 46.83 52.42
C PHE A 200 -48.77 46.51 53.34
N CYS A 201 -48.38 45.25 53.37
CA CYS A 201 -47.18 44.79 54.05
C CYS A 201 -46.10 44.58 53.00
N LYS A 202 -44.97 45.29 53.13
CA LYS A 202 -43.94 45.29 52.11
C LYS A 202 -42.59 44.91 52.70
N ALA A 203 -41.90 43.99 52.04
CA ALA A 203 -40.57 43.52 52.45
C ALA A 203 -39.58 43.76 51.31
N HIS A 204 -38.35 44.18 51.64
CA HIS A 204 -37.33 44.27 50.61
C HIS A 204 -35.95 43.95 51.19
N GLY A 205 -34.97 43.83 50.31
CA GLY A 205 -33.60 43.62 50.74
C GLY A 205 -33.25 42.22 51.17
N PHE A 206 -34.08 41.20 50.88
CA PHE A 206 -33.85 39.88 51.46
C PHE A 206 -33.27 38.91 50.45
N TYR A 207 -32.56 37.91 50.99
CA TYR A 207 -31.98 36.79 50.27
C TYR A 207 -31.92 35.62 51.27
N PRO A 208 -32.32 34.41 50.88
CA PRO A 208 -32.76 33.97 49.56
C PRO A 208 -34.17 34.50 49.22
N PRO A 209 -34.63 34.30 47.96
CA PRO A 209 -35.94 34.83 47.57
C PRO A 209 -37.13 34.18 48.27
N GLU A 210 -36.98 32.96 48.79
CA GLU A 210 -38.11 32.28 49.43
C GLU A 210 -38.55 33.02 50.69
N ILE A 211 -39.80 33.46 50.72
CA ILE A 211 -40.34 34.23 51.84
C ILE A 211 -41.83 33.94 51.89
N TYR A 212 -42.40 34.01 53.09
CA TYR A 212 -43.84 33.89 53.22
C TYR A 212 -44.34 35.07 54.01
N MET A 213 -45.22 35.86 53.40
CA MET A 213 -45.87 36.98 54.02
C MET A 213 -47.37 36.74 53.99
N THR A 214 -48.06 37.08 55.09
CA THR A 214 -49.50 36.94 55.09
C THR A 214 -50.06 37.90 56.11
N TRP A 215 -51.38 38.02 56.10
CA TRP A 215 -52.09 38.87 57.05
C TRP A 215 -52.98 38.01 57.94
N MET A 216 -53.00 38.32 59.22
CA MET A 216 -53.93 37.72 60.15
C MET A 216 -54.89 38.79 60.62
N LYS A 217 -56.13 38.37 60.88
CA LYS A 217 -57.13 39.22 61.48
C LYS A 217 -57.56 38.54 62.78
N ASN A 218 -57.33 39.22 63.91
CA ASN A 218 -57.66 38.69 65.24
C ASN A 218 -57.05 37.30 65.44
N GLY A 219 -55.83 37.11 64.93
CA GLY A 219 -55.13 35.85 65.10
C GLY A 219 -55.54 34.74 64.18
N GLU A 220 -56.36 35.02 63.16
CA GLU A 220 -56.80 34.01 62.20
C GLU A 220 -56.40 34.43 60.80
N GLU A 221 -56.00 33.45 59.98
CA GLU A 221 -55.59 33.70 58.61
C GLU A 221 -56.70 33.27 57.66
N ILE A 222 -57.21 34.23 56.89
CA ILE A 222 -58.18 33.95 55.82
C ILE A 222 -57.44 34.21 54.52
N VAL A 223 -56.93 33.15 53.90
CA VAL A 223 -56.11 33.30 52.71
C VAL A 223 -56.93 33.81 51.53
N GLN A 224 -58.25 33.61 51.56
CA GLN A 224 -59.12 34.08 50.48
C GLN A 224 -59.26 35.59 50.46
N GLU A 225 -59.00 36.26 51.58
CA GLU A 225 -59.14 37.71 51.65
C GLU A 225 -57.82 38.46 51.41
N ILE A 226 -56.73 37.76 51.13
CA ILE A 226 -55.41 38.36 51.02
C ILE A 226 -55.00 38.40 49.55
N ASP A 227 -54.40 39.52 49.14
CA ASP A 227 -53.79 39.64 47.82
C ASP A 227 -52.28 39.49 47.98
N TYR A 228 -51.74 38.44 47.37
CA TYR A 228 -50.32 38.10 47.51
C TYR A 228 -49.56 38.63 46.30
N GLY A 229 -48.62 39.55 46.55
CA GLY A 229 -47.72 40.00 45.49
C GLY A 229 -46.60 39.01 45.22
N ASP A 230 -46.03 39.11 44.03
CA ASP A 230 -44.97 38.20 43.63
C ASP A 230 -43.64 38.57 44.31
N ILE A 231 -42.79 37.57 44.48
CA ILE A 231 -41.42 37.82 44.91
C ILE A 231 -40.63 38.28 43.69
N LEU A 232 -40.07 39.49 43.78
CA LEU A 232 -39.50 40.12 42.59
C LEU A 232 -38.04 40.50 42.80
N PRO A 233 -37.21 40.37 41.76
CA PRO A 233 -35.80 40.79 41.88
C PRO A 233 -35.68 42.30 41.93
N SER A 234 -34.87 42.78 42.87
CA SER A 234 -34.64 44.21 43.01
C SER A 234 -33.54 44.70 42.11
N GLY A 235 -32.69 43.80 41.62
CA GLY A 235 -31.60 44.11 40.71
C GLY A 235 -30.23 44.02 41.33
N ASP A 236 -30.14 44.03 42.66
CA ASP A 236 -28.86 44.07 43.36
C ASP A 236 -28.51 42.72 44.00
N GLY A 237 -29.18 41.66 43.58
CA GLY A 237 -29.02 40.36 44.20
C GLY A 237 -30.05 40.04 45.27
N THR A 238 -30.83 41.02 45.73
CA THR A 238 -31.86 40.82 46.73
C THR A 238 -33.23 40.93 46.10
N TYR A 239 -34.26 40.69 46.92
CA TYR A 239 -35.64 40.52 46.45
C TYR A 239 -36.57 41.38 47.30
N GLN A 240 -37.79 41.54 46.79
CA GLN A 240 -38.83 42.30 47.47
C GLN A 240 -40.17 41.62 47.21
N ALA A 241 -41.11 41.84 48.12
CA ALA A 241 -42.43 41.24 47.99
C ALA A 241 -43.41 42.05 48.85
N TRP A 242 -44.70 41.76 48.66
CA TRP A 242 -45.71 42.49 49.40
C TRP A 242 -46.96 41.62 49.49
N ALA A 243 -47.85 41.98 50.42
CA ALA A 243 -49.17 41.39 50.53
C ALA A 243 -50.10 42.45 51.11
N SER A 244 -51.37 42.41 50.71
CA SER A 244 -52.33 43.43 51.13
C SER A 244 -53.61 42.78 51.62
N ILE A 245 -54.34 43.52 52.46
CA ILE A 245 -55.65 43.09 52.93
C ILE A 245 -56.52 44.34 53.04
N GLU A 246 -57.81 44.17 52.77
CA GLU A 246 -58.76 45.28 52.75
C GLU A 246 -59.32 45.52 54.14
N LEU A 247 -59.46 46.80 54.50
CA LEU A 247 -59.89 47.18 55.83
C LEU A 247 -61.41 47.20 55.94
N ASP A 248 -61.93 46.59 57.00
CA ASP A 248 -63.36 46.57 57.25
C ASP A 248 -63.74 47.82 58.04
N PRO A 249 -64.48 48.77 57.45
CA PRO A 249 -64.74 50.03 58.14
C PRO A 249 -65.86 49.94 59.16
N GLN A 250 -66.54 48.78 59.27
CA GLN A 250 -67.70 48.65 60.13
C GLN A 250 -67.38 48.04 61.49
N SER A 251 -66.25 47.34 61.61
CA SER A 251 -65.81 46.80 62.89
C SER A 251 -64.31 46.95 62.99
N SER A 252 -63.83 47.20 64.21
CA SER A 252 -62.39 47.22 64.44
C SER A 252 -61.86 45.80 64.49
N ASN A 253 -60.67 45.61 63.97
CA ASN A 253 -60.02 44.32 64.00
C ASN A 253 -58.53 44.51 64.24
N LEU A 254 -57.93 43.54 64.90
CA LEU A 254 -56.49 43.51 65.09
C LEU A 254 -55.89 42.89 63.83
N TYR A 255 -55.21 43.70 63.01
CA TYR A 255 -54.52 43.21 61.81
C TYR A 255 -53.02 43.14 62.09
N SER A 256 -52.40 42.07 61.62
CA SER A 256 -50.96 41.89 61.83
C SER A 256 -50.38 41.25 60.59
N CYS A 257 -49.22 41.75 60.18
CA CYS A 257 -48.48 41.16 59.07
C CYS A 257 -47.48 40.16 59.63
N HIS A 258 -47.45 38.97 59.02
CA HIS A 258 -46.56 37.90 59.42
C HIS A 258 -45.64 37.59 58.27
N VAL A 259 -44.34 37.57 58.54
CA VAL A 259 -43.33 37.30 57.54
C VAL A 259 -42.43 36.19 58.07
N GLU A 260 -42.22 35.15 57.27
CA GLU A 260 -41.28 34.11 57.61
C GLU A 260 -40.20 34.07 56.55
N HIS A 261 -38.94 34.12 56.98
CA HIS A 261 -37.79 34.10 56.07
C HIS A 261 -36.64 33.40 56.77
N SER A 262 -36.13 32.34 56.16
CA SER A 262 -34.88 31.69 56.58
C SER A 262 -34.87 31.35 58.07
N GLY A 263 -35.97 30.79 58.56
CA GLY A 263 -36.05 30.32 59.94
C GLY A 263 -36.32 31.39 60.97
N VAL A 264 -36.69 32.61 60.57
CA VAL A 264 -37.03 33.69 61.49
C VAL A 264 -38.43 34.16 61.15
N HIS A 265 -39.28 34.33 62.18
CA HIS A 265 -40.64 34.80 62.00
CA HIS A 265 -40.63 34.80 61.99
C HIS A 265 -40.72 36.23 62.54
N MET A 266 -41.47 37.08 61.85
CA MET A 266 -41.64 38.47 62.23
CA MET A 266 -41.65 38.47 62.25
C MET A 266 -43.13 38.80 62.21
N VAL A 267 -43.57 39.60 63.18
CA VAL A 267 -44.95 40.05 63.28
C VAL A 267 -44.95 41.58 63.38
N LEU A 268 -45.75 42.23 62.53
CA LEU A 268 -45.98 43.67 62.62
C LEU A 268 -47.45 43.89 62.91
N GLN A 269 -47.76 44.35 64.12
CA GLN A 269 -49.14 44.64 64.50
C GLN A 269 -49.54 46.01 64.02
N VAL A 270 -50.72 46.13 63.43
CA VAL A 270 -51.18 47.44 62.98
C VAL A 270 -52.00 48.05 64.11
N PRO A 271 -51.71 49.28 64.54
CA PRO A 271 -52.44 49.90 65.64
C PRO A 271 -53.69 50.64 65.18
CA MET B 1 -51.75 27.05 20.20
C MET B 1 -52.11 28.02 21.32
N ILE B 2 -51.57 27.78 22.51
CA ILE B 2 -51.83 28.61 23.68
C ILE B 2 -50.68 29.60 23.83
N GLN B 3 -50.97 30.88 23.70
CA GLN B 3 -49.99 31.94 23.88
C GLN B 3 -50.34 32.70 25.16
N ARG B 4 -49.32 33.03 25.94
CA ARG B 4 -49.52 33.63 27.26
C ARG B 4 -48.98 35.05 27.29
N THR B 5 -49.83 35.98 27.74
CA THR B 5 -49.48 37.38 27.68
C THR B 5 -48.61 37.75 28.89
N PRO B 6 -47.71 38.73 28.73
CA PRO B 6 -46.79 39.05 29.81
C PRO B 6 -47.48 39.77 30.96
N LYS B 7 -47.15 39.33 32.17
CA LYS B 7 -47.40 40.14 33.36
C LYS B 7 -46.29 41.17 33.46
N ILE B 8 -46.65 42.40 33.84
CA ILE B 8 -45.74 43.53 33.74
C ILE B 8 -45.78 44.28 35.07
N GLN B 9 -44.65 44.36 35.76
CA GLN B 9 -44.61 45.03 37.05
C GLN B 9 -43.47 46.04 37.07
N VAL B 10 -43.79 47.28 37.48
CA VAL B 10 -42.85 48.39 37.46
C VAL B 10 -42.67 48.84 38.91
N TYR B 11 -41.41 48.96 39.34
CA TYR B 11 -41.13 49.20 40.75
C TYR B 11 -39.69 49.67 40.86
N SER B 12 -39.37 50.34 41.97
CA SER B 12 -38.01 50.78 42.22
C SER B 12 -37.26 49.72 43.02
N ARG B 13 -35.93 49.68 42.83
CA ARG B 13 -35.09 48.77 43.57
C ARG B 13 -35.24 48.99 45.08
N HIS B 14 -35.20 50.24 45.53
CA HIS B 14 -35.37 50.66 46.91
C HIS B 14 -36.64 51.52 47.03
N PRO B 15 -37.28 51.54 48.21
CA PRO B 15 -38.38 52.49 48.42
C PRO B 15 -37.99 53.89 47.97
N ALA B 16 -38.78 54.50 47.09
CA ALA B 16 -38.35 55.71 46.42
C ALA B 16 -38.42 56.91 47.36
N GLU B 17 -37.46 57.82 47.19
CA GLU B 17 -37.42 59.09 47.89
C GLU B 17 -36.90 60.12 46.90
N ASN B 18 -37.66 61.19 46.69
CA ASN B 18 -37.30 62.21 45.71
C ASN B 18 -35.91 62.76 45.99
N GLY B 19 -35.16 62.99 44.90
CA GLY B 19 -33.79 63.46 45.02
C GLY B 19 -32.77 62.41 45.41
N LYS B 20 -33.19 61.17 45.64
CA LYS B 20 -32.28 60.09 45.99
C LYS B 20 -32.15 59.13 44.81
N SER B 21 -30.91 58.81 44.45
CA SER B 21 -30.67 57.94 43.31
CA SER B 21 -30.68 57.95 43.30
C SER B 21 -31.24 56.55 43.56
N ASN B 22 -31.76 55.93 42.50
CA ASN B 22 -32.45 54.65 42.62
C ASN B 22 -32.32 53.91 41.28
N PHE B 23 -33.02 52.78 41.16
CA PHE B 23 -33.13 52.06 39.91
C PHE B 23 -34.61 51.80 39.65
N LEU B 24 -35.06 52.05 38.42
CA LEU B 24 -36.41 51.71 38.01
C LEU B 24 -36.38 50.36 37.31
N ASN B 25 -37.21 49.43 37.79
CA ASN B 25 -37.27 48.06 37.29
C ASN B 25 -38.58 47.81 36.54
N CYS B 26 -38.51 47.07 35.45
CA CYS B 26 -39.70 46.53 34.81
C CYS B 26 -39.48 45.03 34.67
N TYR B 27 -40.26 44.25 35.42
CA TYR B 27 -40.17 42.80 35.43
C TYR B 27 -41.32 42.25 34.61
N VAL B 28 -40.99 41.55 33.52
CA VAL B 28 -41.95 41.07 32.56
C VAL B 28 -41.87 39.55 32.59
N SER B 29 -42.99 38.88 32.89
CA SER B 29 -42.93 37.45 33.16
C SER B 29 -44.20 36.74 32.70
N GLY B 30 -44.12 35.41 32.69
CA GLY B 30 -45.24 34.56 32.40
C GLY B 30 -45.64 34.52 30.94
N PHE B 31 -44.83 35.05 30.03
CA PHE B 31 -45.22 35.13 28.63
C PHE B 31 -44.67 33.94 27.83
N HIS B 32 -45.35 33.64 26.73
CA HIS B 32 -44.95 32.62 25.76
C HIS B 32 -45.59 32.94 24.42
N PRO B 33 -44.86 32.88 23.29
CA PRO B 33 -43.45 32.50 23.12
C PRO B 33 -42.50 33.63 23.53
N SER B 34 -41.21 33.50 23.21
CA SER B 34 -40.18 34.28 23.92
C SER B 34 -39.89 35.66 23.33
N ASP B 35 -40.28 35.93 22.08
CA ASP B 35 -39.99 37.24 21.49
C ASP B 35 -40.80 38.33 22.20
N ILE B 36 -40.12 39.41 22.59
CA ILE B 36 -40.80 40.47 23.33
C ILE B 36 -40.00 41.75 23.18
N GLU B 37 -40.70 42.87 23.24
CA GLU B 37 -40.08 44.20 23.16
C GLU B 37 -40.45 44.98 24.41
N VAL B 38 -39.44 45.54 25.08
CA VAL B 38 -39.64 46.25 26.34
C VAL B 38 -38.88 47.56 26.31
N ASP B 39 -39.58 48.67 26.56
CA ASP B 39 -38.99 49.99 26.73
C ASP B 39 -39.41 50.58 28.07
N LEU B 40 -38.50 51.29 28.71
CA LEU B 40 -38.85 52.14 29.84
C LEU B 40 -39.04 53.56 29.34
N LEU B 41 -40.05 54.24 29.88
CA LEU B 41 -40.38 55.60 29.47
C LEU B 41 -40.21 56.56 30.63
N LYS B 42 -39.73 57.77 30.32
CA LYS B 42 -39.73 58.89 31.25
C LYS B 42 -40.58 59.99 30.63
N ASN B 43 -41.71 60.28 31.27
CA ASN B 43 -42.66 61.28 30.79
C ASN B 43 -43.14 60.96 29.37
N GLY B 44 -43.19 59.67 29.05
CA GLY B 44 -43.67 59.22 27.75
C GLY B 44 -42.61 59.07 26.68
N GLU B 45 -41.37 59.45 26.96
CA GLU B 45 -40.27 59.31 26.00
C GLU B 45 -39.40 58.13 26.39
N ARG B 46 -38.89 57.42 25.38
CA ARG B 46 -38.11 56.20 25.64
C ARG B 46 -36.76 56.55 26.26
N ILE B 47 -36.39 55.81 27.30
CA ILE B 47 -35.09 55.96 27.96
C ILE B 47 -34.07 55.14 27.18
N GLU B 48 -32.93 55.76 26.84
CA GLU B 48 -31.96 55.12 25.98
C GLU B 48 -31.06 54.16 26.75
N LYS B 49 -30.48 54.62 27.87
CA LYS B 49 -29.57 53.79 28.65
C LYS B 49 -30.40 52.88 29.56
N VAL B 50 -30.77 51.71 29.02
CA VAL B 50 -31.59 50.74 29.74
C VAL B 50 -30.97 49.37 29.55
N GLU B 51 -30.75 48.66 30.66
CA GLU B 51 -30.14 47.35 30.62
C GLU B 51 -31.19 46.27 30.89
N HIS B 52 -30.81 45.03 30.61
CA HIS B 52 -31.77 43.96 30.89
C HIS B 52 -31.03 42.65 31.09
N SER B 53 -31.63 41.78 31.89
CA SER B 53 -31.13 40.44 32.11
C SER B 53 -31.26 39.62 30.83
N ASP B 54 -30.50 38.54 30.75
CA ASP B 54 -30.74 37.53 29.73
C ASP B 54 -32.12 36.93 29.93
N LEU B 55 -32.73 36.51 28.82
CA LEU B 55 -33.99 35.76 28.86
C LEU B 55 -33.89 34.62 29.87
N SER B 56 -34.94 34.43 30.67
CA SER B 56 -34.90 33.46 31.74
C SER B 56 -36.09 32.52 31.60
N PHE B 57 -35.92 31.31 32.14
CA PHE B 57 -36.85 30.21 31.91
C PHE B 57 -37.54 29.82 33.21
N SER B 58 -38.87 29.73 33.17
CA SER B 58 -39.66 29.28 34.31
C SER B 58 -40.06 27.83 34.15
N LYS B 59 -40.30 27.17 35.29
CA LYS B 59 -40.61 25.75 35.27
C LYS B 59 -41.94 25.46 34.57
N ASP B 60 -42.85 26.44 34.50
CA ASP B 60 -44.12 26.26 33.80
C ASP B 60 -44.00 26.55 32.31
N TRP B 61 -42.77 26.71 31.82
CA TRP B 61 -42.37 26.84 30.42
C TRP B 61 -42.47 28.29 29.93
N SER B 62 -42.96 29.23 30.75
CA SER B 62 -42.98 30.63 30.33
C SER B 62 -41.60 31.27 30.58
N PHE B 63 -41.47 32.52 30.16
CA PHE B 63 -40.20 33.24 30.20
C PHE B 63 -40.35 34.50 31.04
N TYR B 64 -39.22 35.02 31.49
CA TYR B 64 -39.22 36.29 32.21
C TYR B 64 -37.92 37.03 31.95
N LEU B 65 -37.97 38.33 32.21
CA LEU B 65 -36.90 39.28 31.94
C LEU B 65 -37.04 40.44 32.91
N LEU B 66 -35.91 41.02 33.29
CA LEU B 66 -35.88 42.24 34.09
C LEU B 66 -35.19 43.33 33.28
N TYR B 67 -35.90 44.44 33.07
CA TYR B 67 -35.37 45.64 32.46
C TYR B 67 -35.22 46.71 33.54
N TYR B 68 -34.13 47.45 33.50
CA TYR B 68 -33.85 48.39 34.58
C TYR B 68 -32.98 49.55 34.08
N THR B 69 -33.13 50.69 34.74
CA THR B 69 -32.28 51.82 34.46
C THR B 69 -32.09 52.59 35.75
N GLU B 70 -30.94 53.25 35.87
CA GLU B 70 -30.68 54.10 37.01
C GLU B 70 -31.45 55.41 36.86
N PHE B 71 -32.00 55.91 37.98
CA PHE B 71 -32.72 57.17 37.91
C PHE B 71 -32.83 57.79 39.29
N THR B 72 -33.10 59.09 39.29
CA THR B 72 -33.37 59.84 40.52
C THR B 72 -34.81 60.35 40.43
N PRO B 73 -35.74 59.78 41.20
CA PRO B 73 -37.14 60.22 41.07
C PRO B 73 -37.33 61.64 41.56
N THR B 74 -38.21 62.36 40.89
CA THR B 74 -38.67 63.68 41.32
C THR B 74 -40.19 63.65 41.39
N GLU B 75 -40.76 64.71 41.96
CA GLU B 75 -42.20 64.81 42.04
C GLU B 75 -42.83 64.89 40.67
N LYS B 76 -42.17 65.58 39.73
CA LYS B 76 -42.77 65.91 38.44
C LYS B 76 -42.64 64.76 37.44
N ASP B 77 -41.53 64.03 37.47
CA ASP B 77 -41.25 63.06 36.40
C ASP B 77 -42.13 61.82 36.54
N GLU B 78 -42.78 61.44 35.44
CA GLU B 78 -43.56 60.21 35.36
C GLU B 78 -42.79 59.15 34.59
N TYR B 79 -42.89 57.90 35.04
CA TYR B 79 -42.16 56.79 34.45
C TYR B 79 -43.11 55.65 34.12
N ALA B 80 -42.73 54.84 33.12
CA ALA B 80 -43.60 53.78 32.66
C ALA B 80 -42.78 52.71 31.93
N CYS B 81 -43.43 51.58 31.70
CA CYS B 81 -42.84 50.46 30.97
C CYS B 81 -43.77 50.10 29.82
N ARG B 82 -43.24 50.09 28.61
CA ARG B 82 -44.00 49.77 27.42
C ARG B 82 -43.55 48.42 26.88
N VAL B 83 -44.50 47.51 26.68
CA VAL B 83 -44.20 46.12 26.32
C VAL B 83 -45.03 45.74 25.10
N ASN B 84 -44.39 45.14 24.11
CA ASN B 84 -45.09 44.54 23.00
C ASN B 84 -44.76 43.06 22.91
N HIS B 85 -45.77 42.27 22.56
CA HIS B 85 -45.68 40.81 22.51
C HIS B 85 -46.73 40.35 21.51
N VAL B 86 -46.55 39.13 20.98
CA VAL B 86 -47.47 38.65 19.96
C VAL B 86 -48.90 38.62 20.49
N THR B 87 -49.07 38.45 21.80
CA THR B 87 -50.39 38.42 22.42
C THR B 87 -51.01 39.80 22.59
N LEU B 88 -50.34 40.87 22.16
CA LEU B 88 -50.84 42.24 22.31
C LEU B 88 -51.08 42.85 20.95
N SER B 89 -52.26 43.45 20.77
CA SER B 89 -52.59 44.12 19.50
C SER B 89 -51.84 45.43 19.36
N GLN B 90 -51.64 46.13 20.47
CA GLN B 90 -50.87 47.37 20.51
C GLN B 90 -49.99 47.30 21.75
N PRO B 91 -48.91 48.08 21.79
CA PRO B 91 -48.04 48.08 22.97
C PRO B 91 -48.83 48.40 24.23
N LYS B 92 -48.49 47.72 25.31
CA LYS B 92 -49.14 47.95 26.60
C LYS B 92 -48.20 48.76 27.50
N ILE B 93 -48.76 49.77 28.15
CA ILE B 93 -48.00 50.68 28.99
C ILE B 93 -48.47 50.52 30.43
N VAL B 94 -47.53 50.31 31.35
CA VAL B 94 -47.80 50.20 32.78
C VAL B 94 -47.00 51.30 33.48
N LYS B 95 -47.70 52.24 34.10
CA LYS B 95 -47.04 53.36 34.74
C LYS B 95 -46.49 52.95 36.10
N TRP B 96 -45.39 53.60 36.51
CA TRP B 96 -44.81 53.37 37.82
C TRP B 96 -45.65 54.07 38.87
N ASP B 97 -46.25 53.28 39.78
CA ASP B 97 -47.12 53.80 40.82
C ASP B 97 -46.37 53.79 42.15
N ARG B 98 -46.01 54.97 42.63
CA ARG B 98 -45.27 55.09 43.89
C ARG B 98 -46.18 55.58 45.02
N MET C 1 -11.42 -16.31 -15.53
CA MET C 1 -10.67 -17.15 -16.46
C MET C 1 -10.01 -18.30 -15.70
N ARG C 2 -9.76 -19.41 -16.36
CA ARG C 2 -9.08 -20.50 -15.70
C ARG C 2 -7.59 -20.16 -15.57
N THR C 3 -6.87 -20.97 -14.80
CA THR C 3 -5.43 -20.79 -14.68
CA THR C 3 -5.43 -20.78 -14.69
C THR C 3 -4.75 -21.20 -15.98
N HIS C 4 -3.69 -20.48 -16.34
CA HIS C 4 -2.89 -20.78 -17.53
C HIS C 4 -1.42 -20.59 -17.19
N SER C 5 -0.55 -21.25 -17.97
CA SER C 5 0.88 -21.18 -17.70
C SER C 5 1.67 -21.16 -19.00
N LEU C 6 2.84 -20.53 -18.95
CA LEU C 6 3.81 -20.56 -20.03
C LEU C 6 5.10 -21.13 -19.47
N ARG C 7 5.71 -22.08 -20.17
CA ARG C 7 6.95 -22.71 -19.70
CA ARG C 7 7.01 -22.56 -19.70
C ARG C 7 7.85 -22.96 -20.90
N TYR C 8 9.16 -22.84 -20.71
CA TYR C 8 10.14 -23.27 -21.71
C TYR C 8 11.12 -24.22 -21.04
N PHE C 9 11.42 -25.33 -21.69
CA PHE C 9 12.42 -26.28 -21.22
C PHE C 9 13.65 -26.25 -22.11
N ARG C 10 14.82 -26.49 -21.52
CA ARG C 10 16.02 -26.82 -22.29
C ARG C 10 16.54 -28.18 -21.84
N LEU C 11 17.02 -28.97 -22.80
CA LEU C 11 17.66 -30.24 -22.51
C LEU C 11 18.98 -30.29 -23.27
N GLY C 12 20.07 -30.51 -22.53
CA GLY C 12 21.39 -30.73 -23.12
C GLY C 12 21.83 -32.15 -22.80
N VAL C 13 22.48 -32.79 -23.78
CA VAL C 13 22.97 -34.15 -23.60
C VAL C 13 24.40 -34.15 -24.11
N SER C 14 25.32 -34.59 -23.26
CA SER C 14 26.72 -34.67 -23.67
C SER C 14 26.94 -36.02 -24.33
N ASP C 15 27.85 -36.05 -25.30
CA ASP C 15 28.20 -37.26 -26.02
C ASP C 15 26.96 -38.05 -26.43
N PRO C 16 25.99 -37.42 -27.11
CA PRO C 16 24.75 -38.14 -27.39
C PRO C 16 24.98 -39.30 -28.33
N ILE C 17 24.26 -40.41 -28.10
CA ILE C 17 24.34 -41.51 -29.05
C ILE C 17 23.60 -41.11 -30.31
N HIS C 18 23.80 -41.90 -31.37
CA HIS C 18 23.21 -41.61 -32.67
C HIS C 18 21.70 -41.41 -32.55
N GLY C 19 21.22 -40.30 -33.12
CA GLY C 19 19.80 -40.00 -33.14
C GLY C 19 19.32 -39.00 -32.11
N VAL C 20 20.10 -38.72 -31.08
CA VAL C 20 19.67 -37.85 -29.98
C VAL C 20 20.36 -36.51 -30.13
N PRO C 21 19.62 -35.41 -30.23
CA PRO C 21 20.27 -34.10 -30.38
C PRO C 21 21.05 -33.72 -29.14
N GLU C 22 22.12 -32.96 -29.36
CA GLU C 22 22.87 -32.40 -28.24
C GLU C 22 22.02 -31.43 -27.43
N PHE C 23 21.05 -30.75 -28.06
CA PHE C 23 20.29 -29.71 -27.40
C PHE C 23 18.88 -29.63 -27.98
N ILE C 24 17.89 -29.53 -27.10
CA ILE C 24 16.49 -29.33 -27.46
C ILE C 24 15.91 -28.29 -26.52
N SER C 25 15.08 -27.37 -27.05
CA SER C 25 14.32 -26.43 -26.23
C SER C 25 12.90 -26.33 -26.77
N VAL C 26 11.91 -26.52 -25.89
CA VAL C 26 10.50 -26.53 -26.28
C VAL C 26 9.72 -25.62 -25.34
N GLY C 27 8.80 -24.83 -25.89
CA GLY C 27 7.89 -24.00 -25.13
C GLY C 27 6.49 -24.60 -25.14
N TYR C 28 5.75 -24.36 -24.05
CA TYR C 28 4.39 -24.83 -23.83
C TYR C 28 3.53 -23.72 -23.29
N VAL C 29 2.27 -23.69 -23.73
CA VAL C 29 1.19 -23.02 -23.00
C VAL C 29 0.26 -24.11 -22.48
N ASP C 30 0.08 -24.16 -21.16
CA ASP C 30 -0.67 -25.27 -20.52
C ASP C 30 -0.06 -26.58 -21.05
N SER C 31 -0.86 -27.50 -21.55
CA SER C 31 -0.33 -28.77 -22.06
C SER C 31 0.13 -28.69 -23.52
N HIS C 32 0.00 -27.53 -24.17
CA HIS C 32 0.18 -27.50 -25.63
C HIS C 32 1.58 -27.06 -25.99
N PRO C 33 2.34 -27.83 -26.78
CA PRO C 33 3.60 -27.32 -27.32
C PRO C 33 3.35 -26.11 -28.21
N ILE C 34 4.18 -25.07 -28.06
CA ILE C 34 4.01 -23.90 -28.92
C ILE C 34 5.24 -23.64 -29.79
N THR C 35 6.43 -24.04 -29.34
CA THR C 35 7.67 -23.73 -30.04
C THR C 35 8.66 -24.87 -29.87
N THR C 36 9.58 -24.99 -30.84
CA THR C 36 10.61 -26.01 -30.74
C THR C 36 11.89 -25.55 -31.43
N TYR C 37 13.01 -26.07 -30.94
CA TYR C 37 14.35 -25.75 -31.42
C TYR C 37 15.25 -26.92 -31.05
N ASP C 38 16.14 -27.33 -31.95
CA ASP C 38 17.13 -28.29 -31.53
C ASP C 38 18.41 -28.09 -32.33
N SER C 39 19.47 -28.77 -31.87
CA SER C 39 20.82 -28.62 -32.40
C SER C 39 20.97 -29.23 -33.77
N VAL C 40 19.94 -29.90 -34.29
CA VAL C 40 19.97 -30.44 -35.66
C VAL C 40 19.33 -29.48 -36.65
N THR C 41 18.10 -29.01 -36.36
CA THR C 41 17.48 -28.03 -37.23
C THR C 41 18.16 -26.68 -37.13
N ARG C 42 18.63 -26.33 -35.92
CA ARG C 42 19.17 -25.02 -35.59
C ARG C 42 18.21 -23.88 -35.92
N GLN C 43 16.90 -24.18 -35.89
CA GLN C 43 15.83 -23.21 -36.18
C GLN C 43 14.75 -23.28 -35.11
N LYS C 44 14.27 -22.11 -34.67
CA LYS C 44 13.05 -22.07 -33.86
C LYS C 44 11.83 -22.12 -34.78
N GLU C 45 10.92 -23.05 -34.51
CA GLU C 45 9.73 -23.31 -35.34
C GLU C 45 8.49 -23.38 -34.46
N PRO C 46 7.32 -23.01 -35.01
CA PRO C 46 6.07 -23.18 -34.24
C PRO C 46 5.68 -24.63 -34.10
N ARG C 47 5.00 -24.93 -32.99
CA ARG C 47 4.39 -26.23 -32.77
C ARG C 47 2.88 -26.12 -32.63
N ALA C 48 2.32 -24.94 -32.90
CA ALA C 48 0.88 -24.74 -32.88
C ALA C 48 0.54 -23.83 -34.05
N PRO C 49 -0.51 -24.14 -34.81
CA PRO C 49 -0.89 -23.27 -35.93
C PRO C 49 -1.16 -21.83 -35.54
N TRP C 50 -1.74 -21.59 -34.36
CA TRP C 50 -2.03 -20.23 -33.94
C TRP C 50 -0.79 -19.47 -33.48
N MET C 51 0.33 -20.15 -33.28
CA MET C 51 1.61 -19.46 -33.15
C MET C 51 2.14 -19.02 -34.52
N ALA C 52 2.12 -19.94 -35.49
CA ALA C 52 2.61 -19.64 -36.83
C ALA C 52 1.88 -18.47 -37.44
N GLU C 53 0.55 -18.42 -37.32
CA GLU C 53 -0.20 -17.40 -38.03
C GLU C 53 -0.20 -16.05 -37.33
N ASN C 54 0.30 -15.95 -36.08
CA ASN C 54 0.29 -14.67 -35.39
C ASN C 54 1.66 -14.07 -35.11
N LEU C 55 2.75 -14.80 -35.31
CA LEU C 55 4.09 -14.26 -35.08
C LEU C 55 4.83 -14.22 -36.41
N ALA C 56 5.26 -13.01 -36.79
CA ALA C 56 5.92 -12.78 -38.06
C ALA C 56 7.28 -13.49 -38.13
N PRO C 57 7.86 -13.63 -39.32
CA PRO C 57 9.19 -14.26 -39.41
C PRO C 57 10.27 -13.57 -38.58
N ASP C 58 10.18 -12.25 -38.40
CA ASP C 58 11.16 -11.54 -37.57
C ASP C 58 11.28 -12.16 -36.18
N HIS C 59 10.16 -12.67 -35.63
CA HIS C 59 10.20 -13.32 -34.33
C HIS C 59 11.04 -14.60 -34.39
N TRP C 60 10.70 -15.50 -35.31
CA TRP C 60 11.40 -16.79 -35.38
C TRP C 60 12.86 -16.61 -35.73
N GLU C 61 13.17 -15.61 -36.57
CA GLU C 61 14.56 -15.36 -36.95
C GLU C 61 15.36 -14.85 -35.76
N ARG C 62 14.78 -13.93 -34.99
CA ARG C 62 15.46 -13.36 -33.84
CA ARG C 62 15.48 -13.36 -33.84
C ARG C 62 15.74 -14.44 -32.79
N TYR C 63 14.72 -15.19 -32.41
CA TYR C 63 14.91 -16.20 -31.38
C TYR C 63 15.72 -17.40 -31.87
N THR C 64 15.73 -17.66 -33.18
CA THR C 64 16.65 -18.67 -33.69
C THR C 64 18.08 -18.33 -33.30
N GLN C 65 18.48 -17.07 -33.46
CA GLN C 65 19.85 -16.67 -33.10
C GLN C 65 20.07 -16.76 -31.59
N LEU C 66 19.12 -16.28 -30.80
CA LEU C 66 19.23 -16.43 -29.35
C LEU C 66 19.40 -17.89 -28.93
N LEU C 67 18.61 -18.78 -29.54
CA LEU C 67 18.68 -20.20 -29.20
C LEU C 67 20.01 -20.82 -29.59
N ARG C 68 20.59 -20.39 -30.71
CA ARG C 68 21.92 -20.86 -31.05
C ARG C 68 22.92 -20.45 -29.98
N GLY C 69 22.73 -19.26 -29.41
CA GLY C 69 23.59 -18.84 -28.29
C GLY C 69 23.31 -19.63 -27.03
N TRP C 70 22.03 -19.75 -26.65
CA TRP C 70 21.65 -20.55 -25.49
C TRP C 70 22.13 -22.00 -25.61
N GLN C 71 22.08 -22.55 -26.83
CA GLN C 71 22.60 -23.90 -27.04
C GLN C 71 24.07 -24.00 -26.65
N GLN C 72 24.89 -23.04 -27.11
CA GLN C 72 26.31 -23.08 -26.79
C GLN C 72 26.54 -22.88 -25.30
N MET C 73 25.77 -21.98 -24.68
CA MET C 73 25.87 -21.81 -23.23
CA MET C 73 25.87 -21.81 -23.23
C MET C 73 25.58 -23.11 -22.50
N PHE C 74 24.55 -23.84 -22.94
CA PHE C 74 24.22 -25.10 -22.30
CA PHE C 74 24.22 -25.10 -22.30
C PHE C 74 25.34 -26.11 -22.46
N LYS C 75 25.98 -26.12 -23.63
CA LYS C 75 27.06 -27.05 -23.88
C LYS C 75 28.21 -26.83 -22.90
N VAL C 76 28.62 -25.57 -22.71
CA VAL C 76 29.76 -25.32 -21.83
C VAL C 76 29.36 -25.45 -20.35
N GLU C 77 28.12 -25.07 -20.00
CA GLU C 77 27.69 -25.25 -18.62
C GLU C 77 27.70 -26.72 -18.23
N LEU C 78 27.29 -27.60 -19.15
CA LEU C 78 27.28 -29.02 -18.83
C LEU C 78 28.70 -29.59 -18.75
N LYS C 79 29.61 -29.10 -19.63
CA LYS C 79 31.01 -29.49 -19.50
C LYS C 79 31.59 -29.11 -18.15
N ARG C 80 31.25 -27.92 -17.65
CA ARG C 80 31.76 -27.48 -16.36
C ARG C 80 31.17 -28.29 -15.21
N LEU C 81 29.89 -28.64 -15.30
CA LEU C 81 29.28 -29.49 -14.29
C LEU C 81 29.95 -30.87 -14.25
N GLN C 82 30.18 -31.48 -15.41
CA GLN C 82 30.82 -32.79 -15.40
C GLN C 82 32.22 -32.70 -14.80
N ARG C 83 32.93 -31.60 -15.05
CA ARG C 83 34.25 -31.44 -14.47
C ARG C 83 34.17 -31.29 -12.95
N HIS C 84 33.22 -30.48 -12.45
CA HIS C 84 32.99 -30.38 -11.02
C HIS C 84 32.71 -31.74 -10.39
N TYR C 85 31.91 -32.57 -11.06
CA TYR C 85 31.56 -33.89 -10.52
C TYR C 85 32.60 -34.96 -10.83
N ASN C 86 33.61 -34.66 -11.63
CA ASN C 86 34.52 -35.66 -12.18
C ASN C 86 33.74 -36.80 -12.85
N HIS C 87 32.87 -36.42 -13.78
CA HIS C 87 32.01 -37.35 -14.50
C HIS C 87 32.43 -37.44 -15.96
N SER C 88 32.53 -38.65 -16.47
CA SER C 88 32.72 -38.90 -17.89
C SER C 88 31.47 -39.54 -18.47
N GLY C 89 31.46 -39.74 -19.78
CA GLY C 89 30.31 -40.33 -20.42
C GLY C 89 29.19 -39.32 -20.61
N SER C 90 28.02 -39.85 -20.92
CA SER C 90 26.89 -39.00 -21.30
C SER C 90 26.08 -38.60 -20.07
N HIS C 91 25.86 -37.30 -19.93
CA HIS C 91 25.05 -36.77 -18.84
C HIS C 91 24.08 -35.76 -19.41
N THR C 92 23.06 -35.39 -18.61
CA THR C 92 22.02 -34.50 -19.10
C THR C 92 21.93 -33.27 -18.20
N TYR C 93 21.55 -32.18 -18.82
CA TYR C 93 21.38 -30.89 -18.16
C TYR C 93 20.03 -30.36 -18.60
N GLN C 94 19.24 -29.83 -17.65
CA GLN C 94 17.89 -29.40 -17.99
C GLN C 94 17.61 -28.09 -17.28
N ARG C 95 16.80 -27.27 -17.94
CA ARG C 95 16.32 -26.01 -17.39
C ARG C 95 14.81 -25.92 -17.62
N MET C 96 14.08 -25.36 -16.67
CA MET C 96 12.68 -25.08 -16.88
C MET C 96 12.43 -23.68 -16.33
N ILE C 97 11.85 -22.80 -17.14
CA ILE C 97 11.47 -21.46 -16.70
C ILE C 97 10.00 -21.24 -17.05
N GLY C 98 9.29 -20.44 -16.27
CA GLY C 98 7.92 -20.22 -16.66
C GLY C 98 7.15 -19.42 -15.63
N CYS C 99 5.88 -19.24 -15.94
CA CYS C 99 5.02 -18.42 -15.08
C CYS C 99 3.60 -18.93 -15.20
N GLU C 100 2.79 -18.62 -14.19
CA GLU C 100 1.38 -18.95 -14.21
C GLU C 100 0.59 -17.69 -13.92
N LEU C 101 -0.54 -17.55 -14.59
CA LEU C 101 -1.53 -16.51 -14.32
C LEU C 101 -2.73 -17.23 -13.72
N LEU C 102 -2.97 -17.03 -12.42
CA LEU C 102 -3.94 -17.84 -11.69
C LEU C 102 -5.34 -17.26 -11.83
N GLU C 103 -6.32 -18.09 -11.47
CA GLU C 103 -7.74 -17.74 -11.59
C GLU C 103 -8.03 -16.40 -10.94
N ASP C 104 -7.54 -16.20 -9.71
CA ASP C 104 -7.80 -14.95 -9.01
C ASP C 104 -7.00 -13.79 -9.59
N GLY C 105 -6.13 -14.02 -10.57
CA GLY C 105 -5.36 -12.95 -11.18
C GLY C 105 -3.97 -12.76 -10.62
N SER C 106 -3.63 -13.47 -9.55
CA SER C 106 -2.28 -13.44 -9.05
CA SER C 106 -2.27 -13.46 -9.05
C SER C 106 -1.35 -14.25 -9.98
N THR C 107 -0.05 -14.20 -9.68
CA THR C 107 0.93 -14.79 -10.60
C THR C 107 1.97 -15.58 -9.82
N THR C 108 2.58 -16.54 -10.51
CA THR C 108 3.73 -17.26 -9.97
C THR C 108 4.78 -17.30 -11.08
N GLY C 109 6.03 -17.50 -10.67
CA GLY C 109 7.13 -17.60 -11.62
C GLY C 109 8.16 -18.56 -11.06
N PHE C 110 8.85 -19.28 -11.96
CA PHE C 110 9.76 -20.30 -11.48
C PHE C 110 10.89 -20.46 -12.49
N LEU C 111 12.05 -20.86 -11.99
CA LEU C 111 13.21 -21.09 -12.82
C LEU C 111 14.06 -22.12 -12.09
N GLN C 112 14.39 -23.23 -12.75
CA GLN C 112 14.99 -24.37 -12.08
C GLN C 112 15.91 -25.07 -13.08
N TYR C 113 16.97 -25.67 -12.55
CA TYR C 113 17.89 -26.49 -13.32
C TYR C 113 17.97 -27.88 -12.71
N ALA C 114 18.23 -28.87 -13.56
CA ALA C 114 18.44 -30.24 -13.13
C ALA C 114 19.68 -30.80 -13.81
N TYR C 115 20.36 -31.71 -13.11
CA TYR C 115 21.51 -32.45 -13.64
C TYR C 115 21.21 -33.93 -13.52
N ASP C 116 21.35 -34.66 -14.64
CA ASP C 116 20.98 -36.08 -14.73
C ASP C 116 19.57 -36.35 -14.19
N GLY C 117 18.65 -35.44 -14.49
CA GLY C 117 17.25 -35.63 -14.18
C GLY C 117 16.85 -35.33 -12.75
N GLN C 118 17.76 -34.80 -11.93
CA GLN C 118 17.48 -34.51 -10.54
C GLN C 118 17.65 -33.02 -10.26
N ASP C 119 16.83 -32.48 -9.35
CA ASP C 119 16.93 -31.07 -8.96
C ASP C 119 18.37 -30.70 -8.65
N PHE C 120 18.77 -29.52 -9.13
CA PHE C 120 20.16 -29.07 -8.98
C PHE C 120 20.18 -27.68 -8.37
N LEU C 121 19.52 -26.72 -9.04
CA LEU C 121 19.42 -25.34 -8.56
C LEU C 121 18.01 -24.81 -8.77
N ILE C 122 17.45 -24.12 -7.75
CA ILE C 122 16.11 -23.59 -7.78
C ILE C 122 16.18 -22.09 -7.46
N PHE C 123 15.69 -21.26 -8.36
CA PHE C 123 15.75 -19.80 -8.18
C PHE C 123 14.64 -19.34 -7.24
N ASN C 124 14.99 -18.44 -6.33
CA ASN C 124 14.05 -17.82 -5.37
C ASN C 124 13.97 -16.36 -5.78
N LYS C 125 12.90 -15.99 -6.49
CA LYS C 125 12.83 -14.63 -6.99
C LYS C 125 12.42 -13.64 -5.92
N ASP C 126 12.06 -14.13 -4.73
CA ASP C 126 11.65 -13.26 -3.63
C ASP C 126 12.83 -12.82 -2.77
N THR C 127 13.91 -13.61 -2.72
CA THR C 127 15.14 -13.19 -2.07
C THR C 127 16.31 -13.04 -3.04
N LEU C 128 16.09 -13.25 -4.34
CA LEU C 128 17.14 -13.17 -5.35
C LEU C 128 18.30 -14.07 -5.00
N SER C 129 17.99 -15.34 -4.79
CA SER C 129 19.02 -16.31 -4.44
C SER C 129 18.70 -17.64 -5.09
N TRP C 130 19.72 -18.46 -5.15
CA TRP C 130 19.62 -19.78 -5.75
C TRP C 130 19.75 -20.82 -4.65
N LEU C 131 18.79 -21.74 -4.61
CA LEU C 131 18.86 -22.88 -3.69
C LEU C 131 19.62 -24.03 -4.34
N ALA C 132 20.71 -24.49 -3.70
CA ALA C 132 21.61 -25.51 -4.23
C ALA C 132 21.42 -26.82 -3.49
N VAL C 133 21.46 -27.95 -4.22
CA VAL C 133 21.25 -29.25 -3.58
C VAL C 133 22.50 -29.89 -3.00
N ASP C 134 23.69 -29.52 -3.46
CA ASP C 134 24.92 -30.13 -2.97
C ASP C 134 26.06 -29.14 -3.17
N ASN C 135 27.29 -29.58 -2.89
CA ASN C 135 28.43 -28.66 -2.95
C ASN C 135 28.71 -28.20 -4.38
N VAL C 136 28.48 -29.05 -5.39
CA VAL C 136 28.72 -28.59 -6.75
C VAL C 136 27.73 -27.49 -7.11
N ALA C 137 26.44 -27.71 -6.80
CA ALA C 137 25.46 -26.66 -7.04
C ALA C 137 25.76 -25.42 -6.21
N HIS C 138 26.34 -25.59 -5.01
CA HIS C 138 26.72 -24.43 -4.20
C HIS C 138 27.79 -23.59 -4.91
N THR C 139 28.72 -24.25 -5.60
CA THR C 139 29.75 -23.51 -6.34
C THR C 139 29.12 -22.69 -7.45
N ILE C 140 28.17 -23.27 -8.16
CA ILE C 140 27.48 -22.54 -9.22
C ILE C 140 26.63 -21.42 -8.64
N LYS C 141 25.91 -21.71 -7.53
CA LYS C 141 25.15 -20.68 -6.82
C LYS C 141 26.00 -19.44 -6.54
N GLN C 142 27.22 -19.64 -6.05
CA GLN C 142 28.05 -18.49 -5.70
C GLN C 142 28.40 -17.67 -6.93
N ALA C 143 28.67 -18.33 -8.06
CA ALA C 143 28.96 -17.59 -9.27
C ALA C 143 27.76 -16.79 -9.72
N TRP C 144 26.59 -17.42 -9.75
CA TRP C 144 25.40 -16.76 -10.26
C TRP C 144 24.93 -15.64 -9.34
N GLU C 145 25.02 -15.83 -8.03
CA GLU C 145 24.55 -14.80 -7.09
C GLU C 145 25.45 -13.57 -7.06
N ALA C 146 26.68 -13.68 -7.55
CA ALA C 146 27.55 -12.52 -7.64
C ALA C 146 27.11 -11.54 -8.72
N ASN C 147 26.26 -11.95 -9.66
CA ASN C 147 25.77 -11.06 -10.71
C ASN C 147 24.40 -10.53 -10.32
N GLN C 148 24.42 -9.51 -9.46
CA GLN C 148 23.19 -8.95 -8.90
C GLN C 148 22.22 -8.50 -9.99
N HIS C 149 22.74 -7.83 -11.03
CA HIS C 149 21.86 -7.32 -12.09
C HIS C 149 21.18 -8.45 -12.86
N GLU C 150 21.87 -9.57 -13.12
CA GLU C 150 21.21 -10.66 -13.81
C GLU C 150 20.09 -11.26 -12.96
N LEU C 151 20.27 -11.28 -11.63
CA LEU C 151 19.18 -11.75 -10.78
C LEU C 151 17.96 -10.84 -10.89
N LEU C 152 18.19 -9.52 -10.89
CA LEU C 152 17.09 -8.58 -11.03
C LEU C 152 16.43 -8.72 -12.39
N TYR C 153 17.24 -8.89 -13.45
CA TYR C 153 16.70 -9.15 -14.78
C TYR C 153 15.81 -10.39 -14.77
N GLN C 154 16.24 -11.46 -14.12
CA GLN C 154 15.43 -12.68 -14.11
C GLN C 154 14.12 -12.46 -13.38
N LYS C 155 14.16 -11.72 -12.28
CA LYS C 155 12.93 -11.46 -11.55
C LYS C 155 11.95 -10.70 -12.43
N ASN C 156 12.44 -9.66 -13.10
CA ASN C 156 11.58 -8.93 -14.03
C ASN C 156 11.07 -9.82 -15.15
N TRP C 157 11.91 -10.72 -15.67
CA TRP C 157 11.43 -11.57 -16.76
C TRP C 157 10.31 -12.47 -16.27
N LEU C 158 10.49 -13.11 -15.10
CA LEU C 158 9.46 -14.00 -14.57
C LEU C 158 8.17 -13.25 -14.25
N GLU C 159 8.27 -12.05 -13.67
CA GLU C 159 7.07 -11.41 -13.12
C GLU C 159 6.34 -10.54 -14.13
N GLU C 160 7.06 -9.95 -15.09
CA GLU C 160 6.46 -9.05 -16.07
C GLU C 160 6.48 -9.62 -17.48
N GLU C 161 7.66 -9.92 -18.02
CA GLU C 161 7.78 -10.33 -19.42
C GLU C 161 7.05 -11.64 -19.67
N CYS C 162 7.27 -12.63 -18.80
CA CYS C 162 6.67 -13.93 -19.01
C CYS C 162 5.15 -13.84 -18.99
N ILE C 163 4.61 -13.05 -18.07
CA ILE C 163 3.16 -12.91 -18.02
C ILE C 163 2.62 -12.19 -19.26
N ALA C 164 3.34 -11.21 -19.77
CA ALA C 164 2.85 -10.53 -20.97
C ALA C 164 2.90 -11.44 -22.19
N TRP C 165 3.94 -12.27 -22.30
CA TRP C 165 3.98 -13.29 -23.34
C TRP C 165 2.79 -14.25 -23.21
N LEU C 166 2.55 -14.75 -22.01
CA LEU C 166 1.45 -15.69 -21.81
C LEU C 166 0.11 -15.08 -22.22
N LYS C 167 -0.18 -13.85 -21.78
CA LYS C 167 -1.43 -13.21 -22.17
C LYS C 167 -1.50 -13.06 -23.70
N ARG C 168 -0.37 -12.78 -24.31
CA ARG C 168 -0.31 -12.62 -25.76
C ARG C 168 -0.61 -13.95 -26.47
N PHE C 169 0.05 -15.02 -26.03
CA PHE C 169 -0.21 -16.35 -26.60
C PHE C 169 -1.61 -16.84 -26.29
N LEU C 170 -2.14 -16.52 -25.10
CA LEU C 170 -3.49 -16.93 -24.76
CA LEU C 170 -3.49 -16.91 -24.75
C LEU C 170 -4.51 -16.35 -25.74
N GLU C 171 -4.30 -15.11 -26.17
CA GLU C 171 -5.20 -14.51 -27.14
C GLU C 171 -5.04 -15.18 -28.50
N TYR C 172 -3.80 -15.33 -28.98
CA TYR C 172 -3.55 -16.04 -30.24
C TYR C 172 -4.28 -17.38 -30.25
N GLY C 173 -4.14 -18.15 -29.17
CA GLY C 173 -4.67 -19.50 -29.15
C GLY C 173 -6.03 -19.66 -28.52
N LYS C 174 -6.79 -18.57 -28.41
CA LYS C 174 -7.97 -18.56 -27.56
C LYS C 174 -8.99 -19.63 -27.96
N ASP C 175 -9.19 -19.84 -29.27
CA ASP C 175 -10.16 -20.83 -29.73
C ASP C 175 -9.82 -22.24 -29.26
N THR C 176 -8.55 -22.52 -29.00
CA THR C 176 -8.11 -23.80 -28.46
C THR C 176 -8.04 -23.77 -26.93
N LEU C 177 -7.30 -22.82 -26.38
CA LEU C 177 -6.94 -22.79 -24.96
C LEU C 177 -8.10 -22.41 -24.06
N GLN C 178 -9.08 -21.65 -24.56
CA GLN C 178 -10.15 -21.15 -23.71
C GLN C 178 -11.46 -21.86 -23.97
N ARG C 179 -11.46 -22.91 -24.78
CA ARG C 179 -12.67 -23.65 -25.06
C ARG C 179 -12.97 -24.64 -23.92
N THR C 180 -14.20 -25.14 -23.90
CA THR C 180 -14.59 -26.19 -22.98
C THR C 180 -15.25 -27.33 -23.75
N GLU C 181 -14.75 -28.54 -23.56
CA GLU C 181 -15.45 -29.73 -24.03
CA GLU C 181 -15.46 -29.72 -24.03
C GLU C 181 -15.82 -30.54 -22.80
N PRO C 182 -17.10 -30.64 -22.45
CA PRO C 182 -17.48 -31.28 -21.19
C PRO C 182 -17.26 -32.78 -21.25
N PRO C 183 -17.03 -33.43 -20.11
CA PRO C 183 -16.79 -34.88 -20.12
C PRO C 183 -18.05 -35.69 -20.37
N LEU C 184 -17.85 -36.82 -21.05
CA LEU C 184 -18.82 -37.91 -21.07
C LEU C 184 -18.44 -38.85 -19.95
N VAL C 185 -19.38 -39.11 -19.03
CA VAL C 185 -19.07 -39.88 -17.82
C VAL C 185 -20.06 -41.03 -17.68
N ARG C 186 -19.54 -42.19 -17.29
CA ARG C 186 -20.35 -43.37 -17.06
C ARG C 186 -19.81 -44.12 -15.85
N VAL C 187 -20.68 -44.84 -15.17
CA VAL C 187 -20.26 -45.73 -14.10
C VAL C 187 -20.52 -47.15 -14.53
N ASN C 188 -19.56 -48.02 -14.28
CA ASN C 188 -19.69 -49.43 -14.57
C ASN C 188 -19.56 -50.20 -13.27
N ARG C 189 -20.35 -51.27 -13.14
CA ARG C 189 -20.23 -52.15 -11.99
C ARG C 189 -20.07 -53.58 -12.48
N LYS C 190 -19.36 -54.37 -11.68
CA LYS C 190 -18.95 -55.70 -12.10
C LYS C 190 -18.47 -56.48 -10.88
N GLU C 191 -18.92 -57.73 -10.76
CA GLU C 191 -18.36 -58.62 -9.75
C GLU C 191 -17.03 -59.14 -10.28
N THR C 192 -15.98 -59.03 -9.50
CA THR C 192 -14.65 -59.36 -10.01
C THR C 192 -14.20 -60.69 -9.41
N PHE C 193 -13.40 -60.62 -8.34
CA PHE C 193 -13.08 -61.76 -7.51
C PHE C 193 -14.35 -62.13 -6.74
N PRO C 194 -14.64 -63.42 -6.53
CA PRO C 194 -15.91 -63.79 -5.90
C PRO C 194 -16.20 -62.99 -4.63
N GLY C 195 -17.35 -62.32 -4.60
CA GLY C 195 -17.76 -61.51 -3.46
C GLY C 195 -17.29 -60.09 -3.50
N VAL C 196 -16.59 -59.66 -4.55
CA VAL C 196 -16.01 -58.33 -4.65
C VAL C 196 -16.63 -57.62 -5.84
N THR C 197 -17.32 -56.51 -5.59
CA THR C 197 -17.94 -55.74 -6.64
C THR C 197 -17.15 -54.45 -6.84
N ALA C 198 -16.73 -54.21 -8.08
CA ALA C 198 -15.95 -53.03 -8.43
C ALA C 198 -16.83 -52.02 -9.15
N LEU C 199 -16.66 -50.74 -8.78
CA LEU C 199 -17.33 -49.63 -9.44
C LEU C 199 -16.28 -48.77 -10.13
N PHE C 200 -16.42 -48.58 -11.44
CA PHE C 200 -15.54 -47.71 -12.21
C PHE C 200 -16.33 -46.50 -12.69
N CYS C 201 -15.80 -45.31 -12.41
CA CYS C 201 -16.32 -44.05 -12.93
C CYS C 201 -15.36 -43.58 -14.01
N LYS C 202 -15.79 -43.54 -15.27
CA LYS C 202 -14.90 -43.28 -16.40
C LYS C 202 -15.34 -42.04 -17.14
N ALA C 203 -14.40 -41.13 -17.39
CA ALA C 203 -14.67 -39.88 -18.11
C ALA C 203 -13.80 -39.81 -19.35
N HIS C 204 -14.36 -39.26 -20.43
CA HIS C 204 -13.57 -39.05 -21.63
C HIS C 204 -14.19 -37.90 -22.43
N GLY C 205 -13.42 -37.44 -23.42
CA GLY C 205 -13.87 -36.41 -24.31
C GLY C 205 -13.74 -35.00 -23.77
N PHE C 206 -13.03 -34.80 -22.66
CA PHE C 206 -13.08 -33.50 -22.01
C PHE C 206 -11.83 -32.66 -22.30
N TYR C 207 -12.04 -31.34 -22.31
CA TYR C 207 -10.98 -30.34 -22.39
C TYR C 207 -11.48 -29.13 -21.61
N PRO C 208 -10.65 -28.52 -20.76
CA PRO C 208 -9.24 -28.79 -20.48
C PRO C 208 -9.01 -30.08 -19.69
N PRO C 209 -7.75 -30.51 -19.57
CA PRO C 209 -7.49 -31.79 -18.89
C PRO C 209 -7.79 -31.76 -17.40
N GLU C 210 -7.80 -30.59 -16.78
CA GLU C 210 -8.06 -30.49 -15.35
C GLU C 210 -9.48 -30.93 -15.03
N ILE C 211 -9.62 -31.92 -14.16
CA ILE C 211 -10.90 -32.51 -13.82
C ILE C 211 -10.78 -33.09 -12.41
N TYR C 212 -11.87 -33.05 -11.66
CA TYR C 212 -11.92 -33.64 -10.34
C TYR C 212 -12.93 -34.78 -10.34
N MET C 213 -12.50 -35.96 -9.91
CA MET C 213 -13.36 -37.14 -9.85
C MET C 213 -13.20 -37.75 -8.47
N THR C 214 -14.33 -38.11 -7.86
CA THR C 214 -14.23 -38.72 -6.54
C THR C 214 -15.47 -39.57 -6.32
N TRP C 215 -15.33 -40.52 -5.40
CA TRP C 215 -16.42 -41.39 -4.99
C TRP C 215 -16.90 -40.99 -3.60
N MET C 216 -18.21 -40.95 -3.41
CA MET C 216 -18.80 -40.66 -2.12
CA MET C 216 -18.81 -40.64 -2.13
C MET C 216 -19.76 -41.76 -1.73
N LYS C 217 -19.90 -41.97 -0.43
CA LYS C 217 -20.79 -42.98 0.13
C LYS C 217 -21.81 -42.27 0.99
N ASN C 218 -23.09 -42.50 0.71
CA ASN C 218 -24.19 -41.87 1.44
C ASN C 218 -24.06 -40.35 1.45
N GLY C 219 -23.39 -39.80 0.44
CA GLY C 219 -23.23 -38.36 0.33
C GLY C 219 -22.02 -37.77 1.04
N GLU C 220 -21.22 -38.58 1.73
CA GLU C 220 -20.03 -38.11 2.43
C GLU C 220 -18.77 -38.78 1.87
N GLU C 221 -17.62 -38.24 2.28
CA GLU C 221 -16.32 -38.74 1.86
C GLU C 221 -16.21 -40.25 2.04
N ILE C 222 -15.53 -40.90 1.08
CA ILE C 222 -15.10 -42.28 1.26
C ILE C 222 -13.93 -42.32 2.23
N VAL C 223 -13.69 -43.50 2.81
CA VAL C 223 -12.43 -43.79 3.49
C VAL C 223 -11.78 -45.07 2.98
N GLN C 224 -12.45 -45.82 2.10
CA GLN C 224 -11.85 -47.01 1.52
C GLN C 224 -10.80 -46.61 0.48
N GLU C 225 -10.12 -47.62 -0.06
CA GLU C 225 -9.10 -47.39 -1.07
C GLU C 225 -9.76 -46.98 -2.39
N ILE C 226 -9.33 -45.86 -2.95
CA ILE C 226 -9.77 -45.41 -4.27
C ILE C 226 -8.58 -45.52 -5.21
N ASP C 227 -8.80 -46.12 -6.38
CA ASP C 227 -7.78 -46.16 -7.42
CA ASP C 227 -7.80 -46.19 -7.44
C ASP C 227 -8.10 -45.09 -8.46
N TYR C 228 -7.06 -44.42 -8.94
CA TYR C 228 -7.21 -43.34 -9.92
C TYR C 228 -6.51 -43.70 -11.22
N GLY C 229 -7.16 -43.40 -12.34
CA GLY C 229 -6.50 -43.46 -13.62
C GLY C 229 -5.84 -42.14 -13.93
N ASP C 230 -4.72 -42.20 -14.66
CA ASP C 230 -4.06 -40.99 -15.10
C ASP C 230 -4.96 -40.21 -16.04
N ILE C 231 -4.77 -38.89 -16.09
CA ILE C 231 -5.43 -38.07 -17.10
C ILE C 231 -4.62 -38.22 -18.39
N LEU C 232 -5.19 -38.88 -19.36
CA LEU C 232 -4.46 -39.29 -20.56
C LEU C 232 -4.98 -38.59 -21.80
N PRO C 233 -4.09 -38.18 -22.71
CA PRO C 233 -4.55 -37.61 -23.98
C PRO C 233 -5.14 -38.68 -24.87
N SER C 234 -6.30 -38.37 -25.47
CA SER C 234 -6.97 -39.33 -26.35
C SER C 234 -6.52 -39.20 -27.80
N GLY C 235 -5.72 -38.18 -28.13
CA GLY C 235 -5.18 -38.00 -29.46
C GLY C 235 -5.88 -36.95 -30.29
N ASP C 236 -7.10 -36.57 -29.90
CA ASP C 236 -7.92 -35.64 -30.65
C ASP C 236 -8.00 -34.26 -29.98
N GLY C 237 -7.12 -33.99 -29.02
CA GLY C 237 -7.19 -32.76 -28.26
C GLY C 237 -8.00 -32.84 -26.99
N THR C 238 -8.64 -33.97 -26.69
CA THR C 238 -9.38 -34.18 -25.45
C THR C 238 -8.66 -35.24 -24.62
N TYR C 239 -9.20 -35.49 -23.42
CA TYR C 239 -8.55 -36.31 -22.41
C TYR C 239 -9.55 -37.29 -21.81
N GLN C 240 -9.02 -38.30 -21.11
CA GLN C 240 -9.82 -39.31 -20.45
C GLN C 240 -9.20 -39.66 -19.11
N ALA C 241 -10.04 -40.09 -18.17
CA ALA C 241 -9.56 -40.46 -16.83
C ALA C 241 -10.63 -41.31 -16.17
N TRP C 242 -10.27 -41.91 -15.01
CA TRP C 242 -11.24 -42.72 -14.28
C TRP C 242 -10.86 -42.82 -12.82
N ALA C 243 -11.82 -43.26 -12.00
CA ALA C 243 -11.61 -43.54 -10.60
C ALA C 243 -12.45 -44.75 -10.22
N SER C 244 -11.91 -45.61 -9.34
CA SER C 244 -12.63 -46.83 -9.00
C SER C 244 -12.57 -47.12 -7.51
N ILE C 245 -13.59 -47.84 -7.04
CA ILE C 245 -13.70 -48.31 -5.66
C ILE C 245 -14.30 -49.71 -5.69
N GLU C 246 -14.38 -50.33 -4.51
CA GLU C 246 -15.10 -51.57 -4.29
C GLU C 246 -16.35 -51.28 -3.49
N LEU C 247 -17.49 -51.83 -3.93
CA LEU C 247 -18.74 -51.68 -3.20
C LEU C 247 -18.71 -52.59 -1.99
N ASP C 248 -18.97 -52.02 -0.81
CA ASP C 248 -18.93 -52.81 0.43
C ASP C 248 -20.14 -53.73 0.54
N ASN C 253 -23.48 -47.86 1.65
CA ASN C 253 -24.68 -48.42 1.04
C ASN C 253 -24.98 -47.77 -0.32
N LEU C 254 -25.12 -46.44 -0.36
CA LEU C 254 -25.45 -45.72 -1.58
C LEU C 254 -24.20 -44.96 -2.06
N TYR C 255 -23.68 -45.34 -3.23
CA TYR C 255 -22.43 -44.79 -3.75
C TYR C 255 -22.71 -43.85 -4.92
N SER C 256 -21.91 -42.78 -5.01
CA SER C 256 -22.04 -41.87 -6.13
C SER C 256 -20.67 -41.41 -6.60
N CYS C 257 -20.55 -41.20 -7.90
CA CYS C 257 -19.35 -40.64 -8.50
C CYS C 257 -19.59 -39.15 -8.73
N HIS C 258 -18.65 -38.32 -8.28
CA HIS C 258 -18.74 -36.88 -8.41
C HIS C 258 -17.64 -36.39 -9.34
N VAL C 259 -18.03 -35.63 -10.36
CA VAL C 259 -17.10 -35.09 -11.35
C VAL C 259 -17.29 -33.59 -11.42
N GLU C 260 -16.21 -32.84 -11.27
CA GLU C 260 -16.27 -31.40 -11.46
C GLU C 260 -15.35 -31.01 -12.61
N HIS C 261 -15.87 -30.24 -13.55
CA HIS C 261 -15.09 -29.88 -14.73
C HIS C 261 -15.53 -28.51 -15.20
N SER C 262 -14.58 -27.58 -15.25
CA SER C 262 -14.79 -26.22 -15.80
CA SER C 262 -14.82 -26.25 -15.83
C SER C 262 -16.08 -25.59 -15.27
N GLY C 263 -16.26 -25.63 -13.95
CA GLY C 263 -17.40 -24.97 -13.31
C GLY C 263 -18.73 -25.69 -13.38
N VAL C 264 -18.76 -26.96 -13.80
CA VAL C 264 -19.97 -27.77 -13.82
C VAL C 264 -19.73 -28.99 -12.94
N HIS C 265 -20.68 -29.28 -12.03
CA HIS C 265 -20.59 -30.48 -11.21
CA HIS C 265 -20.63 -30.45 -11.16
C HIS C 265 -21.57 -31.52 -11.72
N MET C 266 -21.15 -32.78 -11.64
CA MET C 266 -21.94 -33.88 -12.14
CA MET C 266 -21.92 -33.90 -12.15
C MET C 266 -21.94 -34.99 -11.10
N VAL C 267 -23.10 -35.59 -10.88
CA VAL C 267 -23.21 -36.70 -9.94
C VAL C 267 -23.82 -37.89 -10.67
N LEU C 268 -23.20 -39.06 -10.50
CA LEU C 268 -23.73 -40.30 -11.05
C LEU C 268 -23.95 -41.25 -9.88
N GLN C 269 -25.22 -41.51 -9.59
CA GLN C 269 -25.60 -42.35 -8.45
CA GLN C 269 -25.63 -42.34 -8.46
C GLN C 269 -25.69 -43.80 -8.89
N VAL C 270 -25.08 -44.69 -8.11
CA VAL C 270 -25.11 -46.12 -8.40
C VAL C 270 -26.39 -46.70 -7.81
N PRO C 271 -27.26 -47.33 -8.60
CA PRO C 271 -28.56 -47.85 -8.15
C PRO C 271 -28.43 -49.12 -7.29
N GLN D 3 8.76 1.40 -32.09
CA GLN D 3 9.51 1.50 -30.84
C GLN D 3 10.39 2.72 -30.85
N ASN D 4 10.49 3.39 -29.70
CA ASN D 4 10.99 4.75 -29.66
C ASN D 4 11.69 5.03 -28.33
N ILE D 5 12.82 5.73 -28.41
CA ILE D 5 13.60 6.16 -27.26
C ILE D 5 13.84 7.66 -27.43
N ASP D 6 13.52 8.44 -26.41
CA ASP D 6 13.64 9.89 -26.48
C ASP D 6 14.49 10.41 -25.34
N GLN D 7 15.53 11.18 -25.69
CA GLN D 7 16.32 11.90 -24.70
C GLN D 7 16.69 13.23 -25.34
N PRO D 8 16.90 14.28 -24.54
CA PRO D 8 17.21 15.60 -25.11
C PRO D 8 18.47 15.57 -25.98
N THR D 9 18.50 16.45 -26.98
CA THR D 9 19.66 16.48 -27.86
C THR D 9 20.88 16.99 -27.12
N GLU D 10 20.70 18.02 -26.30
CA GLU D 10 21.79 18.69 -25.63
C GLU D 10 21.30 19.23 -24.30
N MET D 11 22.20 19.24 -23.31
CA MET D 11 21.97 19.93 -22.05
C MET D 11 23.21 20.70 -21.66
N THR D 12 23.02 21.83 -20.99
CA THR D 12 24.12 22.62 -20.47
C THR D 12 23.86 22.91 -19.01
N ALA D 13 24.85 22.65 -18.16
CA ALA D 13 24.76 22.92 -16.73
C ALA D 13 26.09 23.48 -16.26
N THR D 14 26.09 24.00 -15.05
CA THR D 14 27.25 24.71 -14.54
C THR D 14 28.11 23.80 -13.68
N GLU D 15 29.42 23.96 -13.79
CA GLU D 15 30.38 23.18 -13.03
C GLU D 15 30.08 23.27 -11.54
N GLY D 16 30.16 22.13 -10.86
CA GLY D 16 29.85 22.03 -9.45
C GLY D 16 28.38 21.81 -9.14
N ALA D 17 27.50 21.94 -10.12
CA ALA D 17 26.07 21.81 -9.89
C ALA D 17 25.61 20.37 -10.18
N ILE D 18 24.33 20.21 -10.49
CA ILE D 18 23.69 18.92 -10.74
CA ILE D 18 23.72 18.90 -10.77
C ILE D 18 22.96 18.97 -12.08
N VAL D 19 22.90 17.83 -12.77
CA VAL D 19 22.12 17.75 -13.99
C VAL D 19 21.43 16.39 -14.05
N GLN D 20 20.19 16.38 -14.53
CA GLN D 20 19.38 15.18 -14.67
C GLN D 20 19.05 14.99 -16.14
N ILE D 21 19.51 13.87 -16.72
CA ILE D 21 19.27 13.57 -18.13
C ILE D 21 18.13 12.57 -18.24
N ASN D 22 17.02 12.99 -18.83
CA ASN D 22 15.85 12.13 -18.91
C ASN D 22 15.94 11.22 -20.14
N CYS D 23 15.27 10.06 -20.04
CA CYS D 23 15.15 9.13 -21.16
C CYS D 23 13.79 8.46 -21.04
N THR D 24 12.93 8.60 -22.04
CA THR D 24 11.65 7.91 -22.05
C THR D 24 11.62 6.93 -23.20
N TYR D 25 10.96 5.80 -23.00
CA TYR D 25 10.99 4.77 -24.03
C TYR D 25 9.59 4.20 -24.21
N GLN D 26 9.28 3.83 -25.45
CA GLN D 26 8.04 3.13 -25.78
C GLN D 26 8.50 1.90 -26.58
N THR D 27 8.56 0.75 -25.92
CA THR D 27 9.08 -0.43 -26.57
C THR D 27 8.07 -1.55 -26.46
N SER D 28 8.24 -2.54 -27.33
CA SER D 28 7.48 -3.78 -27.23
C SER D 28 8.24 -4.68 -26.26
N GLY D 29 7.87 -4.60 -24.98
CA GLY D 29 8.52 -5.36 -23.93
C GLY D 29 9.73 -4.65 -23.37
N PHE D 30 10.25 -5.18 -22.27
CA PHE D 30 11.30 -4.49 -21.54
C PHE D 30 12.16 -5.50 -20.79
N ASN D 31 13.46 -5.50 -21.07
CA ASN D 31 14.42 -6.34 -20.36
C ASN D 31 15.57 -5.53 -19.78
N GLY D 32 15.38 -4.22 -19.60
CA GLY D 32 16.40 -3.41 -18.96
C GLY D 32 16.76 -2.17 -19.74
N LEU D 33 17.28 -1.18 -19.03
CA LEU D 33 17.63 0.11 -19.61
C LEU D 33 19.09 0.39 -19.26
N PHE D 34 19.87 0.81 -20.26
CA PHE D 34 21.29 1.06 -20.11
C PHE D 34 21.60 2.53 -20.31
N TRP D 35 22.60 3.02 -19.58
CA TRP D 35 23.24 4.28 -19.89
C TRP D 35 24.70 4.03 -20.23
N TYR D 36 25.17 4.72 -21.28
CA TYR D 36 26.57 4.70 -21.71
C TYR D 36 27.08 6.14 -21.77
N GLN D 37 28.36 6.32 -21.47
CA GLN D 37 29.04 7.59 -21.64
C GLN D 37 29.95 7.52 -22.87
N GLN D 38 29.93 8.58 -23.69
CA GLN D 38 30.78 8.60 -24.88
C GLN D 38 31.43 9.98 -25.00
N HIS D 39 32.70 10.07 -24.62
CA HIS D 39 33.46 11.29 -24.85
C HIS D 39 33.70 11.50 -26.34
N ALA D 40 33.88 12.77 -26.71
CA ALA D 40 34.05 13.12 -28.11
C ALA D 40 35.24 12.38 -28.71
N GLY D 41 35.02 11.77 -29.87
CA GLY D 41 36.05 11.00 -30.54
C GLY D 41 36.39 9.67 -29.93
N GLU D 42 35.71 9.26 -28.85
CA GLU D 42 36.02 8.01 -28.14
C GLU D 42 34.85 7.03 -28.23
N ALA D 43 35.07 5.82 -27.68
CA ALA D 43 34.07 4.77 -27.66
C ALA D 43 33.09 4.96 -26.51
N PRO D 44 31.83 4.54 -26.67
CA PRO D 44 30.93 4.48 -25.52
C PRO D 44 31.44 3.48 -24.49
N THR D 45 31.19 3.80 -23.21
CA THR D 45 31.51 2.91 -22.11
C THR D 45 30.30 2.80 -21.18
N PHE D 46 30.08 1.60 -20.66
CA PHE D 46 28.93 1.31 -19.83
C PHE D 46 28.95 2.16 -18.56
N LEU D 47 27.81 2.76 -18.23
CA LEU D 47 27.61 3.47 -16.96
C LEU D 47 26.69 2.72 -16.01
N SER D 48 25.54 2.24 -16.49
CA SER D 48 24.55 1.72 -15.55
C SER D 48 23.55 0.81 -16.26
N TYR D 49 22.91 -0.04 -15.47
CA TYR D 49 21.80 -0.88 -15.91
C TYR D 49 20.72 -0.84 -14.85
N ASN D 50 19.47 -0.62 -15.28
CA ASN D 50 18.32 -0.70 -14.39
C ASN D 50 17.27 -1.57 -15.05
N VAL D 51 16.56 -2.39 -14.26
CA VAL D 51 15.49 -3.20 -14.83
C VAL D 51 14.30 -3.29 -13.88
N LEU D 52 14.52 -3.12 -12.58
CA LEU D 52 13.41 -2.95 -11.65
C LEU D 52 13.39 -1.50 -11.15
N ASP D 53 12.32 -1.15 -10.43
CA ASP D 53 12.14 0.25 -10.04
C ASP D 53 13.08 0.62 -8.92
N GLY D 54 13.70 1.79 -9.04
CA GLY D 54 14.53 2.32 -7.97
C GLY D 54 15.63 3.19 -8.52
N LEU D 55 16.52 3.57 -7.61
CA LEU D 55 17.63 4.48 -7.88
C LEU D 55 18.90 3.77 -7.45
N GLU D 56 19.86 3.66 -8.36
CA GLU D 56 21.14 3.05 -8.06
C GLU D 56 22.24 4.10 -8.21
N GLU D 57 23.05 4.25 -7.18
CA GLU D 57 24.10 5.27 -7.14
C GLU D 57 25.47 4.61 -7.34
N LYS D 58 26.29 5.22 -8.19
CA LYS D 58 27.66 4.77 -8.47
C LYS D 58 28.56 6.01 -8.48
N GLY D 59 29.14 6.34 -7.34
CA GLY D 59 29.93 7.55 -7.27
C GLY D 59 29.05 8.77 -7.40
N ARG D 60 29.41 9.70 -8.28
CA ARG D 60 28.63 10.90 -8.50
C ARG D 60 27.45 10.67 -9.42
N PHE D 61 27.31 9.47 -9.98
CA PHE D 61 26.30 9.16 -10.98
C PHE D 61 25.23 8.27 -10.36
N SER D 62 23.97 8.63 -10.55
CA SER D 62 22.84 7.81 -10.11
C SER D 62 21.97 7.54 -11.33
N SER D 63 21.36 6.35 -11.37
CA SER D 63 20.44 6.01 -12.43
CA SER D 63 20.44 6.01 -12.43
C SER D 63 19.13 5.53 -11.83
N PHE D 64 18.04 6.09 -12.31
CA PHE D 64 16.69 5.88 -11.82
C PHE D 64 15.85 5.21 -12.89
N LEU D 65 14.93 4.34 -12.48
CA LEU D 65 13.99 3.75 -13.42
C LEU D 65 12.59 3.68 -12.81
N SER D 66 11.60 4.05 -13.62
CA SER D 66 10.20 3.76 -13.32
C SER D 66 9.63 2.98 -14.49
N ARG D 67 9.37 1.68 -14.27
CA ARG D 67 8.83 0.85 -15.35
C ARG D 67 7.42 1.28 -15.72
N SER D 68 6.64 1.74 -14.73
CA SER D 68 5.25 2.10 -14.97
C SER D 68 5.14 3.31 -15.90
N LYS D 69 6.05 4.27 -15.76
CA LYS D 69 6.07 5.46 -16.59
C LYS D 69 6.96 5.32 -17.83
N GLY D 70 7.71 4.22 -17.97
CA GLY D 70 8.62 4.07 -19.10
C GLY D 70 9.63 5.19 -19.14
N TYR D 71 10.31 5.39 -18.02
CA TYR D 71 11.08 6.59 -17.80
C TYR D 71 12.33 6.27 -16.97
N SER D 72 13.46 6.83 -17.37
CA SER D 72 14.68 6.74 -16.58
C SER D 72 15.35 8.10 -16.57
N TYR D 73 16.16 8.38 -15.55
CA TYR D 73 17.07 9.50 -15.67
C TYR D 73 18.47 9.10 -15.20
N LEU D 74 19.46 9.79 -15.74
CA LEU D 74 20.83 9.73 -15.25
C LEU D 74 21.13 11.04 -14.50
N LEU D 75 21.51 10.92 -13.24
CA LEU D 75 21.74 12.08 -12.38
C LEU D 75 23.23 12.23 -12.12
N LEU D 76 23.80 13.36 -12.50
CA LEU D 76 25.20 13.65 -12.22
C LEU D 76 25.29 14.76 -11.19
N LYS D 77 26.01 14.51 -10.10
CA LYS D 77 26.22 15.44 -9.02
C LYS D 77 27.63 16.04 -9.06
N GLU D 78 27.78 17.21 -8.46
CA GLU D 78 29.09 17.88 -8.36
C GLU D 78 29.80 17.87 -9.71
N LEU D 79 29.14 18.47 -10.71
CA LEU D 79 29.59 18.39 -12.10
C LEU D 79 31.03 18.89 -12.24
N GLN D 80 31.80 18.13 -13.01
CA GLN D 80 33.17 18.45 -13.37
C GLN D 80 33.27 18.64 -14.88
N MET D 81 34.27 19.43 -15.30
CA MET D 81 34.46 19.65 -16.72
C MET D 81 34.62 18.35 -17.48
N LYS D 82 35.25 17.34 -16.87
CA LYS D 82 35.46 16.06 -17.55
C LYS D 82 34.15 15.29 -17.76
N ASP D 83 33.03 15.75 -17.19
CA ASP D 83 31.75 15.13 -17.45
C ASP D 83 31.16 15.56 -18.78
N SER D 84 31.76 16.53 -19.45
CA SER D 84 31.35 16.89 -20.81
C SER D 84 31.52 15.69 -21.73
N ALA D 85 30.41 15.24 -22.29
CA ALA D 85 30.38 13.99 -23.03
C ALA D 85 28.97 13.84 -23.58
N SER D 86 28.78 12.85 -24.44
CA SER D 86 27.43 12.42 -24.77
C SER D 86 27.06 11.25 -23.88
N TYR D 87 25.78 11.15 -23.57
CA TYR D 87 25.22 10.11 -22.70
C TYR D 87 24.13 9.43 -23.49
N LEU D 88 24.30 8.12 -23.72
CA LEU D 88 23.40 7.34 -24.55
C LEU D 88 22.55 6.45 -23.67
N CYS D 89 21.23 6.51 -23.87
CA CYS D 89 20.28 5.62 -23.25
CA CYS D 89 20.34 5.56 -23.23
C CYS D 89 19.90 4.54 -24.25
N ALA D 90 19.75 3.30 -23.79
CA ALA D 90 19.41 2.19 -24.66
C ALA D 90 18.56 1.20 -23.90
N VAL D 91 17.51 0.68 -24.55
CA VAL D 91 16.57 -0.25 -23.93
C VAL D 91 16.59 -1.58 -24.68
N LYS D 92 16.59 -2.68 -23.94
CA LYS D 92 16.38 -4.00 -24.52
C LYS D 92 14.89 -4.32 -24.54
N ASP D 93 14.37 -4.70 -25.71
CA ASP D 93 12.95 -5.01 -25.82
C ASP D 93 12.67 -6.49 -25.56
N SER D 94 11.44 -6.92 -25.86
CA SER D 94 11.01 -8.30 -25.60
CA SER D 94 11.04 -8.30 -25.58
C SER D 94 11.84 -9.33 -26.36
N ASN D 95 12.41 -8.95 -27.50
CA ASN D 95 13.25 -9.84 -28.30
C ASN D 95 14.72 -9.69 -27.99
N TYR D 96 15.05 -8.99 -26.91
CA TYR D 96 16.42 -8.73 -26.49
C TYR D 96 17.19 -7.89 -27.50
N GLN D 97 16.47 -7.13 -28.33
CA GLN D 97 17.13 -6.19 -29.20
C GLN D 97 17.41 -4.91 -28.42
N LEU D 98 18.62 -4.35 -28.59
CA LEU D 98 19.01 -3.09 -27.98
C LEU D 98 18.56 -1.94 -28.85
N ILE D 99 17.74 -1.05 -28.31
CA ILE D 99 17.22 0.10 -29.05
C ILE D 99 17.88 1.34 -28.48
N TRP D 100 18.60 2.08 -29.34
CA TRP D 100 19.46 3.17 -28.89
C TRP D 100 18.77 4.51 -29.07
N GLY D 101 18.81 5.33 -28.01
CA GLY D 101 18.49 6.72 -28.17
C GLY D 101 19.60 7.46 -28.90
N ALA D 102 19.26 8.65 -29.37
CA ALA D 102 20.20 9.41 -30.20
C ALA D 102 21.28 10.10 -29.38
N GLY D 103 21.22 10.06 -28.06
CA GLY D 103 22.28 10.63 -27.25
C GLY D 103 21.97 12.05 -26.81
N THR D 104 22.46 12.39 -25.61
CA THR D 104 22.41 13.75 -25.07
C THR D 104 23.83 14.26 -24.92
N LYS D 105 24.16 15.31 -25.66
CA LYS D 105 25.44 15.99 -25.47
C LYS D 105 25.35 16.89 -24.25
N LEU D 106 26.17 16.63 -23.25
CA LEU D 106 26.19 17.42 -22.01
C LEU D 106 27.36 18.40 -22.06
N ILE D 107 27.05 19.68 -21.88
CA ILE D 107 28.03 20.75 -21.93
C ILE D 107 28.13 21.36 -20.54
N ILE D 108 29.34 21.46 -20.01
CA ILE D 108 29.56 21.93 -18.65
C ILE D 108 30.16 23.32 -18.72
N LYS D 109 29.50 24.30 -18.10
CA LYS D 109 30.00 25.66 -18.12
C LYS D 109 30.91 25.90 -16.94
N PRO D 110 32.17 26.28 -17.15
CA PRO D 110 33.05 26.59 -16.02
C PRO D 110 32.52 27.80 -15.25
N ASP D 111 32.80 27.80 -13.95
CA ASP D 111 32.50 28.94 -13.10
C ASP D 111 33.69 29.89 -13.16
N ILE D 112 33.56 30.96 -13.94
CA ILE D 112 34.66 31.90 -14.14
C ILE D 112 34.74 32.80 -12.90
N GLN D 113 35.81 32.61 -12.12
CA GLN D 113 35.94 33.34 -10.85
C GLN D 113 36.10 34.84 -11.09
N ASN D 114 37.06 35.21 -11.94
CA ASN D 114 37.40 36.62 -12.17
C ASN D 114 37.42 36.90 -13.65
N PRO D 115 36.25 37.16 -14.25
CA PRO D 115 36.19 37.40 -15.70
C PRO D 115 37.02 38.60 -16.11
N ASP D 116 37.66 38.50 -17.27
CA ASP D 116 38.55 39.56 -17.77
C ASP D 116 38.47 39.60 -19.29
N PRO D 117 37.29 39.86 -19.84
CA PRO D 117 37.08 39.70 -21.29
C PRO D 117 38.02 40.59 -22.10
N ALA D 118 38.65 40.00 -23.11
CA ALA D 118 39.62 40.70 -23.94
C ALA D 118 39.71 40.04 -25.31
N VAL D 119 40.14 40.83 -26.29
CA VAL D 119 40.45 40.33 -27.63
C VAL D 119 41.89 40.69 -27.94
N TYR D 120 42.72 39.69 -28.16
CA TYR D 120 44.13 39.89 -28.45
C TYR D 120 44.41 39.49 -29.89
N GLN D 121 45.48 40.06 -30.44
CA GLN D 121 45.99 39.68 -31.75
C GLN D 121 47.33 38.99 -31.58
N LEU D 122 47.48 37.84 -32.25
CA LEU D 122 48.69 37.05 -32.21
C LEU D 122 49.34 37.06 -33.59
N ARG D 123 50.66 36.89 -33.63
CA ARG D 123 51.43 36.93 -34.86
C ARG D 123 52.12 35.59 -35.10
N ASP D 124 52.25 35.22 -36.38
CA ASP D 124 52.88 33.95 -36.76
C ASP D 124 54.32 33.89 -36.25
N SER D 131 47.26 36.87 -39.42
CA SER D 131 47.18 36.83 -37.97
C SER D 131 45.89 36.16 -37.50
N VAL D 132 45.79 35.91 -36.19
CA VAL D 132 44.58 35.37 -35.59
C VAL D 132 44.17 36.25 -34.41
N CYS D 133 42.87 36.33 -34.18
CA CYS D 133 42.31 37.07 -33.05
C CYS D 133 41.80 36.09 -32.01
N LEU D 134 42.13 36.35 -30.75
CA LEU D 134 41.77 35.48 -29.64
C LEU D 134 40.86 36.25 -28.68
N PHE D 135 39.59 35.85 -28.63
CA PHE D 135 38.65 36.34 -27.63
C PHE D 135 38.74 35.40 -26.44
N THR D 136 39.03 35.95 -25.25
CA THR D 136 39.35 35.08 -24.14
C THR D 136 38.90 35.70 -22.82
N ASP D 137 38.86 34.85 -21.79
CA ASP D 137 38.67 35.25 -20.41
C ASP D 137 37.31 35.88 -20.13
N PHE D 138 36.34 35.67 -21.02
CA PHE D 138 34.98 36.09 -20.75
C PHE D 138 34.27 35.05 -19.89
N ASP D 139 33.21 35.48 -19.23
CA ASP D 139 32.43 34.62 -18.35
C ASP D 139 31.55 33.67 -19.16
N SER D 140 31.25 32.52 -18.57
CA SER D 140 30.64 31.39 -19.28
C SER D 140 29.27 31.70 -19.84
N GLN D 141 28.61 32.76 -19.38
CA GLN D 141 27.31 33.08 -19.97
C GLN D 141 27.44 33.77 -21.33
N THR D 142 28.64 34.17 -21.72
CA THR D 142 28.86 34.72 -23.05
C THR D 142 28.74 33.62 -24.11
N ASN D 143 28.05 33.93 -25.21
CA ASN D 143 27.92 33.04 -26.36
C ASN D 143 28.58 33.68 -27.57
N VAL D 144 29.35 32.87 -28.30
CA VAL D 144 30.12 33.34 -29.46
C VAL D 144 29.37 32.95 -30.72
N SER D 145 28.88 33.94 -31.46
CA SER D 145 28.14 33.68 -32.69
C SER D 145 29.08 33.34 -33.83
N GLN D 146 28.61 32.48 -34.73
CA GLN D 146 29.39 32.12 -35.90
C GLN D 146 29.48 33.30 -36.87
N SER D 147 30.49 33.26 -37.73
CA SER D 147 30.76 34.36 -38.64
C SER D 147 29.81 34.27 -39.82
N LYS D 148 28.88 35.24 -39.92
CA LYS D 148 28.03 35.32 -41.11
C LYS D 148 28.87 35.50 -42.36
N ASP D 149 29.92 36.32 -42.26
CA ASP D 149 30.82 36.49 -43.38
C ASP D 149 31.73 35.28 -43.53
N SER D 150 31.92 34.84 -44.78
CA SER D 150 32.84 33.77 -45.10
C SER D 150 34.12 34.35 -45.70
N ASP D 151 35.13 33.49 -45.82
CA ASP D 151 36.54 33.85 -45.91
C ASP D 151 37.06 34.42 -44.59
N VAL D 152 36.24 34.36 -43.52
CA VAL D 152 36.65 34.66 -42.15
C VAL D 152 36.01 33.64 -41.23
N TYR D 153 36.81 33.04 -40.36
CA TYR D 153 36.42 31.84 -39.63
C TYR D 153 36.46 32.08 -38.13
N ILE D 154 35.40 31.67 -37.43
CA ILE D 154 35.30 31.79 -35.98
C ILE D 154 35.01 30.42 -35.38
N THR D 155 35.76 30.06 -34.34
CA THR D 155 35.57 28.78 -33.69
C THR D 155 34.50 28.87 -32.60
N ASP D 156 34.00 27.71 -32.17
CA ASP D 156 33.18 27.68 -30.97
C ASP D 156 34.06 27.97 -29.75
N LYS D 157 33.42 28.27 -28.63
CA LYS D 157 34.21 28.57 -27.45
C LYS D 157 34.75 27.28 -26.84
N CYS D 158 35.94 27.40 -26.26
CA CYS D 158 36.72 26.28 -25.77
C CYS D 158 37.18 26.61 -24.35
N VAL D 159 37.02 25.65 -23.44
CA VAL D 159 37.43 25.81 -22.05
C VAL D 159 38.76 25.11 -21.85
N LEU D 160 39.74 25.83 -21.33
CA LEU D 160 41.04 25.26 -21.01
C LEU D 160 41.27 25.37 -19.51
N ASP D 161 41.86 24.32 -18.93
CA ASP D 161 42.12 24.24 -17.51
C ASP D 161 43.62 24.23 -17.29
N MET D 162 44.12 25.27 -16.62
CA MET D 162 45.50 25.28 -16.15
C MET D 162 45.49 24.68 -14.75
N ARG D 163 45.59 23.35 -14.69
CA ARG D 163 45.44 22.64 -13.42
C ARG D 163 46.60 22.91 -12.46
N SER D 164 47.73 23.40 -12.96
CA SER D 164 48.83 23.76 -12.08
C SER D 164 48.44 24.91 -11.15
N MET D 165 47.67 25.86 -11.66
CA MET D 165 46.96 26.82 -10.84
C MET D 165 45.52 26.30 -10.67
N ASP D 166 44.62 27.16 -10.24
CA ASP D 166 43.21 26.79 -10.13
C ASP D 166 42.37 27.50 -11.20
N PHE D 167 42.95 27.70 -12.38
CA PHE D 167 42.45 28.65 -13.36
C PHE D 167 41.89 27.92 -14.57
N LYS D 168 40.64 28.23 -14.91
CA LYS D 168 40.04 27.86 -16.18
C LYS D 168 39.63 29.13 -16.92
N SER D 169 39.61 29.05 -18.25
CA SER D 169 39.20 30.21 -19.03
C SER D 169 38.54 29.79 -20.33
N ASN D 170 37.57 30.59 -20.75
CA ASN D 170 36.95 30.46 -22.06
C ASN D 170 37.76 31.18 -23.12
N SER D 171 37.69 30.68 -24.35
CA SER D 171 38.28 31.38 -25.48
C SER D 171 37.61 30.94 -26.76
N ALA D 172 37.73 31.80 -27.77
CA ALA D 172 37.38 31.48 -29.15
C ALA D 172 38.33 32.23 -30.06
N VAL D 173 38.52 31.70 -31.26
CA VAL D 173 39.51 32.21 -32.21
C VAL D 173 38.80 32.65 -33.49
N ALA D 174 39.32 33.71 -34.09
CA ALA D 174 38.88 34.17 -35.40
C ALA D 174 40.10 34.49 -36.26
N TRP D 175 39.97 34.32 -37.57
CA TRP D 175 41.07 34.66 -38.47
C TRP D 175 40.57 34.78 -39.89
N SER D 176 41.37 35.47 -40.72
CA SER D 176 41.07 35.67 -42.14
C SER D 176 42.21 36.43 -42.78
N ASN D 177 42.16 36.51 -44.12
CA ASN D 177 43.04 37.39 -44.88
C ASN D 177 42.29 38.05 -46.04
N PHE D 181 40.48 42.60 -42.53
CA PHE D 181 40.13 41.92 -41.29
C PHE D 181 40.93 42.48 -40.12
N ALA D 182 40.22 42.85 -39.06
CA ALA D 182 40.84 43.43 -37.87
C ALA D 182 40.15 42.87 -36.63
N CYS D 183 40.94 42.63 -35.58
CA CYS D 183 40.41 42.07 -34.34
C CYS D 183 39.42 43.00 -33.66
N ALA D 184 39.36 44.28 -34.06
CA ALA D 184 38.33 45.17 -33.53
C ALA D 184 36.94 44.73 -33.95
N ASN D 185 36.77 44.30 -35.20
CA ASN D 185 35.47 43.90 -35.73
C ASN D 185 35.28 42.39 -35.75
N ALA D 186 36.23 41.61 -35.23
CA ALA D 186 36.25 40.17 -35.46
C ALA D 186 34.99 39.50 -34.93
N PHE D 187 34.61 39.82 -33.69
CA PHE D 187 33.51 39.14 -33.01
C PHE D 187 32.23 39.98 -32.99
N ASN D 188 32.10 40.90 -33.95
CA ASN D 188 30.92 41.76 -34.00
C ASN D 188 29.62 40.96 -34.07
N ASN D 189 29.65 39.79 -34.72
CA ASN D 189 28.43 38.99 -34.87
C ASN D 189 27.90 38.50 -33.52
N SER D 190 28.75 38.42 -32.50
CA SER D 190 28.33 37.95 -31.19
C SER D 190 27.99 39.13 -30.28
N ILE D 191 27.46 38.81 -29.10
CA ILE D 191 27.09 39.81 -28.11
C ILE D 191 28.19 39.79 -27.05
N ILE D 192 29.16 40.68 -27.22
CA ILE D 192 30.40 40.73 -26.43
C ILE D 192 30.15 41.49 -25.13
N PRO D 193 30.87 41.18 -24.05
CA PRO D 193 30.74 42.00 -22.83
C PRO D 193 31.11 43.45 -23.09
N GLU D 194 30.44 44.34 -22.35
CA GLU D 194 30.68 45.77 -22.53
C GLU D 194 32.09 46.15 -22.14
N ASP D 195 32.63 45.51 -21.10
CA ASP D 195 33.95 45.87 -20.57
C ASP D 195 35.08 45.12 -21.26
N THR D 196 34.89 44.73 -22.51
CA THR D 196 35.89 43.92 -23.21
C THR D 196 37.13 44.76 -23.55
N PHE D 197 38.31 44.22 -23.25
CA PHE D 197 39.57 44.91 -23.43
C PHE D 197 40.07 44.75 -24.86
N PHE D 198 40.33 45.88 -25.54
CA PHE D 198 40.83 45.90 -26.91
C PHE D 198 42.13 46.70 -26.93
N PRO D 199 43.29 46.03 -26.84
CA PRO D 199 44.60 46.71 -26.86
C PRO D 199 44.86 47.46 -28.17
N GLY E 4 39.11 -4.32 -23.97
CA GLY E 4 39.52 -5.63 -24.42
C GLY E 4 39.16 -5.90 -25.87
N VAL E 5 38.62 -4.89 -26.54
CA VAL E 5 38.17 -5.01 -27.92
C VAL E 5 39.09 -4.19 -28.82
N THR E 6 39.70 -4.86 -29.81
CA THR E 6 40.67 -4.24 -30.71
C THR E 6 40.11 -4.24 -32.12
N GLN E 7 39.85 -3.06 -32.68
CA GLN E 7 39.43 -2.95 -34.07
C GLN E 7 40.38 -2.07 -34.87
N THR E 8 40.48 -2.37 -36.17
CA THR E 8 41.33 -1.65 -37.08
C THR E 8 40.64 -1.55 -38.42
N PRO E 9 40.89 -0.49 -39.20
CA PRO E 9 41.80 0.61 -38.91
C PRO E 9 41.10 1.75 -38.17
N LYS E 10 41.85 2.66 -37.57
CA LYS E 10 41.23 3.82 -36.93
C LYS E 10 40.68 4.80 -37.96
N PHE E 11 41.36 4.92 -39.10
CA PHE E 11 40.97 5.84 -40.16
C PHE E 11 41.18 5.17 -41.50
N GLN E 12 40.30 5.48 -42.45
CA GLN E 12 40.49 4.95 -43.80
C GLN E 12 39.77 5.84 -44.81
N VAL E 13 40.47 6.18 -45.89
CA VAL E 13 39.90 6.84 -47.06
C VAL E 13 39.68 5.80 -48.14
N LEU E 14 38.49 5.82 -48.75
CA LEU E 14 38.18 4.90 -49.85
C LEU E 14 37.57 5.65 -51.01
N LYS E 15 37.87 5.18 -52.22
CA LYS E 15 37.15 5.58 -53.42
C LYS E 15 35.92 4.71 -53.59
N THR E 16 34.84 5.32 -54.08
CA THR E 16 33.63 4.58 -54.42
C THR E 16 33.97 3.34 -55.23
N GLY E 17 33.38 2.21 -54.83
CA GLY E 17 33.64 0.94 -55.48
C GLY E 17 34.81 0.15 -54.92
N GLN E 18 35.64 0.76 -54.08
CA GLN E 18 36.69 0.01 -53.40
C GLN E 18 36.09 -0.96 -52.40
N SER E 19 36.76 -2.09 -52.21
CA SER E 19 36.44 -3.02 -51.14
C SER E 19 37.29 -2.69 -49.92
N MET E 20 36.80 -3.15 -48.76
CA MET E 20 37.51 -2.90 -47.51
CA MET E 20 37.56 -2.95 -47.53
C MET E 20 36.99 -3.85 -46.44
N THR E 21 37.88 -4.35 -45.59
CA THR E 21 37.51 -5.18 -44.45
C THR E 21 37.96 -4.50 -43.16
N LEU E 22 37.05 -4.39 -42.21
CA LEU E 22 37.39 -3.91 -40.88
C LEU E 22 37.57 -5.11 -39.97
N GLN E 23 38.60 -5.08 -39.14
CA GLN E 23 38.91 -6.20 -38.28
C GLN E 23 38.56 -5.87 -36.84
N CYS E 24 38.10 -6.88 -36.10
CA CYS E 24 37.76 -6.70 -34.69
C CYS E 24 38.05 -8.00 -33.96
N ALA E 25 38.78 -7.89 -32.86
CA ALA E 25 39.12 -9.03 -32.04
C ALA E 25 38.89 -8.66 -30.58
N GLN E 26 38.38 -9.63 -29.82
CA GLN E 26 38.27 -9.47 -28.37
C GLN E 26 38.88 -10.68 -27.71
N ASP E 27 39.57 -10.46 -26.61
CA ASP E 27 40.18 -11.55 -25.87
CA ASP E 27 40.24 -11.49 -25.82
C ASP E 27 39.59 -11.67 -24.46
N MET E 28 38.28 -11.39 -24.35
CA MET E 28 37.54 -11.48 -23.10
C MET E 28 36.72 -12.76 -23.01
N ASN E 29 36.86 -13.68 -23.97
CA ASN E 29 36.07 -14.91 -24.03
C ASN E 29 34.59 -14.60 -24.16
N HIS E 30 34.25 -13.48 -24.79
CA HIS E 30 32.87 -13.18 -25.07
C HIS E 30 32.35 -14.06 -26.20
N ASN E 31 31.04 -14.33 -26.18
CA ASN E 31 30.42 -15.12 -27.22
C ASN E 31 29.72 -14.29 -28.28
N SER E 32 29.28 -13.07 -27.95
CA SER E 32 28.51 -12.26 -28.88
C SER E 32 29.32 -11.08 -29.36
N MET E 33 29.27 -10.81 -30.66
CA MET E 33 29.98 -9.67 -31.23
C MET E 33 29.03 -8.92 -32.17
N TYR E 34 29.31 -7.63 -32.36
CA TYR E 34 28.40 -6.69 -33.00
C TYR E 34 29.18 -5.70 -33.84
N TRP E 35 28.59 -5.27 -34.97
CA TRP E 35 29.11 -4.14 -35.74
C TRP E 35 28.04 -3.08 -35.86
N TYR E 36 28.36 -1.88 -35.39
CA TYR E 36 27.50 -0.72 -35.39
C TYR E 36 28.10 0.37 -36.27
N ARG E 37 27.23 1.22 -36.82
CA ARG E 37 27.68 2.51 -37.34
C ARG E 37 27.04 3.63 -36.55
N GLN E 38 27.77 4.73 -36.38
CA GLN E 38 27.30 5.91 -35.65
C GLN E 38 27.34 7.10 -36.58
N ASP E 39 26.19 7.75 -36.76
CA ASP E 39 26.01 8.88 -37.65
C ASP E 39 25.37 10.01 -36.88
N PRO E 40 25.68 11.27 -37.22
CA PRO E 40 25.10 12.41 -36.48
C PRO E 40 23.57 12.37 -36.46
N GLY E 41 23.01 12.63 -35.29
CA GLY E 41 21.59 12.82 -35.13
C GLY E 41 20.75 11.57 -34.91
N MET E 42 21.35 10.39 -34.81
CA MET E 42 20.58 9.18 -34.59
C MET E 42 21.31 8.22 -33.67
N GLY E 43 20.55 7.30 -33.10
CA GLY E 43 21.15 6.29 -32.25
C GLY E 43 22.01 5.34 -33.07
N LEU E 44 22.89 4.62 -32.37
CA LEU E 44 23.65 3.55 -33.01
C LEU E 44 22.74 2.63 -33.79
N ARG E 45 23.22 2.18 -34.95
CA ARG E 45 22.46 1.26 -35.80
C ARG E 45 23.27 0.00 -36.02
N LEU E 46 22.69 -1.14 -35.65
CA LEU E 46 23.36 -2.42 -35.82
C LEU E 46 23.41 -2.77 -37.29
N ILE E 47 24.58 -3.20 -37.76
CA ILE E 47 24.73 -3.62 -39.15
C ILE E 47 24.54 -5.13 -39.25
N TYR E 48 25.38 -5.87 -38.52
CA TYR E 48 25.30 -7.30 -38.38
C TYR E 48 25.72 -7.65 -36.97
N TYR E 49 25.35 -8.84 -36.51
CA TYR E 49 25.81 -9.33 -35.23
C TYR E 49 26.03 -10.84 -35.28
N SER E 50 26.65 -11.35 -34.22
CA SER E 50 27.00 -12.77 -34.14
C SER E 50 26.72 -13.18 -32.71
N ALA E 51 25.58 -13.86 -32.49
CA ALA E 51 25.13 -14.20 -31.15
C ALA E 51 26.07 -15.18 -30.48
N SER E 52 26.74 -16.00 -31.28
CA SER E 52 27.65 -17.02 -30.78
CA SER E 52 27.73 -16.91 -30.75
C SER E 52 28.59 -17.38 -31.91
N GLU E 53 29.70 -18.00 -31.57
CA GLU E 53 30.58 -18.52 -32.62
C GLU E 53 29.78 -19.47 -33.51
N GLY E 54 29.89 -19.29 -34.81
CA GLY E 54 29.19 -20.18 -35.73
C GLY E 54 27.81 -19.72 -36.18
N THR E 55 27.36 -18.54 -35.76
CA THR E 55 26.16 -17.95 -36.33
C THR E 55 26.33 -16.44 -36.46
N THR E 56 25.71 -15.86 -37.49
CA THR E 56 25.65 -14.43 -37.69
C THR E 56 24.25 -14.09 -38.21
N ASP E 57 23.85 -12.82 -38.05
CA ASP E 57 22.59 -12.40 -38.66
C ASP E 57 22.59 -10.91 -38.91
N LYS E 58 21.71 -10.52 -39.83
CA LYS E 58 21.52 -9.12 -40.18
C LYS E 58 21.06 -8.31 -38.98
N GLY E 59 21.54 -7.07 -38.90
CA GLY E 59 20.98 -6.10 -37.98
C GLY E 59 19.96 -5.24 -38.70
N GLU E 60 19.94 -3.95 -38.38
CA GLU E 60 19.00 -3.00 -38.96
C GLU E 60 19.45 -2.46 -40.32
N VAL E 61 20.75 -2.34 -40.56
CA VAL E 61 21.22 -1.78 -41.83
C VAL E 61 22.25 -2.71 -42.49
N PRO E 62 21.87 -3.91 -42.91
CA PRO E 62 22.84 -4.85 -43.50
C PRO E 62 23.24 -4.54 -44.93
N ASN E 63 22.43 -3.80 -45.69
CA ASN E 63 22.66 -3.67 -47.13
C ASN E 63 23.96 -2.96 -47.41
N GLY E 64 24.79 -3.55 -48.26
CA GLY E 64 26.10 -3.03 -48.59
C GLY E 64 27.22 -3.59 -47.76
N TYR E 65 26.92 -4.46 -46.81
CA TYR E 65 27.91 -5.03 -45.92
C TYR E 65 27.76 -6.53 -45.83
N ASN E 66 28.83 -7.19 -45.40
N ASN E 66 28.85 -7.18 -45.42
CA ASN E 66 28.74 -8.57 -44.94
CA ASN E 66 28.85 -8.59 -45.02
C ASN E 66 29.78 -8.76 -43.85
C ASN E 66 29.79 -8.75 -43.84
N VAL E 67 29.63 -9.85 -43.10
CA VAL E 67 30.48 -10.16 -41.96
C VAL E 67 30.93 -11.62 -42.00
N SER E 68 32.02 -11.88 -41.28
CA SER E 68 32.46 -13.24 -41.01
C SER E 68 32.83 -13.33 -39.55
N ARG E 69 32.19 -14.24 -38.82
CA ARG E 69 32.63 -14.60 -37.48
C ARG E 69 33.70 -15.66 -37.67
N LEU E 70 34.96 -15.22 -37.67
CA LEU E 70 36.06 -16.08 -38.11
C LEU E 70 36.34 -17.17 -37.10
N ASN E 71 36.12 -16.90 -35.82
CA ASN E 71 36.38 -17.79 -34.71
C ASN E 71 35.74 -17.10 -33.51
N LYS E 72 35.98 -17.60 -32.29
CA LYS E 72 35.35 -16.98 -31.13
C LYS E 72 35.82 -15.54 -30.93
N ARG E 73 37.06 -15.25 -31.30
CA ARG E 73 37.66 -13.95 -30.99
C ARG E 73 37.35 -12.86 -32.02
N GLU E 74 37.14 -13.23 -33.29
CA GLU E 74 37.24 -12.25 -34.37
C GLU E 74 35.95 -12.17 -35.19
N PHE E 75 35.61 -10.94 -35.58
CA PHE E 75 34.37 -10.64 -36.28
C PHE E 75 34.69 -9.53 -37.29
N SER E 76 34.88 -9.88 -38.55
CA SER E 76 35.25 -8.91 -39.57
CA SER E 76 35.24 -8.89 -39.55
C SER E 76 34.00 -8.37 -40.27
N LEU E 77 34.08 -7.10 -40.66
CA LEU E 77 33.03 -6.41 -41.42
C LEU E 77 33.60 -6.03 -42.78
N ARG E 78 32.89 -6.39 -43.85
CA ARG E 78 33.33 -6.07 -45.20
C ARG E 78 32.38 -5.11 -45.89
N LEU E 79 32.94 -4.08 -46.52
CA LEU E 79 32.24 -3.25 -47.48
C LEU E 79 32.58 -3.79 -48.86
N GLU E 80 31.56 -4.28 -49.57
CA GLU E 80 31.78 -4.97 -50.83
C GLU E 80 32.19 -4.01 -51.92
N SER E 81 31.40 -2.95 -52.11
CA SER E 81 31.69 -1.89 -53.09
C SER E 81 31.34 -0.58 -52.39
N ALA E 82 32.35 0.09 -51.86
CA ALA E 82 32.10 1.23 -50.98
C ALA E 82 31.31 2.32 -51.69
N ALA E 83 30.32 2.86 -50.98
CA ALA E 83 29.49 3.96 -51.43
C ALA E 83 29.61 5.13 -50.48
N PRO E 84 29.41 6.36 -50.95
CA PRO E 84 29.56 7.52 -50.06
C PRO E 84 28.63 7.51 -48.86
N SER E 85 27.46 6.89 -48.96
CA SER E 85 26.55 6.80 -47.81
C SER E 85 27.12 5.95 -46.68
N GLN E 86 28.21 5.21 -46.93
CA GLN E 86 28.89 4.40 -45.94
C GLN E 86 29.98 5.17 -45.19
N THR E 87 30.21 6.43 -45.55
CA THR E 87 31.01 7.32 -44.72
C THR E 87 30.40 7.41 -43.33
N SER E 88 31.14 6.96 -42.32
CA SER E 88 30.57 6.84 -40.98
C SER E 88 31.69 6.49 -40.00
N VAL E 89 31.31 6.38 -38.74
CA VAL E 89 32.17 5.84 -37.69
C VAL E 89 31.60 4.47 -37.35
N TYR E 90 32.45 3.45 -37.46
CA TYR E 90 32.04 2.06 -37.24
C TYR E 90 32.57 1.62 -35.89
N PHE E 91 31.70 1.01 -35.08
CA PHE E 91 32.09 0.46 -33.79
C PHE E 91 31.82 -1.03 -33.76
N CYS E 92 32.84 -1.80 -33.42
CA CYS E 92 32.66 -3.20 -33.05
CA CYS E 92 32.60 -3.19 -33.07
C CYS E 92 32.47 -3.29 -31.55
N ALA E 93 31.64 -4.23 -31.11
CA ALA E 93 31.41 -4.41 -29.69
C ALA E 93 31.23 -5.89 -29.42
N SER E 94 31.35 -6.26 -28.14
CA SER E 94 31.17 -7.63 -27.74
C SER E 94 30.49 -7.65 -26.37
N SER E 95 29.87 -8.78 -26.07
CA SER E 95 29.22 -9.00 -24.79
C SER E 95 29.33 -10.49 -24.48
N VAL E 96 29.25 -10.82 -23.18
CA VAL E 96 29.49 -12.21 -22.76
C VAL E 96 28.54 -13.15 -23.48
N TRP E 97 27.25 -12.82 -23.46
CA TRP E 97 26.23 -13.54 -24.20
C TRP E 97 25.25 -12.52 -24.74
N THR E 98 24.31 -12.98 -25.55
CA THR E 98 23.13 -12.19 -25.85
CA THR E 98 23.12 -12.21 -25.89
C THR E 98 21.91 -12.96 -25.37
N GLY E 99 20.75 -12.32 -25.43
CA GLY E 99 19.62 -13.01 -24.83
C GLY E 99 19.68 -13.12 -23.32
N GLU E 100 20.37 -12.19 -22.66
CA GLU E 100 20.30 -11.97 -21.22
CA GLU E 100 20.30 -11.96 -21.21
C GLU E 100 20.17 -10.46 -21.01
N GLY E 101 19.35 -10.05 -20.05
CA GLY E 101 19.00 -8.64 -19.98
C GLY E 101 20.17 -7.74 -19.62
N SER E 102 20.97 -8.11 -18.62
CA SER E 102 21.85 -7.16 -17.94
C SER E 102 23.26 -7.06 -18.53
N GLY E 103 23.64 -7.96 -19.44
CA GLY E 103 25.01 -7.94 -19.95
C GLY E 103 25.27 -6.71 -20.80
N GLU E 104 26.30 -5.95 -20.45
CA GLU E 104 26.62 -4.72 -21.16
C GLU E 104 27.52 -5.00 -22.35
N LEU E 105 27.61 -4.01 -23.23
CA LEU E 105 28.50 -4.04 -24.38
C LEU E 105 29.87 -3.44 -24.03
N PHE E 106 30.90 -4.01 -24.65
CA PHE E 106 32.26 -3.48 -24.59
C PHE E 106 32.66 -3.08 -26.00
N PHE E 107 33.00 -1.80 -26.18
CA PHE E 107 33.20 -1.23 -27.51
C PHE E 107 34.67 -1.15 -27.89
N GLY E 108 34.97 -1.40 -29.17
CA GLY E 108 36.23 -1.03 -29.74
C GLY E 108 36.38 0.48 -29.87
N GLU E 109 37.57 0.90 -30.32
CA GLU E 109 37.90 2.32 -30.37
C GLU E 109 37.19 3.06 -31.49
N GLY E 110 36.64 2.35 -32.47
CA GLY E 110 36.00 3.06 -33.56
C GLY E 110 36.90 3.14 -34.79
N SER E 111 36.25 3.12 -35.96
CA SER E 111 36.92 3.21 -37.26
C SER E 111 36.23 4.28 -38.08
N ARG E 112 36.96 5.36 -38.42
CA ARG E 112 36.39 6.43 -39.23
C ARG E 112 36.66 6.14 -40.70
N LEU E 113 35.59 5.96 -41.48
CA LEU E 113 35.68 5.69 -42.91
C LEU E 113 35.12 6.87 -43.67
N THR E 114 35.84 7.34 -44.67
CA THR E 114 35.34 8.37 -45.57
C THR E 114 35.44 7.83 -46.99
N VAL E 115 34.29 7.73 -47.67
CA VAL E 115 34.22 7.24 -49.04
C VAL E 115 33.99 8.43 -49.96
N LEU E 116 34.85 8.58 -50.98
CA LEU E 116 34.86 9.72 -51.88
C LEU E 116 34.85 9.24 -53.32
N GLU E 117 34.15 9.96 -54.19
CA GLU E 117 34.12 9.53 -55.60
C GLU E 117 35.53 9.49 -56.18
N ASP E 118 36.39 10.44 -55.79
CA ASP E 118 37.80 10.37 -56.16
C ASP E 118 38.62 10.98 -55.02
N LEU E 119 39.94 10.83 -55.14
CA LEU E 119 40.87 11.25 -54.10
C LEU E 119 41.51 12.60 -54.38
N LYS E 120 41.04 13.30 -55.42
CA LYS E 120 41.72 14.49 -55.91
C LYS E 120 41.55 15.70 -54.99
N ASN E 121 40.60 15.64 -54.06
CA ASN E 121 40.43 16.72 -53.09
C ASN E 121 41.11 16.41 -51.75
N VAL E 122 41.82 15.31 -51.63
CA VAL E 122 42.48 14.97 -50.38
C VAL E 122 43.71 15.85 -50.22
N PHE E 123 43.82 16.51 -49.06
CA PHE E 123 44.90 17.44 -48.73
C PHE E 123 45.28 17.27 -47.27
N PRO E 124 46.57 17.22 -46.97
CA PRO E 124 47.01 17.29 -45.58
C PRO E 124 46.85 18.72 -45.07
N PRO E 125 46.87 18.94 -43.77
CA PRO E 125 46.79 20.32 -43.26
C PRO E 125 48.10 21.04 -43.40
N GLU E 126 48.00 22.37 -43.52
CA GLU E 126 49.11 23.24 -43.15
C GLU E 126 48.93 23.60 -41.67
N VAL E 127 50.05 23.74 -40.97
CA VAL E 127 50.05 23.97 -39.52
C VAL E 127 50.91 25.19 -39.23
N ALA E 128 50.38 26.12 -38.44
CA ALA E 128 51.10 27.32 -38.03
C ALA E 128 50.84 27.59 -36.55
N VAL E 129 51.86 28.05 -35.85
CA VAL E 129 51.76 28.44 -34.44
C VAL E 129 51.85 29.97 -34.36
N PHE E 130 51.02 30.56 -33.51
CA PHE E 130 50.96 32.00 -33.33
C PHE E 130 51.34 32.32 -31.89
N GLU E 131 52.33 33.19 -31.71
CA GLU E 131 52.87 33.43 -30.39
C GLU E 131 51.99 34.39 -29.59
N PRO E 132 52.04 34.30 -28.25
CA PRO E 132 51.11 35.07 -27.42
C PRO E 132 51.23 36.57 -27.64
N SER E 133 50.12 37.26 -27.39
CA SER E 133 50.08 38.71 -27.51
C SER E 133 50.82 39.33 -26.32
N GLU E 134 51.67 40.31 -26.61
CA GLU E 134 52.33 41.05 -25.54
C GLU E 134 51.31 41.72 -24.63
N ALA E 135 50.16 42.09 -25.16
CA ALA E 135 49.11 42.70 -24.34
C ALA E 135 48.52 41.70 -23.37
N GLU E 136 48.25 40.47 -23.82
CA GLU E 136 47.79 39.44 -22.89
C GLU E 136 48.79 39.23 -21.77
N ILE E 137 50.08 39.28 -22.10
CA ILE E 137 51.13 39.07 -21.10
C ILE E 137 51.09 40.18 -20.06
N SER E 138 50.98 41.43 -20.51
CA SER E 138 50.98 42.56 -19.59
C SER E 138 49.69 42.65 -18.80
N HIS E 139 48.59 42.13 -19.35
CA HIS E 139 47.28 42.29 -18.74
C HIS E 139 46.93 41.16 -17.79
N THR E 140 47.45 39.95 -18.03
CA THR E 140 47.08 38.76 -17.25
C THR E 140 48.27 37.97 -16.72
N GLN E 141 49.50 38.30 -17.12
CA GLN E 141 50.67 37.49 -16.81
C GLN E 141 50.50 36.03 -17.24
N LYS E 142 49.62 35.79 -18.21
CA LYS E 142 49.50 34.49 -18.86
C LYS E 142 49.75 34.67 -20.35
N ALA E 143 50.04 33.56 -21.02
CA ALA E 143 50.42 33.57 -22.42
C ALA E 143 49.70 32.45 -23.15
N THR E 144 48.91 32.80 -24.16
CA THR E 144 48.16 31.82 -24.94
C THR E 144 48.81 31.66 -26.30
N LEU E 145 49.25 30.44 -26.59
CA LEU E 145 49.66 30.04 -27.94
C LEU E 145 48.44 29.50 -28.69
N VAL E 146 48.37 29.80 -29.98
CA VAL E 146 47.31 29.29 -30.84
C VAL E 146 47.94 28.52 -32.00
N CYS E 147 47.37 27.35 -32.30
CA CYS E 147 47.77 26.53 -33.43
C CYS E 147 46.61 26.42 -34.41
N LEU E 148 46.89 26.66 -35.69
CA LEU E 148 45.88 26.51 -36.73
C LEU E 148 46.30 25.42 -37.71
N ALA E 149 45.43 24.43 -37.90
CA ALA E 149 45.54 23.46 -38.97
C ALA E 149 44.47 23.79 -40.01
N THR E 150 44.91 24.04 -41.24
CA THR E 150 44.03 24.61 -42.26
C THR E 150 44.14 23.84 -43.56
N GLY E 151 43.04 23.85 -44.32
CA GLY E 151 43.03 23.33 -45.67
C GLY E 151 43.12 21.82 -45.82
N PHE E 152 42.76 21.05 -44.80
CA PHE E 152 42.88 19.60 -44.89
C PHE E 152 41.56 18.94 -45.28
N TYR E 153 41.68 17.73 -45.87
CA TYR E 153 40.52 16.95 -46.30
C TYR E 153 40.95 15.51 -46.55
N PRO E 154 40.19 14.51 -46.06
CA PRO E 154 38.96 14.74 -45.29
C PRO E 154 39.26 15.13 -43.85
N ASP E 155 38.22 15.12 -43.01
CA ASP E 155 38.32 15.50 -41.61
C ASP E 155 38.84 14.30 -40.81
N HIS E 156 40.15 14.03 -41.00
CA HIS E 156 40.85 12.90 -40.38
C HIS E 156 42.11 13.40 -39.68
N VAL E 157 41.97 14.17 -38.61
CA VAL E 157 43.14 14.74 -37.95
C VAL E 157 43.06 14.54 -36.44
N GLU E 158 44.24 14.48 -35.82
CA GLU E 158 44.39 14.53 -34.37
C GLU E 158 45.51 15.52 -34.06
N LEU E 159 45.21 16.51 -33.25
CA LEU E 159 46.17 17.56 -32.91
C LEU E 159 46.66 17.37 -31.49
N SER E 160 47.93 17.68 -31.25
CA SER E 160 48.55 17.54 -29.94
C SER E 160 49.56 18.67 -29.75
N TRP E 161 49.87 18.93 -28.48
CA TRP E 161 50.89 19.91 -28.11
C TRP E 161 52.09 19.21 -27.47
N TRP E 162 53.27 19.76 -27.72
CA TRP E 162 54.52 19.19 -27.22
C TRP E 162 55.41 20.29 -26.69
N VAL E 163 55.66 20.26 -25.38
CA VAL E 163 56.48 21.25 -24.70
C VAL E 163 57.82 20.60 -24.37
N ASN E 164 58.88 21.06 -25.02
CA ASN E 164 60.24 20.61 -24.77
C ASN E 164 60.41 19.11 -25.01
N GLY E 165 59.57 18.54 -25.86
CA GLY E 165 59.63 17.14 -26.19
C GLY E 165 58.69 16.23 -25.44
N LYS E 166 57.76 16.77 -24.65
CA LYS E 166 56.81 15.97 -23.89
C LYS E 166 55.40 16.49 -24.12
N GLU E 167 54.47 15.57 -24.34
CA GLU E 167 53.09 15.93 -24.60
C GLU E 167 52.46 16.56 -23.37
N VAL E 168 51.58 17.54 -23.61
CA VAL E 168 50.91 18.25 -22.53
C VAL E 168 49.41 18.22 -22.77
N HIS E 169 48.64 18.21 -21.69
CA HIS E 169 47.19 18.33 -21.76
C HIS E 169 46.62 19.43 -20.90
N SER E 170 47.37 19.95 -19.93
CA SER E 170 46.91 21.02 -19.06
C SER E 170 47.15 22.36 -19.72
N GLY E 171 46.16 23.25 -19.62
CA GLY E 171 46.20 24.51 -20.33
C GLY E 171 45.94 24.39 -21.82
N VAL E 172 45.43 23.24 -22.26
CA VAL E 172 45.18 22.97 -23.67
C VAL E 172 43.69 22.83 -23.90
N CYS E 173 43.21 23.40 -25.00
CA CYS E 173 41.86 23.10 -25.49
CA CYS E 173 41.89 23.03 -25.49
C CYS E 173 41.90 23.14 -27.01
N THR E 174 41.35 22.11 -27.65
CA THR E 174 41.30 21.98 -29.09
C THR E 174 39.83 21.97 -29.47
N ASP E 175 39.50 22.61 -30.60
CA ASP E 175 38.14 22.58 -31.10
C ASP E 175 37.65 21.14 -31.18
N PRO E 176 36.46 20.83 -30.67
CA PRO E 176 35.96 19.44 -30.82
C PRO E 176 35.72 19.06 -32.27
N GLN E 177 35.20 19.99 -33.08
CA GLN E 177 35.01 19.68 -34.49
C GLN E 177 35.66 20.76 -35.35
N PRO E 178 36.25 20.37 -36.48
CA PRO E 178 36.76 21.37 -37.43
C PRO E 178 35.61 22.20 -37.98
N LEU E 179 35.97 23.33 -38.56
CA LEU E 179 35.01 24.11 -39.30
C LEU E 179 35.30 23.99 -40.78
N LYS E 180 34.30 24.31 -41.59
CA LYS E 180 34.38 24.18 -43.04
C LYS E 180 34.88 25.48 -43.63
N GLU E 181 35.98 25.41 -44.39
CA GLU E 181 36.55 26.62 -44.97
C GLU E 181 35.70 27.15 -46.13
N GLN E 182 34.90 26.31 -46.78
CA GLN E 182 33.99 26.72 -47.84
C GLN E 182 32.63 26.11 -47.52
N PRO E 183 31.89 26.70 -46.59
CA PRO E 183 30.70 26.02 -46.05
C PRO E 183 29.66 25.66 -47.11
N ALA E 184 29.68 26.30 -48.27
CA ALA E 184 28.70 25.99 -49.31
C ALA E 184 29.08 24.80 -50.17
N LEU E 185 30.35 24.42 -50.19
CA LEU E 185 30.82 23.35 -51.07
C LEU E 185 30.63 22.00 -50.42
N ASN E 186 30.12 21.05 -51.20
CA ASN E 186 29.92 19.70 -50.68
C ASN E 186 31.23 19.05 -50.27
N ASP E 187 32.35 19.47 -50.87
CA ASP E 187 33.67 18.95 -50.55
C ASP E 187 34.56 20.01 -49.91
N SER E 188 33.98 20.84 -49.05
CA SER E 188 34.76 21.86 -48.33
C SER E 188 35.93 21.24 -47.60
N ARG E 189 37.09 21.90 -47.67
CA ARG E 189 38.20 21.53 -46.81
C ARG E 189 37.99 22.12 -45.41
N TYR E 190 38.86 21.76 -44.48
CA TYR E 190 38.60 21.98 -43.06
C TYR E 190 39.70 22.79 -42.37
N ALA E 191 39.32 23.42 -41.26
CA ALA E 191 40.26 24.13 -40.40
C ALA E 191 39.98 23.75 -38.95
N LEU E 192 41.05 23.67 -38.16
CA LEU E 192 40.97 23.31 -36.75
C LEU E 192 41.93 24.19 -35.96
N SER E 193 41.49 24.67 -34.80
CA SER E 193 42.33 25.49 -33.94
C SER E 193 42.52 24.82 -32.58
N SER E 194 43.60 25.18 -31.91
CA SER E 194 43.82 24.78 -30.53
C SER E 194 44.61 25.87 -29.84
N ARG E 195 44.38 26.00 -28.52
CA ARG E 195 45.11 26.95 -27.69
C ARG E 195 45.93 26.19 -26.67
N LEU E 196 47.09 26.74 -26.33
CA LEU E 196 47.91 26.28 -25.22
C LEU E 196 48.25 27.49 -24.37
N ARG E 197 47.71 27.54 -23.16
CA ARG E 197 47.93 28.68 -22.28
C ARG E 197 48.94 28.33 -21.20
N VAL E 198 49.96 29.18 -21.05
CA VAL E 198 50.99 29.01 -20.05
C VAL E 198 51.17 30.34 -19.31
N SER E 199 51.96 30.30 -18.24
CA SER E 199 52.28 31.51 -17.51
C SER E 199 53.25 32.37 -18.31
N ALA E 200 53.11 33.69 -18.17
CA ALA E 200 53.95 34.62 -18.93
C ALA E 200 55.43 34.34 -18.71
N THR E 201 55.82 33.97 -17.50
CA THR E 201 57.22 33.69 -17.21
C THR E 201 57.68 32.42 -17.92
N PHE E 202 56.80 31.42 -18.01
CA PHE E 202 57.13 30.19 -18.73
C PHE E 202 57.29 30.46 -20.22
N TRP E 203 56.53 31.42 -20.76
CA TRP E 203 56.71 31.80 -22.16
C TRP E 203 57.97 32.62 -22.35
N GLN E 204 58.29 33.49 -21.39
CA GLN E 204 59.46 34.36 -21.49
C GLN E 204 60.76 33.58 -21.37
N ASN E 205 60.73 32.32 -20.95
CA ASN E 205 61.92 31.50 -20.88
C ASN E 205 62.30 31.02 -22.28
N PRO E 206 63.48 31.39 -22.80
CA PRO E 206 63.86 30.93 -24.14
C PRO E 206 64.24 29.47 -24.20
N ARG E 207 64.38 28.79 -23.05
CA ARG E 207 64.75 27.39 -23.03
C ARG E 207 63.58 26.45 -23.25
N ASN E 208 62.37 26.98 -23.49
CA ASN E 208 61.18 26.16 -23.67
C ASN E 208 60.76 26.18 -25.14
N HIS E 209 60.69 25.00 -25.76
CA HIS E 209 60.23 24.84 -27.13
C HIS E 209 58.79 24.36 -27.14
N PHE E 210 57.94 25.04 -27.89
CA PHE E 210 56.54 24.68 -28.06
C PHE E 210 56.33 24.23 -29.48
N ARG E 211 55.70 23.06 -29.66
CA ARG E 211 55.45 22.53 -30.99
C ARG E 211 54.03 21.99 -31.07
N CYS E 212 53.29 22.43 -32.07
CA CYS E 212 51.96 21.91 -32.35
C CYS E 212 52.06 20.81 -33.39
N GLN E 213 51.52 19.64 -33.07
CA GLN E 213 51.66 18.45 -33.89
C GLN E 213 50.29 18.01 -34.37
N VAL E 214 50.15 17.83 -35.69
CA VAL E 214 48.89 17.39 -36.28
C VAL E 214 49.13 16.11 -37.06
N GLN E 215 48.56 15.02 -36.57
CA GLN E 215 48.56 13.77 -37.30
C GLN E 215 47.43 13.79 -38.33
N PHE E 216 47.75 13.52 -39.58
CA PHE E 216 46.78 13.47 -40.66
C PHE E 216 46.68 12.05 -41.20
N TYR E 217 45.45 11.59 -41.44
CA TYR E 217 45.22 10.27 -42.01
C TYR E 217 44.62 10.47 -43.39
N GLY E 218 45.41 10.11 -44.40
CA GLY E 218 45.02 10.29 -45.79
C GLY E 218 45.20 9.02 -46.58
N LEU E 219 46.00 9.08 -47.65
CA LEU E 219 46.17 7.96 -48.56
C LEU E 219 47.28 7.02 -48.09
N SER E 220 47.27 5.81 -48.66
CA SER E 220 48.22 4.77 -48.33
C SER E 220 49.15 4.52 -49.50
N GLU E 221 50.12 3.62 -49.30
CA GLU E 221 51.02 3.25 -50.37
C GLU E 221 50.26 2.66 -51.57
N ASN E 222 49.21 1.88 -51.29
CA ASN E 222 48.47 1.21 -52.35
C ASN E 222 47.66 2.18 -53.20
N ASP E 223 47.30 3.35 -52.68
CA ASP E 223 46.50 4.29 -53.45
C ASP E 223 47.32 4.86 -54.61
N GLU E 224 46.67 4.97 -55.76
CA GLU E 224 47.32 5.54 -56.94
C GLU E 224 47.25 7.07 -56.88
N TRP E 225 48.25 7.70 -57.48
CA TRP E 225 48.32 9.16 -57.47
C TRP E 225 48.95 9.64 -58.78
N THR E 226 48.24 10.49 -59.51
CA THR E 226 48.70 11.03 -60.77
C THR E 226 49.18 12.48 -60.68
N GLN E 227 48.57 13.29 -59.82
CA GLN E 227 48.72 14.72 -59.85
C GLN E 227 50.17 15.15 -59.56
N ASP E 228 50.50 16.37 -59.97
CA ASP E 228 51.84 16.90 -59.79
C ASP E 228 52.15 17.23 -58.34
N ARG E 229 51.16 17.70 -57.58
CA ARG E 229 51.39 17.98 -56.17
C ARG E 229 51.66 16.68 -55.41
N ALA E 230 52.37 16.79 -54.30
CA ALA E 230 52.79 15.61 -53.55
C ALA E 230 51.57 14.79 -53.11
N LYS E 231 51.73 13.47 -53.14
CA LYS E 231 50.67 12.55 -52.78
C LYS E 231 50.23 12.78 -51.33
N PRO E 232 48.94 13.04 -51.07
CA PRO E 232 48.52 13.39 -49.69
C PRO E 232 48.38 12.15 -48.81
N VAL E 233 49.52 11.58 -48.45
CA VAL E 233 49.55 10.38 -47.63
C VAL E 233 49.29 10.75 -46.16
N THR E 234 48.94 9.73 -45.37
CA THR E 234 49.01 9.84 -43.92
C THR E 234 50.37 10.40 -43.52
N GLN E 235 50.36 11.37 -42.62
CA GLN E 235 51.58 12.13 -42.32
C GLN E 235 51.33 13.02 -41.12
N ILE E 236 52.41 13.52 -40.54
CA ILE E 236 52.37 14.49 -39.45
C ILE E 236 52.87 15.83 -39.96
N VAL E 237 52.15 16.89 -39.64
CA VAL E 237 52.57 18.25 -39.95
C VAL E 237 52.67 18.99 -38.63
N SER E 238 53.78 19.73 -38.44
CA SER E 238 54.04 20.41 -37.17
C SER E 238 54.39 21.87 -37.42
N ALA E 239 54.38 22.63 -36.32
CA ALA E 239 54.86 24.00 -36.31
C ALA E 239 55.36 24.30 -34.90
N GLU E 240 56.36 25.17 -34.80
CA GLU E 240 57.10 25.35 -33.56
C GLU E 240 57.29 26.82 -33.24
N ALA E 241 57.69 27.09 -32.01
CA ALA E 241 58.03 28.44 -31.58
C ALA E 241 58.87 28.35 -30.31
N TRP E 242 59.78 29.31 -30.17
CA TRP E 242 60.63 29.41 -29.00
C TRP E 242 60.19 30.56 -28.11
N GLY E 243 60.45 30.40 -26.81
CA GLY E 243 60.07 31.44 -25.86
C GLY E 243 60.89 32.71 -26.07
N ARG E 244 60.23 33.85 -25.89
CA ARG E 244 60.87 35.15 -26.08
C ARG E 244 60.56 36.08 -24.91
N MET F 1 24.08 -42.25 -11.73
CA MET F 1 22.84 -41.48 -11.73
C MET F 1 21.62 -42.33 -11.42
N ILE F 2 20.45 -41.70 -11.61
CA ILE F 2 19.17 -42.36 -11.42
C ILE F 2 18.48 -42.38 -12.79
N GLN F 3 18.19 -43.58 -13.28
CA GLN F 3 17.43 -43.74 -14.51
C GLN F 3 16.03 -44.18 -14.11
N ARG F 4 15.06 -43.83 -14.95
CA ARG F 4 13.67 -44.09 -14.65
C ARG F 4 13.04 -44.77 -15.85
N THR F 5 12.47 -45.95 -15.62
CA THR F 5 11.96 -46.75 -16.71
C THR F 5 10.58 -46.22 -17.14
N PRO F 6 10.23 -46.34 -18.40
CA PRO F 6 8.98 -45.73 -18.87
C PRO F 6 7.75 -46.44 -18.32
N LYS F 7 6.76 -45.63 -17.96
CA LYS F 7 5.39 -46.11 -17.82
C LYS F 7 4.79 -46.19 -19.20
N ILE F 8 4.02 -47.25 -19.46
CA ILE F 8 3.50 -47.52 -20.79
C ILE F 8 2.02 -47.86 -20.68
N GLN F 9 1.18 -47.05 -21.31
CA GLN F 9 -0.26 -47.22 -21.20
C GLN F 9 -0.86 -47.26 -22.59
N VAL F 10 -1.69 -48.27 -22.84
CA VAL F 10 -2.22 -48.57 -24.17
C VAL F 10 -3.75 -48.55 -24.06
N TYR F 11 -4.39 -47.73 -24.88
CA TYR F 11 -5.81 -47.47 -24.69
C TYR F 11 -6.38 -46.88 -25.98
N SER F 12 -7.69 -47.05 -26.17
CA SER F 12 -8.33 -46.50 -27.35
C SER F 12 -8.78 -45.08 -27.11
N ARG F 13 -8.93 -44.33 -28.21
CA ARG F 13 -9.38 -42.95 -28.13
C ARG F 13 -10.79 -42.85 -27.56
N HIS F 14 -11.71 -43.61 -28.13
CA HIS F 14 -13.09 -43.72 -27.71
C HIS F 14 -13.34 -45.11 -27.10
N PRO F 15 -14.39 -45.28 -26.30
CA PRO F 15 -14.76 -46.62 -25.85
C PRO F 15 -14.87 -47.58 -27.02
N ALA F 16 -14.18 -48.72 -26.91
CA ALA F 16 -13.98 -49.59 -28.07
C ALA F 16 -15.19 -50.46 -28.34
N GLU F 17 -15.44 -50.69 -29.62
CA GLU F 17 -16.52 -51.57 -30.07
C GLU F 17 -16.07 -52.22 -31.37
N ASN F 18 -16.00 -53.55 -31.37
CA ASN F 18 -15.56 -54.27 -32.57
C ASN F 18 -16.31 -53.80 -33.79
N GLY F 19 -15.59 -53.62 -34.89
CA GLY F 19 -16.17 -53.19 -36.14
C GLY F 19 -16.34 -51.70 -36.32
N LYS F 20 -15.98 -50.90 -35.32
CA LYS F 20 -16.16 -49.45 -35.38
C LYS F 20 -14.79 -48.78 -35.32
N SER F 21 -14.50 -47.97 -36.33
CA SER F 21 -13.21 -47.29 -36.44
C SER F 21 -12.90 -46.53 -35.15
N ASN F 22 -11.61 -46.46 -34.84
CA ASN F 22 -11.14 -45.91 -33.57
C ASN F 22 -9.67 -45.54 -33.74
N PHE F 23 -9.06 -45.06 -32.67
CA PHE F 23 -7.62 -44.86 -32.63
C PHE F 23 -7.03 -45.58 -31.41
N LEU F 24 -5.89 -46.21 -31.61
CA LEU F 24 -5.14 -46.88 -30.55
C LEU F 24 -3.99 -45.98 -30.12
N ASN F 25 -3.94 -45.65 -28.83
CA ASN F 25 -2.91 -44.80 -28.25
C ASN F 25 -1.92 -45.61 -27.42
N CYS F 26 -0.66 -45.22 -27.48
CA CYS F 26 0.34 -45.72 -26.55
C CYS F 26 1.02 -44.49 -25.95
N TYR F 27 0.76 -44.25 -24.67
CA TYR F 27 1.32 -43.12 -23.94
C TYR F 27 2.48 -43.62 -23.09
N VAL F 28 3.68 -43.11 -23.36
CA VAL F 28 4.92 -43.56 -22.74
C VAL F 28 5.48 -42.38 -21.97
N SER F 29 5.66 -42.56 -20.66
CA SER F 29 5.85 -41.39 -19.82
C SER F 29 6.76 -41.70 -18.65
N GLY F 30 7.21 -40.62 -18.00
CA GLY F 30 7.98 -40.70 -16.77
C GLY F 30 9.37 -41.27 -16.89
N PHE F 31 9.94 -41.27 -18.09
CA PHE F 31 11.24 -41.91 -18.26
C PHE F 31 12.37 -40.87 -18.32
N HIS F 32 13.58 -41.35 -17.97
CA HIS F 32 14.82 -40.59 -18.03
C HIS F 32 15.96 -41.60 -18.15
N PRO F 33 16.94 -41.41 -19.05
CA PRO F 33 17.13 -40.29 -19.99
C PRO F 33 16.19 -40.38 -21.19
N SER F 34 16.41 -39.55 -22.23
CA SER F 34 15.39 -39.29 -23.23
C SER F 34 15.37 -40.25 -24.41
N ASP F 35 16.46 -40.98 -24.70
CA ASP F 35 16.44 -41.90 -25.84
C ASP F 35 15.43 -43.01 -25.60
N ILE F 36 14.54 -43.21 -26.58
CA ILE F 36 13.47 -44.19 -26.46
C ILE F 36 13.08 -44.66 -27.85
N GLU F 37 12.59 -45.90 -27.93
CA GLU F 37 12.08 -46.47 -29.16
C GLU F 37 10.69 -47.05 -28.89
N VAL F 38 9.71 -46.66 -29.70
CA VAL F 38 8.32 -47.10 -29.53
C VAL F 38 7.79 -47.56 -30.88
N ASP F 39 7.17 -48.74 -30.91
CA ASP F 39 6.43 -49.23 -32.06
C ASP F 39 5.07 -49.76 -31.60
N LEU F 40 4.08 -49.65 -32.48
CA LEU F 40 2.77 -50.27 -32.28
C LEU F 40 2.71 -51.52 -33.12
N LEU F 41 2.14 -52.58 -32.55
CA LEU F 41 2.10 -53.89 -33.20
C LEU F 41 0.66 -54.35 -33.39
N LYS F 42 0.41 -54.98 -34.53
CA LYS F 42 -0.84 -55.69 -34.80
C LYS F 42 -0.49 -57.16 -35.00
N ASN F 43 -0.97 -58.02 -34.09
CA ASN F 43 -0.68 -59.45 -34.12
C ASN F 43 0.83 -59.69 -34.22
N GLY F 44 1.59 -58.90 -33.46
CA GLY F 44 3.02 -59.07 -33.37
C GLY F 44 3.84 -58.35 -34.42
N GLU F 45 3.23 -57.81 -35.46
CA GLU F 45 3.98 -57.15 -36.52
C GLU F 45 3.84 -55.64 -36.42
N ARG F 46 4.91 -54.94 -36.80
CA ARG F 46 4.96 -53.49 -36.66
C ARG F 46 3.95 -52.83 -37.58
N ILE F 47 3.18 -51.89 -37.05
CA ILE F 47 2.26 -51.11 -37.87
C ILE F 47 3.02 -49.94 -38.48
N GLU F 48 2.84 -49.73 -39.78
CA GLU F 48 3.66 -48.77 -40.50
C GLU F 48 3.12 -47.34 -40.42
N LYS F 49 1.80 -47.16 -40.47
CA LYS F 49 1.22 -45.82 -40.39
C LYS F 49 0.93 -45.51 -38.93
N VAL F 50 1.95 -45.03 -38.23
CA VAL F 50 1.84 -44.63 -36.82
C VAL F 50 2.33 -43.20 -36.69
N GLU F 51 1.51 -42.36 -36.06
CA GLU F 51 1.85 -40.98 -35.76
C GLU F 51 2.34 -40.87 -34.32
N HIS F 52 3.09 -39.82 -34.04
CA HIS F 52 3.53 -39.59 -32.67
C HIS F 52 3.79 -38.11 -32.44
N SER F 53 3.62 -37.71 -31.19
CA SER F 53 4.02 -36.39 -30.73
C SER F 53 5.54 -36.31 -30.64
N ASP F 54 6.04 -35.08 -30.59
CA ASP F 54 7.44 -34.88 -30.24
C ASP F 54 7.69 -35.26 -28.78
N LEU F 55 8.94 -35.61 -28.49
CA LEU F 55 9.38 -35.73 -27.10
C LEU F 55 8.91 -34.53 -26.30
N SER F 56 8.30 -34.78 -25.14
CA SER F 56 7.74 -33.74 -24.30
C SER F 56 8.34 -33.80 -22.90
N PHE F 57 8.24 -32.68 -22.20
CA PHE F 57 8.97 -32.42 -20.98
C PHE F 57 8.02 -32.26 -19.81
N SER F 58 8.27 -33.01 -18.73
CA SER F 58 7.52 -32.88 -17.49
C SER F 58 8.30 -32.08 -16.47
N LYS F 59 7.56 -31.49 -15.51
CA LYS F 59 8.17 -30.68 -14.46
C LYS F 59 9.11 -31.47 -13.56
N ASP F 60 8.97 -32.80 -13.48
CA ASP F 60 9.84 -33.61 -12.63
C ASP F 60 11.09 -34.08 -13.38
N TRP F 61 11.33 -33.54 -14.57
CA TRP F 61 12.51 -33.68 -15.42
C TRP F 61 12.44 -34.95 -16.25
N SER F 62 11.39 -35.77 -16.11
CA SER F 62 11.19 -36.90 -16.99
C SER F 62 10.54 -36.45 -18.30
N PHE F 63 10.39 -37.39 -19.24
CA PHE F 63 9.86 -37.16 -20.57
C PHE F 63 8.63 -38.02 -20.84
N TYR F 64 7.85 -37.62 -21.86
CA TYR F 64 6.70 -38.40 -22.30
C TYR F 64 6.45 -38.16 -23.78
N LEU F 65 5.73 -39.12 -24.38
CA LEU F 65 5.41 -39.15 -25.81
CA LEU F 65 5.28 -38.96 -25.75
C LEU F 65 4.08 -39.86 -26.00
N LEU F 66 3.41 -39.58 -27.11
CA LEU F 66 2.17 -40.25 -27.48
C LEU F 66 2.29 -40.79 -28.89
N TYR F 67 2.12 -42.11 -29.04
CA TYR F 67 2.06 -42.79 -30.32
C TYR F 67 0.64 -43.27 -30.58
N TYR F 68 0.17 -43.14 -31.82
CA TYR F 68 -1.21 -43.55 -32.08
C TYR F 68 -1.38 -43.96 -33.54
N THR F 69 -2.43 -44.75 -33.79
CA THR F 69 -2.72 -45.22 -35.14
C THR F 69 -4.21 -45.47 -35.26
N GLU F 70 -4.77 -45.16 -36.43
CA GLU F 70 -6.17 -45.45 -36.69
C GLU F 70 -6.35 -46.94 -36.86
N PHE F 71 -7.40 -47.49 -36.24
CA PHE F 71 -7.64 -48.91 -36.40
C PHE F 71 -9.11 -49.22 -36.17
N THR F 72 -9.53 -50.37 -36.69
CA THR F 72 -10.84 -50.92 -36.35
C THR F 72 -10.63 -52.20 -35.56
N PRO F 73 -10.98 -52.22 -34.27
CA PRO F 73 -10.79 -53.45 -33.47
C PRO F 73 -11.68 -54.59 -33.94
N THR F 74 -11.14 -55.81 -33.88
CA THR F 74 -11.88 -57.03 -34.12
C THR F 74 -11.58 -58.02 -33.00
N GLU F 75 -12.46 -59.02 -32.85
CA GLU F 75 -12.28 -60.01 -31.80
C GLU F 75 -10.96 -60.76 -31.94
N LYS F 76 -10.50 -60.97 -33.19
CA LYS F 76 -9.31 -61.77 -33.43
C LYS F 76 -8.01 -60.98 -33.34
N ASP F 77 -8.02 -59.70 -33.70
CA ASP F 77 -6.80 -58.92 -33.78
C ASP F 77 -6.31 -58.51 -32.39
N GLU F 78 -5.01 -58.67 -32.16
CA GLU F 78 -4.38 -58.31 -30.89
C GLU F 78 -3.38 -57.18 -31.13
N TYR F 79 -3.43 -56.15 -30.30
CA TYR F 79 -2.56 -55.00 -30.46
C TYR F 79 -1.65 -54.85 -29.24
N ALA F 80 -0.52 -54.20 -29.46
CA ALA F 80 0.47 -54.01 -28.41
C ALA F 80 1.32 -52.79 -28.70
N CYS F 81 2.03 -52.35 -27.67
CA CYS F 81 2.99 -51.27 -27.78
C CYS F 81 4.33 -51.82 -27.34
N ARG F 82 5.35 -51.64 -28.18
CA ARG F 82 6.68 -52.18 -27.93
C ARG F 82 7.66 -51.04 -27.69
N VAL F 83 8.33 -51.08 -26.55
CA VAL F 83 9.12 -49.95 -26.08
C VAL F 83 10.50 -50.46 -25.70
N ASN F 84 11.53 -49.72 -26.10
CA ASN F 84 12.88 -49.99 -25.63
C ASN F 84 13.48 -48.71 -25.06
N HIS F 85 14.36 -48.88 -24.09
CA HIS F 85 14.89 -47.79 -23.29
C HIS F 85 16.12 -48.34 -22.59
N VAL F 86 17.02 -47.45 -22.19
CA VAL F 86 18.28 -47.90 -21.59
C VAL F 86 18.03 -48.69 -20.31
N THR F 87 16.92 -48.41 -19.61
CA THR F 87 16.60 -49.16 -18.40
C THR F 87 16.16 -50.59 -18.65
N LEU F 88 15.89 -50.96 -19.90
CA LEU F 88 15.31 -52.25 -20.23
C LEU F 88 16.36 -53.11 -20.94
N SER F 89 16.50 -54.36 -20.49
CA SER F 89 17.46 -55.24 -21.15
CA SER F 89 17.46 -55.26 -21.14
C SER F 89 16.97 -55.67 -22.53
N GLN F 90 15.68 -55.88 -22.68
CA GLN F 90 15.06 -56.24 -23.95
CA GLN F 90 15.05 -56.26 -23.94
C GLN F 90 13.84 -55.38 -24.17
N PRO F 91 13.39 -55.24 -25.42
CA PRO F 91 12.17 -54.46 -25.67
C PRO F 91 10.99 -55.05 -24.90
N LYS F 92 10.20 -54.16 -24.31
CA LYS F 92 9.01 -54.54 -23.54
C LYS F 92 7.78 -54.43 -24.43
N ILE F 93 7.00 -55.51 -24.50
CA ILE F 93 5.79 -55.55 -25.32
C ILE F 93 4.60 -55.48 -24.38
N VAL F 94 3.82 -54.40 -24.49
CA VAL F 94 2.68 -54.15 -23.61
C VAL F 94 1.40 -54.31 -24.41
N LYS F 95 0.59 -55.30 -24.03
CA LYS F 95 -0.63 -55.63 -24.76
C LYS F 95 -1.75 -54.65 -24.47
N TRP F 96 -2.49 -54.29 -25.53
CA TRP F 96 -3.74 -53.56 -25.33
C TRP F 96 -4.75 -54.46 -24.64
N ASP F 97 -5.36 -53.96 -23.55
CA ASP F 97 -6.28 -54.77 -22.76
C ASP F 97 -7.70 -54.79 -23.32
N ARG F 98 -7.93 -54.23 -24.51
CA ARG F 98 -9.22 -54.29 -25.20
C ARG F 98 -10.32 -53.55 -24.46
N ASP F 99 -9.95 -52.51 -23.71
CA ASP F 99 -10.90 -51.64 -23.03
C ASP F 99 -11.78 -52.40 -22.03
N GLN G 3 -8.07 9.20 36.73
CA GLN G 3 -9.11 8.26 36.27
C GLN G 3 -8.48 7.01 35.71
N ASN G 4 -8.87 5.83 36.20
CA ASN G 4 -8.33 4.62 35.60
C ASN G 4 -9.31 3.47 35.63
N ILE G 5 -9.05 2.53 34.73
CA ILE G 5 -9.83 1.32 34.54
C ILE G 5 -8.85 0.17 34.61
N ASP G 6 -9.19 -0.86 35.37
CA ASP G 6 -8.26 -1.98 35.51
C ASP G 6 -8.98 -3.28 35.21
N GLN G 7 -8.35 -4.09 34.37
CA GLN G 7 -8.86 -5.43 34.09
C GLN G 7 -7.66 -6.33 33.88
N PRO G 8 -7.79 -7.63 34.16
CA PRO G 8 -6.62 -8.51 34.02
C PRO G 8 -6.15 -8.55 32.57
N THR G 9 -4.85 -8.78 32.40
CA THR G 9 -4.27 -8.79 31.06
C THR G 9 -4.74 -10.00 30.26
N GLU G 10 -4.82 -11.16 30.90
CA GLU G 10 -5.14 -12.38 30.18
C GLU G 10 -5.80 -13.37 31.11
N MET G 11 -6.72 -14.16 30.55
CA MET G 11 -7.32 -15.27 31.28
C MET G 11 -7.40 -16.48 30.36
N THR G 12 -7.29 -17.66 30.97
CA THR G 12 -7.39 -18.92 30.23
C THR G 12 -8.39 -19.82 30.93
N ALA G 13 -9.34 -20.34 30.15
CA ALA G 13 -10.37 -21.23 30.68
C ALA G 13 -10.59 -22.35 29.67
N THR G 14 -11.38 -23.34 30.07
CA THR G 14 -11.58 -24.54 29.26
C THR G 14 -12.92 -24.45 28.53
N GLU G 15 -12.94 -24.96 27.30
CA GLU G 15 -14.18 -25.08 26.53
C GLU G 15 -15.28 -25.71 27.36
N GLY G 16 -16.49 -25.15 27.26
CA GLY G 16 -17.62 -25.65 28.01
C GLY G 16 -17.78 -25.05 29.40
N ALA G 17 -16.75 -24.35 29.90
CA ALA G 17 -16.76 -23.87 31.26
C ALA G 17 -17.28 -22.42 31.32
N ILE G 18 -17.10 -21.79 32.46
CA ILE G 18 -17.58 -20.44 32.72
CA ILE G 18 -17.56 -20.42 32.65
C ILE G 18 -16.38 -19.57 33.08
N VAL G 19 -16.40 -18.31 32.67
CA VAL G 19 -15.30 -17.41 33.00
C VAL G 19 -15.91 -16.07 33.39
N GLN G 20 -15.33 -15.42 34.40
CA GLN G 20 -15.78 -14.12 34.86
C GLN G 20 -14.65 -13.12 34.64
N ILE G 21 -14.88 -12.11 33.79
CA ILE G 21 -13.86 -11.11 33.51
C ILE G 21 -14.19 -9.87 34.30
N ASN G 22 -13.27 -9.44 35.16
CA ASN G 22 -13.51 -8.35 36.11
C ASN G 22 -13.02 -7.03 35.54
N CYS G 23 -13.70 -5.95 35.94
CA CYS G 23 -13.31 -4.59 35.55
CA CYS G 23 -13.29 -4.60 35.57
C CYS G 23 -13.57 -3.69 36.75
N THR G 24 -12.54 -3.00 37.26
CA THR G 24 -12.71 -2.02 38.32
CA THR G 24 -12.73 -2.01 38.32
C THR G 24 -12.36 -0.64 37.79
N TYR G 25 -13.08 0.39 38.28
CA TYR G 25 -12.86 1.71 37.73
C TYR G 25 -12.86 2.74 38.84
N GLN G 26 -12.05 3.78 38.65
CA GLN G 26 -12.04 4.97 39.48
C GLN G 26 -12.14 6.15 38.52
N THR G 27 -13.28 6.81 38.48
CA THR G 27 -13.51 7.86 37.49
C THR G 27 -14.14 9.05 38.16
N SER G 28 -14.05 10.20 37.48
CA SER G 28 -14.69 11.43 37.94
C SER G 28 -16.12 11.38 37.42
N GLY G 29 -17.01 10.80 38.23
CA GLY G 29 -18.41 10.65 37.86
C GLY G 29 -18.64 9.40 37.02
N PHE G 30 -19.91 9.11 36.77
CA PHE G 30 -20.27 7.82 36.17
C PHE G 30 -21.54 7.94 35.37
N ASN G 31 -21.46 7.64 34.06
CA ASN G 31 -22.64 7.63 33.20
C ASN G 31 -22.80 6.28 32.48
N GLY G 32 -22.18 5.22 33.02
CA GLY G 32 -22.40 3.88 32.50
C GLY G 32 -21.12 3.15 32.15
N LEU G 33 -21.20 1.83 32.07
CA LEU G 33 -20.03 0.99 31.84
C LEU G 33 -20.35 0.07 30.67
N PHE G 34 -19.42 -0.01 29.72
CA PHE G 34 -19.60 -0.81 28.52
C PHE G 34 -18.64 -1.99 28.50
N TRP G 35 -19.07 -3.10 27.87
CA TRP G 35 -18.16 -4.16 27.48
C TRP G 35 -18.20 -4.30 25.96
N TYR G 36 -17.01 -4.49 25.35
CA TYR G 36 -16.89 -4.72 23.92
C TYR G 36 -16.08 -5.99 23.71
N GLN G 37 -16.34 -6.69 22.61
CA GLN G 37 -15.55 -7.84 22.22
C GLN G 37 -14.68 -7.46 21.03
N GLN G 38 -13.42 -7.88 21.04
CA GLN G 38 -12.54 -7.60 19.90
C GLN G 38 -11.75 -8.85 19.55
N HIS G 39 -12.16 -9.50 18.47
CA HIS G 39 -11.37 -10.62 17.96
C HIS G 39 -10.06 -10.10 17.40
N ALA G 40 -9.03 -10.92 17.52
CA ALA G 40 -7.70 -10.53 17.06
C ALA G 40 -7.77 -10.09 15.60
N GLY G 41 -7.18 -8.94 15.31
CA GLY G 41 -7.18 -8.39 13.98
C GLY G 41 -8.49 -7.78 13.53
N GLU G 42 -9.48 -7.62 14.41
CA GLU G 42 -10.81 -7.19 14.01
C GLU G 42 -11.22 -5.98 14.84
N ALA G 43 -12.36 -5.40 14.48
CA ALA G 43 -12.92 -4.24 15.17
C ALA G 43 -13.59 -4.64 16.48
N PRO G 44 -13.51 -3.81 17.51
CA PRO G 44 -14.35 -4.02 18.69
C PRO G 44 -15.82 -3.98 18.31
N THR G 45 -16.64 -4.80 18.97
CA THR G 45 -18.09 -4.73 18.80
C THR G 45 -18.75 -4.68 20.17
N PHE G 46 -19.85 -3.93 20.24
CA PHE G 46 -20.58 -3.72 21.49
C PHE G 46 -21.17 -5.02 22.04
N LEU G 47 -20.94 -5.29 23.33
CA LEU G 47 -21.58 -6.42 24.02
C LEU G 47 -22.67 -5.98 24.99
N SER G 48 -22.40 -4.99 25.84
CA SER G 48 -23.32 -4.71 26.94
C SER G 48 -23.11 -3.31 27.50
N TYR G 49 -24.16 -2.82 28.17
CA TYR G 49 -24.13 -1.55 28.88
C TYR G 49 -24.82 -1.74 30.22
N ASN G 50 -24.18 -1.30 31.31
CA ASN G 50 -24.81 -1.25 32.64
C ASN G 50 -24.64 0.14 33.22
N VAL G 51 -25.65 0.60 33.95
CA VAL G 51 -25.55 1.93 34.59
C VAL G 51 -26.21 1.93 35.95
N LEU G 52 -27.20 1.04 36.17
CA LEU G 52 -27.74 0.81 37.51
C LEU G 52 -27.18 -0.50 38.03
N ASP G 53 -27.40 -0.77 39.31
CA ASP G 53 -26.79 -1.93 39.95
C ASP G 53 -27.49 -3.22 39.55
N GLY G 54 -26.73 -4.29 39.34
CA GLY G 54 -27.31 -5.60 39.19
C GLY G 54 -26.76 -6.30 37.96
N LEU G 55 -27.46 -7.35 37.56
CA LEU G 55 -27.03 -8.27 36.52
C LEU G 55 -27.99 -8.21 35.34
N GLU G 56 -27.45 -8.10 34.12
CA GLU G 56 -28.24 -8.16 32.90
C GLU G 56 -27.76 -9.32 32.05
N GLU G 57 -28.69 -10.11 31.50
CA GLU G 57 -28.34 -11.29 30.72
C GLU G 57 -28.61 -11.05 29.24
N LYS G 58 -27.75 -11.61 28.38
CA LYS G 58 -27.85 -11.47 26.93
C LYS G 58 -27.25 -12.73 26.30
N GLY G 59 -28.08 -13.76 26.13
CA GLY G 59 -27.60 -15.02 25.60
C GLY G 59 -26.73 -15.73 26.62
N ARG G 60 -25.55 -16.20 26.17
CA ARG G 60 -24.57 -16.84 27.04
C ARG G 60 -23.77 -15.85 27.86
N PHE G 61 -23.94 -14.54 27.64
CA PHE G 61 -23.18 -13.53 28.34
C PHE G 61 -24.09 -12.78 29.31
N SER G 62 -23.56 -12.47 30.47
CA SER G 62 -24.22 -11.59 31.43
CA SER G 62 -24.24 -11.56 31.38
C SER G 62 -23.24 -10.52 31.86
N SER G 63 -23.75 -9.37 32.25
CA SER G 63 -22.90 -8.28 32.72
CA SER G 63 -22.88 -8.31 32.73
C SER G 63 -23.46 -7.77 34.03
N PHE G 64 -22.59 -7.62 35.03
CA PHE G 64 -22.95 -7.17 36.37
C PHE G 64 -22.30 -5.82 36.68
N LEU G 65 -22.99 -4.99 37.48
CA LEU G 65 -22.42 -3.72 37.90
C LEU G 65 -22.75 -3.48 39.36
N SER G 66 -21.76 -3.03 40.13
CA SER G 66 -21.94 -2.45 41.47
C SER G 66 -21.37 -1.03 41.47
N ARG G 67 -22.23 -0.02 41.46
CA ARG G 67 -21.71 1.34 41.45
C ARG G 67 -20.92 1.65 42.72
N SER G 68 -21.37 1.15 43.88
CA SER G 68 -20.69 1.49 45.13
C SER G 68 -19.32 0.85 45.22
N LYS G 69 -19.14 -0.34 44.66
CA LYS G 69 -17.83 -0.97 44.61
C LYS G 69 -16.99 -0.52 43.42
N GLY G 70 -17.59 0.19 42.45
CA GLY G 70 -16.86 0.59 41.27
C GLY G 70 -16.36 -0.64 40.52
N TYR G 71 -17.25 -1.59 40.27
CA TYR G 71 -16.84 -2.90 39.79
C TYR G 71 -17.88 -3.46 38.83
N SER G 72 -17.40 -4.13 37.78
CA SER G 72 -18.26 -4.84 36.86
C SER G 72 -17.59 -6.17 36.51
N TYR G 73 -18.41 -7.15 36.18
CA TYR G 73 -17.85 -8.32 35.51
C TYR G 73 -18.68 -8.68 34.30
N LEU G 74 -17.99 -9.25 33.32
CA LEU G 74 -18.59 -9.87 32.15
C LEU G 74 -18.50 -11.38 32.38
N LEU G 75 -19.64 -12.07 32.37
CA LEU G 75 -19.71 -13.50 32.67
C LEU G 75 -20.02 -14.26 31.40
N LEU G 76 -19.13 -15.16 30.99
CA LEU G 76 -19.34 -15.98 29.79
C LEU G 76 -19.58 -17.42 30.23
N LYS G 77 -20.73 -17.97 29.87
CA LYS G 77 -21.07 -19.36 30.17
C LYS G 77 -20.92 -20.24 28.92
N GLU G 78 -20.76 -21.54 29.17
CA GLU G 78 -20.68 -22.53 28.09
C GLU G 78 -19.71 -22.09 27.01
N LEU G 79 -18.47 -21.86 27.43
CA LEU G 79 -17.46 -21.28 26.57
C LEU G 79 -17.28 -22.09 25.29
N GLN G 80 -17.13 -21.38 24.19
CA GLN G 80 -16.85 -21.97 22.89
C GLN G 80 -15.55 -21.37 22.37
N MET G 81 -14.91 -22.08 21.43
CA MET G 81 -13.65 -21.57 20.88
C MET G 81 -13.82 -20.18 20.28
N LYS G 82 -14.99 -19.88 19.73
CA LYS G 82 -15.21 -18.59 19.10
C LYS G 82 -15.26 -17.44 20.11
N ASP G 83 -15.32 -17.75 21.41
CA ASP G 83 -15.23 -16.71 22.43
C ASP G 83 -13.81 -16.25 22.65
N SER G 84 -12.81 -16.92 22.05
CA SER G 84 -11.43 -16.47 22.13
CA SER G 84 -11.44 -16.45 22.15
C SER G 84 -11.33 -15.08 21.52
N ALA G 85 -10.98 -14.09 22.33
CA ALA G 85 -10.96 -12.70 21.89
C ALA G 85 -10.44 -11.84 23.03
N SER G 86 -10.28 -10.55 22.77
CA SER G 86 -10.11 -9.60 23.86
C SER G 86 -11.44 -8.98 24.23
N TYR G 87 -11.57 -8.66 25.50
CA TYR G 87 -12.79 -8.08 26.03
C TYR G 87 -12.40 -6.76 26.67
N LEU G 88 -12.99 -5.66 26.22
CA LEU G 88 -12.61 -4.31 26.62
C LEU G 88 -13.73 -3.76 27.46
N CYS G 89 -13.38 -3.23 28.62
CA CYS G 89 -14.29 -2.50 29.50
CA CYS G 89 -14.37 -2.49 29.39
C CYS G 89 -14.05 -1.01 29.31
N ALA G 90 -15.11 -0.22 29.35
CA ALA G 90 -14.99 1.22 29.17
C ALA G 90 -16.06 1.92 29.98
N VAL G 91 -15.70 3.07 30.55
CA VAL G 91 -16.58 3.79 31.45
C VAL G 91 -16.73 5.23 30.97
N LYS G 92 -17.96 5.73 30.96
CA LYS G 92 -18.20 7.13 30.66
C LYS G 92 -18.19 7.93 31.95
N ASP G 93 -17.38 9.01 31.99
CA ASP G 93 -17.27 9.82 33.22
C ASP G 93 -18.32 10.93 33.22
N SER G 94 -18.19 11.90 34.15
CA SER G 94 -19.17 12.96 34.28
CA SER G 94 -19.17 12.96 34.28
C SER G 94 -19.25 13.84 33.04
N ASN G 95 -18.20 13.87 32.23
CA ASN G 95 -18.20 14.70 31.03
C ASN G 95 -18.45 13.87 29.78
N TYR G 96 -19.00 12.69 29.96
CA TYR G 96 -19.39 11.77 28.90
C TYR G 96 -18.17 11.30 28.12
N GLN G 97 -16.98 11.43 28.70
CA GLN G 97 -15.76 10.92 28.08
CA GLN G 97 -15.80 10.91 28.04
C GLN G 97 -15.62 9.43 28.37
N LEU G 98 -15.33 8.65 27.34
CA LEU G 98 -15.16 7.22 27.49
C LEU G 98 -13.73 6.94 27.90
N ILE G 99 -13.53 6.26 29.03
CA ILE G 99 -12.21 5.84 29.47
CA ILE G 99 -12.21 5.84 29.49
C ILE G 99 -12.12 4.33 29.26
N TRP G 100 -11.15 3.91 28.45
CA TRP G 100 -11.01 2.51 28.04
C TRP G 100 -10.02 1.73 28.91
N GLY G 101 -10.44 0.55 29.34
CA GLY G 101 -9.50 -0.41 29.91
C GLY G 101 -8.59 -0.98 28.83
N ALA G 102 -7.46 -1.55 29.26
CA ALA G 102 -6.48 -2.10 28.33
C ALA G 102 -6.89 -3.44 27.73
N GLY G 103 -7.96 -4.04 28.20
CA GLY G 103 -8.49 -5.25 27.59
C GLY G 103 -8.01 -6.51 28.28
N THR G 104 -8.85 -7.53 28.26
CA THR G 104 -8.50 -8.85 28.78
C THR G 104 -8.53 -9.82 27.61
N LYS G 105 -7.40 -10.46 27.35
CA LYS G 105 -7.33 -11.48 26.31
C LYS G 105 -7.83 -12.80 26.88
N LEU G 106 -8.89 -13.35 26.30
CA LEU G 106 -9.45 -14.61 26.76
C LEU G 106 -8.99 -15.74 25.85
N ILE G 107 -8.29 -16.72 26.43
CA ILE G 107 -7.79 -17.91 25.71
C ILE G 107 -8.62 -19.10 26.16
N ILE G 108 -9.09 -19.90 25.20
CA ILE G 108 -9.96 -21.03 25.50
C ILE G 108 -9.22 -22.30 25.15
N LYS G 109 -9.14 -23.23 26.10
CA LYS G 109 -8.52 -24.53 25.86
CA LYS G 109 -8.52 -24.54 25.86
C LYS G 109 -9.56 -25.49 25.30
N PRO G 110 -9.34 -26.08 24.12
CA PRO G 110 -10.34 -27.01 23.59
C PRO G 110 -10.35 -28.30 24.41
N ASP G 111 -11.50 -28.96 24.39
CA ASP G 111 -11.63 -30.28 25.00
C ASP G 111 -11.19 -31.33 23.99
N ILE G 112 -10.04 -31.92 24.20
CA ILE G 112 -9.46 -32.87 23.24
C ILE G 112 -9.95 -34.26 23.63
N GLN G 113 -10.89 -34.79 22.84
CA GLN G 113 -11.57 -36.04 23.20
C GLN G 113 -10.59 -37.21 23.31
N ASN G 114 -9.71 -37.36 22.32
CA ASN G 114 -8.80 -38.50 22.25
C ASN G 114 -7.41 -38.01 21.91
N PRO G 115 -6.63 -37.59 22.90
CA PRO G 115 -5.27 -37.08 22.61
C PRO G 115 -4.42 -38.16 21.96
N ASP G 116 -3.59 -37.74 21.02
CA ASP G 116 -2.73 -38.65 20.29
C ASP G 116 -1.41 -37.92 20.02
N PRO G 117 -0.71 -37.47 21.06
CA PRO G 117 0.42 -36.55 20.84
C PRO G 117 1.50 -37.18 19.97
N ALA G 118 2.04 -36.39 19.04
CA ALA G 118 3.00 -36.89 18.06
C ALA G 118 3.81 -35.73 17.49
N VAL G 119 5.04 -36.03 17.08
CA VAL G 119 5.87 -35.08 16.36
C VAL G 119 6.18 -35.69 14.99
N TYR G 120 5.71 -35.03 13.93
CA TYR G 120 5.87 -35.51 12.56
C TYR G 120 6.84 -34.63 11.79
N GLN G 121 7.60 -35.26 10.90
CA GLN G 121 8.47 -34.55 9.97
C GLN G 121 7.71 -34.30 8.67
N LEU G 122 7.49 -33.04 8.31
CA LEU G 122 6.84 -32.76 7.04
C LEU G 122 7.82 -32.98 5.89
N ARG G 123 7.27 -33.16 4.70
CA ARG G 123 8.13 -33.37 3.55
C ARG G 123 8.84 -32.07 3.18
N ASP G 124 10.11 -32.19 2.81
CA ASP G 124 10.85 -31.02 2.36
C ASP G 124 10.18 -30.43 1.13
N SER G 125 10.31 -29.12 0.97
CA SER G 125 9.95 -28.45 -0.28
C SER G 125 11.21 -28.24 -1.12
N LYS G 126 11.11 -28.46 -2.44
CA LYS G 126 12.29 -28.25 -3.27
C LYS G 126 12.67 -26.78 -3.38
N SER G 127 11.81 -25.87 -2.92
CA SER G 127 12.09 -24.44 -2.99
C SER G 127 12.51 -23.85 -1.65
N SER G 128 12.80 -24.67 -0.65
CA SER G 128 13.15 -24.14 0.66
C SER G 128 14.26 -24.98 1.27
N ASP G 129 15.18 -24.32 1.97
CA ASP G 129 16.22 -25.04 2.72
C ASP G 129 15.74 -25.47 4.11
N LYS G 130 14.48 -25.26 4.45
CA LYS G 130 14.03 -25.53 5.81
C LYS G 130 13.59 -26.98 6.00
N SER G 131 13.86 -27.51 7.19
CA SER G 131 13.23 -28.72 7.67
CA SER G 131 13.24 -28.72 7.68
C SER G 131 12.13 -28.32 8.64
N VAL G 132 10.97 -28.98 8.54
CA VAL G 132 9.76 -28.56 9.27
C VAL G 132 9.18 -29.75 10.06
N CYS G 133 8.90 -29.52 11.33
CA CYS G 133 8.37 -30.52 12.25
C CYS G 133 7.04 -30.04 12.81
N LEU G 134 6.11 -30.96 12.98
CA LEU G 134 4.79 -30.63 13.49
C LEU G 134 4.50 -31.43 14.77
N PHE G 135 4.32 -30.72 15.87
CA PHE G 135 3.86 -31.31 17.13
C PHE G 135 2.35 -31.17 17.16
N THR G 136 1.61 -32.28 17.21
CA THR G 136 0.17 -32.18 17.04
C THR G 136 -0.57 -33.21 17.89
N ASP G 137 -1.86 -32.94 18.09
CA ASP G 137 -2.86 -33.85 18.65
C ASP G 137 -2.67 -34.06 20.15
N PHE G 138 -1.97 -33.14 20.80
CA PHE G 138 -1.74 -33.21 22.24
C PHE G 138 -2.87 -32.51 22.99
N ASP G 139 -3.00 -32.89 24.26
CA ASP G 139 -4.02 -32.36 25.15
C ASP G 139 -3.73 -30.90 25.45
N SER G 140 -4.79 -30.16 25.77
CA SER G 140 -4.65 -28.71 25.88
C SER G 140 -3.87 -28.27 27.11
N GLN G 141 -3.61 -29.15 28.07
CA GLN G 141 -2.78 -28.78 29.21
C GLN G 141 -1.32 -28.62 28.83
N THR G 142 -0.90 -29.21 27.72
CA THR G 142 0.48 -29.06 27.24
C THR G 142 0.78 -27.63 26.80
N ASN G 143 1.94 -27.13 27.21
CA ASN G 143 2.45 -25.83 26.80
C ASN G 143 3.65 -26.02 25.90
N VAL G 144 3.74 -25.17 24.86
CA VAL G 144 4.81 -25.21 23.88
C VAL G 144 5.77 -24.05 24.17
N SER G 145 7.01 -24.37 24.49
CA SER G 145 7.99 -23.34 24.80
C SER G 145 8.65 -22.82 23.53
N GLN G 146 8.99 -21.53 23.55
CA GLN G 146 9.77 -20.94 22.47
C GLN G 146 11.14 -21.61 22.41
N SER G 147 11.83 -21.39 21.29
CA SER G 147 13.10 -22.05 21.06
CA SER G 147 13.09 -22.06 21.06
C SER G 147 14.20 -21.44 21.91
N LYS G 148 15.20 -22.26 22.24
CA LYS G 148 16.40 -21.82 22.92
C LYS G 148 17.58 -21.66 21.96
N ASP G 149 17.42 -22.11 20.72
CA ASP G 149 18.43 -21.98 19.66
C ASP G 149 17.98 -20.87 18.71
N SER G 150 18.87 -19.90 18.47
CA SER G 150 18.50 -18.73 17.67
CA SER G 150 18.49 -18.73 17.67
C SER G 150 18.19 -19.09 16.23
N ASP G 151 18.63 -20.25 15.74
CA ASP G 151 18.36 -20.66 14.37
C ASP G 151 17.26 -21.72 14.28
N VAL G 152 16.51 -21.92 15.36
CA VAL G 152 15.31 -22.75 15.36
C VAL G 152 14.12 -21.88 15.70
N TYR G 153 13.05 -22.01 14.94
CA TYR G 153 11.86 -21.21 15.11
C TYR G 153 10.72 -22.12 15.52
N ILE G 154 10.04 -21.78 16.61
CA ILE G 154 8.93 -22.57 17.13
C ILE G 154 7.74 -21.66 17.35
N THR G 155 6.61 -21.98 16.71
CA THR G 155 5.42 -21.17 16.90
C THR G 155 4.61 -21.69 18.09
N ASP G 156 3.69 -20.85 18.57
CA ASP G 156 2.82 -21.24 19.68
C ASP G 156 1.74 -22.20 19.17
N LYS G 157 1.06 -22.85 20.11
CA LYS G 157 0.04 -23.79 19.68
C LYS G 157 -1.16 -23.05 19.10
N CYS G 158 -1.82 -23.71 18.15
CA CYS G 158 -2.92 -23.20 17.34
C CYS G 158 -3.99 -24.28 17.35
N VAL G 159 -5.26 -23.90 17.49
CA VAL G 159 -6.36 -24.86 17.53
C VAL G 159 -7.03 -24.87 16.16
N LEU G 160 -7.04 -26.03 15.52
CA LEU G 160 -7.68 -26.13 14.22
CA LEU G 160 -7.63 -26.21 14.20
C LEU G 160 -8.93 -26.98 14.35
N ASP G 161 -9.96 -26.57 13.60
CA ASP G 161 -11.28 -27.20 13.65
C ASP G 161 -11.59 -27.82 12.28
N MET G 162 -11.67 -29.14 12.23
CA MET G 162 -12.13 -29.85 11.04
C MET G 162 -13.63 -30.04 11.20
N ARG G 163 -14.39 -29.11 10.60
CA ARG G 163 -15.81 -28.98 10.92
C ARG G 163 -16.60 -30.21 10.49
N SER G 164 -16.33 -30.71 9.29
CA SER G 164 -17.02 -31.90 8.79
C SER G 164 -16.96 -33.05 9.80
N MET G 165 -15.80 -33.27 10.40
CA MET G 165 -15.60 -34.36 11.36
CA MET G 165 -15.62 -34.36 11.35
C MET G 165 -15.85 -33.94 12.80
N ASP G 166 -16.26 -32.70 13.05
CA ASP G 166 -16.40 -32.15 14.40
C ASP G 166 -15.19 -32.54 15.25
N PHE G 167 -14.00 -32.22 14.73
CA PHE G 167 -12.75 -32.65 15.32
C PHE G 167 -11.84 -31.43 15.48
N LYS G 168 -11.32 -31.25 16.69
CA LYS G 168 -10.40 -30.15 16.98
C LYS G 168 -9.04 -30.72 17.37
N SER G 169 -7.98 -29.99 17.04
CA SER G 169 -6.65 -30.44 17.44
C SER G 169 -5.72 -29.26 17.64
N ASN G 170 -4.83 -29.40 18.62
CA ASN G 170 -3.74 -28.46 18.89
C ASN G 170 -2.54 -28.81 18.03
N SER G 171 -1.82 -27.79 17.57
CA SER G 171 -0.53 -28.07 16.94
C SER G 171 0.39 -26.87 17.08
N ALA G 172 1.69 -27.16 16.98
CA ALA G 172 2.75 -26.16 16.93
C ALA G 172 3.75 -26.60 15.88
N VAL G 173 4.44 -25.64 15.28
CA VAL G 173 5.36 -25.91 14.18
C VAL G 173 6.75 -25.47 14.61
N ALA G 174 7.76 -26.25 14.24
CA ALA G 174 9.15 -25.90 14.43
C ALA G 174 9.90 -26.05 13.11
N TRP G 175 10.84 -25.15 12.83
CA TRP G 175 11.62 -25.30 11.61
C TRP G 175 12.99 -24.68 11.78
N SER G 176 13.88 -25.10 10.89
CA SER G 176 15.27 -24.66 10.91
C SER G 176 15.92 -25.11 9.60
N ASN G 177 16.97 -24.39 9.19
CA ASN G 177 17.81 -24.86 8.11
C ASN G 177 19.15 -25.41 8.62
N LYS G 178 19.29 -25.60 9.93
CA LYS G 178 20.55 -26.07 10.50
C LYS G 178 20.72 -27.56 10.26
N SER G 179 21.97 -27.98 10.06
CA SER G 179 22.26 -29.40 9.89
C SER G 179 21.98 -30.19 11.17
N ASP G 180 22.10 -29.55 12.34
CA ASP G 180 21.79 -30.17 13.61
C ASP G 180 20.34 -30.65 13.69
N PHE G 181 19.44 -29.96 13.00
CA PHE G 181 18.02 -29.99 13.34
C PHE G 181 17.39 -31.34 13.02
N ALA G 182 16.67 -31.89 14.00
CA ALA G 182 15.92 -33.12 13.84
C ALA G 182 14.63 -33.01 14.63
N CYS G 183 13.54 -33.54 14.07
CA CYS G 183 12.25 -33.44 14.77
C CYS G 183 12.32 -34.12 16.13
N ALA G 184 13.18 -35.13 16.29
CA ALA G 184 13.30 -35.80 17.58
C ALA G 184 13.75 -34.86 18.68
N ASN G 185 14.45 -33.78 18.35
CA ASN G 185 14.93 -32.82 19.35
CA ASN G 185 14.91 -32.83 19.36
C ASN G 185 14.30 -31.45 19.22
N ALA G 186 13.45 -31.23 18.21
CA ALA G 186 12.91 -29.89 17.94
C ALA G 186 12.22 -29.30 19.16
N PHE G 187 11.38 -30.09 19.83
CA PHE G 187 10.60 -29.59 20.95
C PHE G 187 11.21 -29.99 22.29
N ASN G 188 12.53 -30.14 22.34
CA ASN G 188 13.21 -30.54 23.58
C ASN G 188 13.07 -29.53 24.70
N ASN G 189 12.83 -28.26 24.38
CA ASN G 189 12.70 -27.27 25.43
C ASN G 189 11.30 -27.20 26.01
N SER G 190 10.35 -27.97 25.46
CA SER G 190 8.99 -28.06 25.97
C SER G 190 8.85 -29.29 26.86
N ILE G 191 7.88 -29.24 27.77
CA ILE G 191 7.46 -30.44 28.52
C ILE G 191 6.36 -31.09 27.71
N ILE G 192 6.67 -32.22 27.07
CA ILE G 192 5.71 -32.83 26.16
C ILE G 192 5.24 -34.13 26.79
N PRO G 193 4.08 -34.65 26.37
CA PRO G 193 3.55 -35.86 27.00
C PRO G 193 4.49 -37.04 26.87
N GLU G 194 4.56 -37.84 27.94
CA GLU G 194 5.44 -39.00 27.97
C GLU G 194 5.19 -39.94 26.80
N ASP G 195 3.95 -40.03 26.34
CA ASP G 195 3.56 -40.99 25.32
C ASP G 195 3.59 -40.39 23.91
N THR G 196 4.26 -39.24 23.73
CA THR G 196 4.33 -38.60 22.43
C THR G 196 4.97 -39.55 21.42
N PHE G 197 4.34 -39.68 20.26
CA PHE G 197 4.77 -40.63 19.23
C PHE G 197 5.80 -39.94 18.35
N PHE G 198 6.99 -40.54 18.23
CA PHE G 198 8.03 -40.07 17.31
C PHE G 198 8.27 -41.12 16.23
N PRO G 199 7.68 -40.98 15.04
CA PRO G 199 7.90 -41.97 13.98
C PRO G 199 9.38 -42.08 13.61
N SER G 200 9.77 -43.28 13.17
CA SER G 200 11.17 -43.52 12.83
CA SER G 200 11.17 -43.50 12.84
C SER G 200 11.59 -42.65 11.64
N PRO G 201 12.83 -42.13 11.63
CA PRO G 201 13.37 -41.30 10.53
C PRO G 201 13.73 -42.11 9.29
N ASN H 2 -25.98 -0.46 3.74
CA ASN H 2 -25.77 -1.00 5.08
C ASN H 2 -24.36 -1.54 5.28
N ALA H 3 -23.36 -0.73 4.95
CA ALA H 3 -21.98 -1.14 5.14
C ALA H 3 -21.44 -0.82 6.53
N GLY H 4 -22.11 0.06 7.29
CA GLY H 4 -21.58 0.43 8.59
C GLY H 4 -20.50 1.47 8.47
N VAL H 5 -19.35 1.22 9.09
CA VAL H 5 -18.24 2.16 9.09
C VAL H 5 -17.16 1.61 8.16
N THR H 6 -16.80 2.39 7.14
CA THR H 6 -15.83 2.00 6.12
C THR H 6 -14.61 2.90 6.23
N GLN H 7 -13.47 2.34 6.61
CA GLN H 7 -12.24 3.13 6.66
C GLN H 7 -11.16 2.50 5.79
N THR H 8 -10.27 3.34 5.29
CA THR H 8 -9.19 2.95 4.40
C THR H 8 -7.98 3.83 4.72
N PRO H 9 -6.76 3.32 4.49
CA PRO H 9 -6.46 1.98 4.02
C PRO H 9 -6.32 0.99 5.16
N LYS H 10 -6.39 -0.29 4.84
CA LYS H 10 -6.19 -1.34 5.83
C LYS H 10 -4.77 -1.35 6.39
N PHE H 11 -3.78 -1.14 5.51
CA PHE H 11 -2.37 -1.19 5.87
C PHE H 11 -1.65 -0.06 5.16
N GLN H 12 -0.63 0.49 5.83
CA GLN H 12 0.19 1.51 5.19
C GLN H 12 1.55 1.59 5.86
N VAL H 13 2.60 1.63 5.05
CA VAL H 13 3.94 1.92 5.56
CA VAL H 13 3.97 1.89 5.49
C VAL H 13 4.33 3.32 5.10
N LEU H 14 4.96 4.06 6.01
CA LEU H 14 5.32 5.45 5.78
C LEU H 14 6.75 5.65 6.21
N LYS H 15 7.43 6.58 5.54
CA LYS H 15 8.71 7.07 6.02
C LYS H 15 8.50 8.28 6.92
N THR H 16 9.34 8.42 7.94
CA THR H 16 9.30 9.60 8.81
C THR H 16 9.23 10.87 7.97
N GLY H 17 8.27 11.72 8.29
CA GLY H 17 8.07 12.97 7.58
C GLY H 17 7.04 12.91 6.46
N GLN H 18 6.68 11.72 6.01
CA GLN H 18 5.67 11.57 4.96
C GLN H 18 4.28 11.95 5.47
N SER H 19 3.45 12.46 4.56
CA SER H 19 2.06 12.78 4.87
C SER H 19 1.15 11.60 4.57
N MET H 20 0.01 11.56 5.27
CA MET H 20 -0.95 10.48 5.09
CA MET H 20 -0.96 10.51 5.03
C MET H 20 -2.32 10.93 5.56
N THR H 21 -3.36 10.59 4.81
CA THR H 21 -4.74 10.79 5.22
C THR H 21 -5.42 9.43 5.31
N LEU H 22 -6.09 9.17 6.44
CA LEU H 22 -6.97 8.02 6.55
C LEU H 22 -8.41 8.48 6.31
N GLN H 23 -9.16 7.69 5.56
CA GLN H 23 -10.54 8.02 5.24
C GLN H 23 -11.48 7.21 6.12
N CYS H 24 -12.60 7.83 6.48
CA CYS H 24 -13.66 7.10 7.16
C CYS H 24 -15.02 7.64 6.73
N ALA H 25 -15.94 6.73 6.43
CA ALA H 25 -17.32 7.08 6.09
C ALA H 25 -18.24 6.14 6.84
N GLN H 26 -19.39 6.65 7.26
CA GLN H 26 -20.41 5.79 7.83
C GLN H 26 -21.72 6.05 7.11
N ASP H 27 -22.48 4.99 6.87
CA ASP H 27 -23.75 5.10 6.16
C ASP H 27 -24.92 4.79 7.09
N MET H 28 -24.75 5.06 8.38
CA MET H 28 -25.76 4.76 9.37
C MET H 28 -26.57 5.98 9.77
N ASN H 29 -26.34 7.12 9.10
CA ASN H 29 -26.96 8.40 9.44
C ASN H 29 -26.66 8.79 10.88
N HIS H 30 -25.47 8.43 11.35
CA HIS H 30 -24.99 8.82 12.67
C HIS H 30 -24.52 10.26 12.67
N ASN H 31 -24.55 10.89 13.86
CA ASN H 31 -24.12 12.27 13.98
C ASN H 31 -22.70 12.41 14.52
N SER H 32 -22.21 11.47 15.33
CA SER H 32 -20.94 11.61 16.04
C SER H 32 -19.92 10.63 15.48
N MET H 33 -18.70 11.10 15.26
CA MET H 33 -17.62 10.30 14.69
C MET H 33 -16.33 10.53 15.48
N TYR H 34 -15.45 9.54 15.46
CA TYR H 34 -14.30 9.48 16.36
C TYR H 34 -13.12 8.84 15.65
N TRP H 35 -11.90 9.25 16.01
CA TRP H 35 -10.67 8.56 15.60
C TRP H 35 -9.91 8.15 16.85
N TYR H 36 -9.62 6.86 16.96
CA TYR H 36 -8.89 6.26 18.07
C TYR H 36 -7.59 5.64 17.58
N ARG H 37 -6.60 5.57 18.45
CA ARG H 37 -5.47 4.67 18.20
C ARG H 37 -5.41 3.60 19.28
N GLN H 38 -4.97 2.42 18.89
CA GLN H 38 -4.87 1.27 19.78
C GLN H 38 -3.43 0.81 19.79
N ASP H 39 -2.83 0.76 20.97
CA ASP H 39 -1.44 0.33 21.10
C ASP H 39 -1.34 -0.75 22.17
N PRO H 40 -0.35 -1.64 22.06
CA PRO H 40 -0.26 -2.75 23.03
C PRO H 40 -0.09 -2.24 24.45
N GLY H 41 -0.77 -2.92 25.37
CA GLY H 41 -0.65 -2.61 26.78
C GLY H 41 -1.46 -1.43 27.27
N MET H 42 -2.32 -0.83 26.44
CA MET H 42 -3.09 0.31 26.91
C MET H 42 -4.46 0.32 26.25
N GLY H 43 -5.40 1.02 26.89
CA GLY H 43 -6.71 1.16 26.32
C GLY H 43 -6.71 2.12 25.15
N LEU H 44 -7.79 2.04 24.34
CA LEU H 44 -7.97 2.95 23.23
C LEU H 44 -7.81 4.41 23.66
N ARG H 45 -7.14 5.19 22.81
CA ARG H 45 -6.97 6.59 23.10
C ARG H 45 -7.58 7.42 21.99
N LEU H 46 -8.42 8.37 22.37
CA LEU H 46 -9.12 9.21 21.41
C LEU H 46 -8.17 10.27 20.87
N ILE H 47 -8.11 10.41 19.54
CA ILE H 47 -7.24 11.40 18.91
C ILE H 47 -7.98 12.70 18.66
N TYR H 48 -9.11 12.63 17.95
CA TYR H 48 -9.99 13.75 17.66
C TYR H 48 -11.39 13.17 17.55
N TYR H 49 -12.41 14.00 17.75
CA TYR H 49 -13.78 13.54 17.55
C TYR H 49 -14.62 14.65 16.96
N SER H 50 -15.82 14.28 16.55
CA SER H 50 -16.74 15.22 15.90
C SER H 50 -18.11 14.89 16.45
N ALA H 51 -18.57 15.70 17.42
CA ALA H 51 -19.81 15.41 18.14
C ALA H 51 -21.02 15.52 17.22
N SER H 52 -20.91 16.32 16.16
CA SER H 52 -21.99 16.44 15.20
CA SER H 52 -22.00 16.56 15.24
C SER H 52 -21.41 17.08 13.94
N GLU H 53 -22.19 17.02 12.86
CA GLU H 53 -21.71 17.62 11.63
C GLU H 53 -21.40 19.09 11.90
N GLY H 54 -20.29 19.59 11.35
CA GLY H 54 -19.95 20.98 11.53
C GLY H 54 -19.16 21.34 12.78
N THR H 55 -18.73 20.36 13.58
CA THR H 55 -17.84 20.66 14.71
C THR H 55 -16.90 19.48 14.95
N THR H 56 -15.69 19.81 15.41
CA THR H 56 -14.68 18.82 15.77
C THR H 56 -13.89 19.35 16.95
N ASP H 57 -13.21 18.44 17.67
CA ASP H 57 -12.37 18.89 18.77
C ASP H 57 -11.34 17.81 19.07
N LYS H 58 -10.30 18.23 19.78
CA LYS H 58 -9.23 17.32 20.14
C LYS H 58 -9.68 16.29 21.16
N GLY H 59 -9.08 15.11 21.09
CA GLY H 59 -9.27 14.09 22.10
C GLY H 59 -8.13 14.14 23.10
N GLU H 60 -7.66 12.97 23.53
CA GLU H 60 -6.58 12.88 24.50
C GLU H 60 -5.19 12.96 23.86
N VAL H 61 -5.04 12.53 22.61
CA VAL H 61 -3.71 12.55 21.98
C VAL H 61 -3.75 13.22 20.61
N PRO H 62 -4.09 14.51 20.54
CA PRO H 62 -4.24 15.15 19.23
C PRO H 62 -2.95 15.54 18.53
N ASN H 63 -1.81 15.56 19.22
CA ASN H 63 -0.62 16.18 18.64
C ASN H 63 -0.05 15.30 17.55
N GLY H 64 0.29 15.92 16.40
CA GLY H 64 0.71 15.23 15.21
C GLY H 64 -0.41 14.85 14.26
N TYR H 65 -1.65 15.20 14.59
CA TYR H 65 -2.81 14.84 13.80
C TYR H 65 -3.70 16.05 13.61
N ASN H 66 -4.54 15.97 12.57
CA ASN H 66 -5.66 16.88 12.36
CA ASN H 66 -5.69 16.85 12.45
C ASN H 66 -6.79 16.08 11.74
N VAL H 67 -8.01 16.63 11.80
CA VAL H 67 -9.17 15.94 11.21
C VAL H 67 -10.00 16.91 10.40
N SER H 68 -10.82 16.32 9.53
CA SER H 68 -11.83 17.08 8.79
CA SER H 68 -11.82 17.09 8.79
C SER H 68 -13.13 16.31 8.81
N ARG H 69 -14.17 16.93 9.37
CA ARG H 69 -15.53 16.39 9.26
C ARG H 69 -16.09 16.97 7.97
N LEU H 70 -15.88 16.24 6.87
CA LEU H 70 -16.15 16.78 5.54
C LEU H 70 -17.64 16.97 5.32
N ASN H 71 -18.45 16.07 5.85
CA ASN H 71 -19.90 16.13 5.77
C ASN H 71 -20.42 15.21 6.87
N LYS H 72 -21.71 14.89 6.82
CA LYS H 72 -22.27 14.08 7.90
C LYS H 72 -21.73 12.66 7.87
N ARG H 73 -21.30 12.19 6.69
CA ARG H 73 -20.87 10.81 6.55
C ARG H 73 -19.39 10.59 6.80
N GLU H 74 -18.55 11.59 6.59
CA GLU H 74 -17.12 11.37 6.41
C GLU H 74 -16.30 12.17 7.41
N PHE H 75 -15.24 11.53 7.92
CA PHE H 75 -14.40 12.11 8.97
C PHE H 75 -12.99 11.63 8.69
N SER H 76 -12.15 12.48 8.12
CA SER H 76 -10.82 12.04 7.71
C SER H 76 -9.80 12.42 8.78
N LEU H 77 -8.73 11.65 8.84
CA LEU H 77 -7.65 11.84 9.80
C LEU H 77 -6.35 12.06 9.05
N ARG H 78 -5.64 13.15 9.38
CA ARG H 78 -4.47 13.58 8.64
C ARG H 78 -3.23 13.49 9.53
N LEU H 79 -2.19 12.84 9.01
CA LEU H 79 -0.85 12.86 9.61
C LEU H 79 -0.03 13.72 8.65
N GLU H 80 0.24 14.95 9.04
CA GLU H 80 0.93 15.82 8.10
C GLU H 80 2.39 15.42 7.96
N SER H 81 3.03 14.99 9.06
CA SER H 81 4.46 14.66 9.06
C SER H 81 4.66 13.44 9.96
N ALA H 82 4.56 12.25 9.37
CA ALA H 82 4.51 11.03 10.17
C ALA H 82 5.75 10.88 11.03
N ALA H 83 5.55 10.42 12.25
CA ALA H 83 6.63 10.10 13.15
C ALA H 83 6.55 8.64 13.59
N PRO H 84 7.67 8.02 13.93
CA PRO H 84 7.64 6.62 14.34
C PRO H 84 6.71 6.33 15.50
N SER H 85 6.49 7.29 16.41
CA SER H 85 5.56 7.07 17.51
C SER H 85 4.12 6.92 17.03
N GLN H 86 3.82 7.31 15.80
CA GLN H 86 2.49 7.17 15.24
C GLN H 86 2.26 5.80 14.62
N THR H 87 3.26 4.93 14.67
CA THR H 87 3.02 3.52 14.36
C THR H 87 1.95 2.98 15.30
N SER H 88 0.84 2.50 14.77
CA SER H 88 -0.28 2.13 15.63
C SER H 88 -1.34 1.47 14.77
N VAL H 89 -2.45 1.09 15.41
CA VAL H 89 -3.64 0.67 14.69
C VAL H 89 -4.71 1.71 14.96
N TYR H 90 -5.24 2.31 13.88
CA TYR H 90 -6.19 3.43 13.96
C TYR H 90 -7.61 2.94 13.67
N PHE H 91 -8.55 3.32 14.53
CA PHE H 91 -9.93 2.90 14.36
C PHE H 91 -10.79 4.14 14.27
N CYS H 92 -11.62 4.20 13.24
CA CYS H 92 -12.71 5.17 13.18
CA CYS H 92 -12.67 5.20 13.29
C CYS H 92 -13.94 4.56 13.81
N ALA H 93 -14.77 5.38 14.43
CA ALA H 93 -15.99 4.86 15.03
C ALA H 93 -17.07 5.93 14.90
N SER H 94 -18.32 5.50 15.05
CA SER H 94 -19.43 6.45 15.03
C SER H 94 -20.48 6.02 16.03
N SER H 95 -21.30 6.98 16.47
CA SER H 95 -22.43 6.72 17.35
C SER H 95 -23.57 7.63 16.91
N VAL H 96 -24.80 7.27 17.27
CA VAL H 96 -25.94 8.05 16.80
C VAL H 96 -25.80 9.50 17.25
N TRP H 97 -25.54 9.69 18.54
CA TRP H 97 -25.33 11.00 19.14
C TRP H 97 -24.17 10.88 20.13
N THR H 98 -23.83 11.98 20.80
CA THR H 98 -22.96 11.85 21.96
C THR H 98 -23.52 12.72 23.07
N GLY H 99 -22.91 12.66 24.24
CA GLY H 99 -23.54 13.34 25.37
C GLY H 99 -24.77 12.63 25.84
N GLU H 100 -24.76 11.31 25.78
CA GLU H 100 -25.81 10.48 26.36
C GLU H 100 -25.14 9.20 26.82
N GLY H 101 -25.71 8.58 27.83
CA GLY H 101 -24.99 7.50 28.47
C GLY H 101 -24.89 6.24 27.65
N SER H 102 -26.01 5.76 27.11
CA SER H 102 -26.11 4.36 26.74
C SER H 102 -25.70 4.08 25.30
N GLY H 103 -25.54 5.10 24.47
CA GLY H 103 -25.34 4.84 23.04
C GLY H 103 -23.96 4.25 22.77
N GLU H 104 -23.93 3.14 22.06
CA GLU H 104 -22.67 2.44 21.84
C GLU H 104 -21.96 2.96 20.57
N LEU H 105 -20.69 2.57 20.46
CA LEU H 105 -19.86 2.88 19.31
C LEU H 105 -19.91 1.76 18.29
N PHE H 106 -19.85 2.14 17.01
CA PHE H 106 -19.73 1.24 15.87
C PHE H 106 -18.38 1.49 15.23
N PHE H 107 -17.55 0.46 15.15
CA PHE H 107 -16.16 0.61 14.75
C PHE H 107 -15.91 0.20 13.30
N GLY H 108 -15.00 0.94 12.65
CA GLY H 108 -14.43 0.49 11.37
C GLY H 108 -13.44 -0.64 11.54
N GLU H 109 -12.95 -1.15 10.39
CA GLU H 109 -12.12 -2.36 10.41
C GLU H 109 -10.70 -2.10 10.89
N GLY H 110 -10.29 -0.84 11.03
CA GLY H 110 -8.94 -0.57 11.47
C GLY H 110 -7.99 -0.31 10.31
N SER H 111 -6.99 0.53 10.59
CA SER H 111 -5.91 0.87 9.65
C SER H 111 -4.58 0.70 10.37
N ARG H 112 -3.75 -0.21 9.90
CA ARG H 112 -2.46 -0.43 10.56
C ARG H 112 -1.39 0.39 9.86
N LEU H 113 -0.79 1.32 10.61
CA LEU H 113 0.28 2.18 10.09
C LEU H 113 1.59 1.82 10.75
N THR H 114 2.65 1.71 9.94
CA THR H 114 4.01 1.58 10.47
C THR H 114 4.82 2.70 9.86
N VAL H 115 5.42 3.54 10.71
CA VAL H 115 6.22 4.68 10.28
C VAL H 115 7.66 4.35 10.57
N LEU H 116 8.52 4.44 9.54
CA LEU H 116 9.91 4.02 9.61
C LEU H 116 10.86 5.16 9.25
N GLU H 117 12.00 5.20 9.94
CA GLU H 117 13.05 6.17 9.61
C GLU H 117 13.63 5.92 8.23
N ASP H 118 13.70 4.65 7.83
CA ASP H 118 14.33 4.21 6.59
C ASP H 118 13.51 3.04 6.06
N LEU H 119 13.18 3.05 4.78
CA LEU H 119 12.43 1.92 4.22
C LEU H 119 13.32 0.72 3.89
N LYS H 120 14.62 0.80 4.15
CA LYS H 120 15.49 -0.35 3.88
C LYS H 120 15.21 -1.53 4.80
N ASN H 121 14.32 -1.38 5.78
CA ASN H 121 13.95 -2.50 6.63
C ASN H 121 12.71 -3.25 6.14
N VAL H 122 12.15 -2.87 5.00
CA VAL H 122 10.91 -3.46 4.54
C VAL H 122 11.25 -4.66 3.65
N PHE H 123 10.66 -5.83 3.94
CA PHE H 123 10.89 -7.06 3.16
C PHE H 123 9.57 -7.78 2.91
N PRO H 124 9.35 -8.32 1.72
CA PRO H 124 8.20 -9.22 1.51
C PRO H 124 8.48 -10.57 2.12
N PRO H 125 7.46 -11.43 2.27
CA PRO H 125 7.70 -12.76 2.80
C PRO H 125 8.24 -13.68 1.73
N GLU H 126 9.06 -14.63 2.17
CA GLU H 126 9.24 -15.88 1.42
C GLU H 126 8.09 -16.80 1.82
N VAL H 127 7.53 -17.52 0.86
CA VAL H 127 6.41 -18.42 1.17
C VAL H 127 6.76 -19.82 0.68
N ALA H 128 6.62 -20.81 1.57
CA ALA H 128 6.88 -22.20 1.22
C ALA H 128 5.79 -23.10 1.80
N VAL H 129 5.47 -24.18 1.08
CA VAL H 129 4.47 -25.14 1.52
CA VAL H 129 4.48 -25.14 1.54
C VAL H 129 5.15 -26.50 1.68
N PHE H 130 4.85 -27.18 2.78
CA PHE H 130 5.44 -28.47 3.11
C PHE H 130 4.35 -29.53 3.16
N GLU H 131 4.56 -30.62 2.42
CA GLU H 131 3.55 -31.67 2.27
C GLU H 131 3.46 -32.55 3.50
N PRO H 132 2.30 -33.19 3.70
CA PRO H 132 2.06 -33.95 4.93
C PRO H 132 3.03 -35.10 5.13
N SER H 133 3.26 -35.40 6.40
CA SER H 133 4.04 -36.56 6.79
C SER H 133 3.30 -37.87 6.49
N GLU H 134 3.98 -38.81 5.84
CA GLU H 134 3.35 -40.10 5.60
C GLU H 134 3.03 -40.83 6.91
N ALA H 135 3.86 -40.63 7.94
CA ALA H 135 3.57 -41.22 9.25
C ALA H 135 2.27 -40.67 9.84
N GLU H 136 2.01 -39.37 9.68
CA GLU H 136 0.76 -38.80 10.16
C GLU H 136 -0.43 -39.42 9.43
N ILE H 137 -0.32 -39.55 8.11
CA ILE H 137 -1.39 -40.14 7.32
C ILE H 137 -1.71 -41.56 7.80
N SER H 138 -0.69 -42.38 8.04
CA SER H 138 -1.02 -43.75 8.38
C SER H 138 -1.45 -43.90 9.83
N HIS H 139 -1.03 -42.97 10.70
CA HIS H 139 -1.37 -43.08 12.12
C HIS H 139 -2.71 -42.45 12.46
N THR H 140 -3.13 -41.40 11.73
CA THR H 140 -4.32 -40.64 12.09
C THR H 140 -5.38 -40.61 11.00
N GLN H 141 -5.07 -41.07 9.78
CA GLN H 141 -5.94 -40.93 8.61
C GLN H 141 -6.25 -39.46 8.30
N LYS H 142 -5.38 -38.56 8.73
CA LYS H 142 -5.47 -37.13 8.39
C LYS H 142 -4.11 -36.68 7.86
N ALA H 143 -4.10 -35.51 7.24
CA ALA H 143 -2.90 -35.02 6.57
C ALA H 143 -2.81 -33.51 6.74
N THR H 144 -1.73 -33.05 7.39
CA THR H 144 -1.56 -31.64 7.70
C THR H 144 -0.50 -31.04 6.78
N LEU H 145 -0.90 -30.06 5.96
CA LEU H 145 0.05 -29.23 5.22
C LEU H 145 0.43 -28.02 6.04
N VAL H 146 1.67 -27.57 5.89
CA VAL H 146 2.17 -26.40 6.60
C VAL H 146 2.65 -25.38 5.58
N CYS H 147 2.24 -24.13 5.81
CA CYS H 147 2.72 -22.99 5.03
C CYS H 147 3.55 -22.12 5.95
N LEU H 148 4.73 -21.71 5.49
CA LEU H 148 5.60 -20.80 6.23
C LEU H 148 5.80 -19.53 5.42
N ALA H 149 5.49 -18.40 6.02
CA ALA H 149 5.77 -17.09 5.44
C ALA H 149 6.83 -16.46 6.32
N THR H 150 8.02 -16.20 5.77
CA THR H 150 9.16 -15.91 6.63
C THR H 150 9.92 -14.69 6.12
N GLY H 151 10.57 -13.98 7.04
CA GLY H 151 11.44 -12.88 6.70
C GLY H 151 10.77 -11.57 6.32
N PHE H 152 9.48 -11.39 6.61
CA PHE H 152 8.79 -10.19 6.15
C PHE H 152 8.84 -9.08 7.22
N TYR H 153 8.72 -7.85 6.75
CA TYR H 153 8.67 -6.67 7.64
C TYR H 153 8.10 -5.51 6.84
N PRO H 154 7.14 -4.74 7.40
CA PRO H 154 6.53 -4.91 8.72
C PRO H 154 5.48 -6.00 8.73
N ASP H 155 4.77 -6.17 9.85
CA ASP H 155 3.79 -7.25 9.94
C ASP H 155 2.49 -6.81 9.28
N HIS H 156 2.54 -6.72 7.95
CA HIS H 156 1.39 -6.31 7.13
C HIS H 156 1.12 -7.41 6.12
N VAL H 157 0.54 -8.54 6.56
CA VAL H 157 0.31 -9.67 5.67
C VAL H 157 -1.07 -10.28 5.88
N GLU H 158 -1.59 -10.91 4.83
CA GLU H 158 -2.81 -11.70 4.91
C GLU H 158 -2.53 -13.04 4.23
N LEU H 159 -2.64 -14.13 4.99
CA LEU H 159 -2.36 -15.47 4.48
C LEU H 159 -3.69 -16.17 4.23
N SER H 160 -3.78 -16.88 3.10
CA SER H 160 -4.99 -17.61 2.75
C SER H 160 -4.61 -18.94 2.10
N TRP H 161 -5.47 -19.94 2.27
CA TRP H 161 -5.30 -21.23 1.60
C TRP H 161 -6.34 -21.37 0.49
N TRP H 162 -5.91 -22.03 -0.59
CA TRP H 162 -6.73 -22.23 -1.77
C TRP H 162 -6.66 -23.69 -2.14
N VAL H 163 -7.83 -24.33 -2.21
CA VAL H 163 -7.92 -25.73 -2.57
C VAL H 163 -8.74 -25.82 -3.86
N ASN H 164 -8.14 -26.40 -4.89
CA ASN H 164 -8.81 -26.54 -6.18
C ASN H 164 -9.33 -25.18 -6.67
N GLY H 165 -8.54 -24.15 -6.45
CA GLY H 165 -8.82 -22.81 -6.94
C GLY H 165 -9.79 -22.00 -6.11
N LYS H 166 -10.39 -22.56 -5.06
CA LYS H 166 -11.29 -21.83 -4.19
C LYS H 166 -10.65 -21.63 -2.82
N GLU H 167 -10.83 -20.44 -2.24
CA GLU H 167 -10.30 -20.19 -0.91
C GLU H 167 -11.07 -21.02 0.12
N VAL H 168 -10.34 -21.63 1.05
CA VAL H 168 -10.97 -22.42 2.10
C VAL H 168 -10.59 -21.85 3.46
N HIS H 169 -11.45 -22.11 4.45
CA HIS H 169 -11.22 -21.72 5.83
CA HIS H 169 -11.12 -21.76 5.82
C HIS H 169 -11.39 -22.89 6.80
N SER H 170 -12.24 -23.86 6.46
CA SER H 170 -12.38 -25.00 7.35
C SER H 170 -11.09 -25.81 7.35
N GLY H 171 -10.69 -26.29 8.53
CA GLY H 171 -9.47 -27.05 8.67
C GLY H 171 -8.19 -26.23 8.66
N VAL H 172 -8.30 -24.90 8.67
CA VAL H 172 -7.15 -24.00 8.64
C VAL H 172 -6.91 -23.45 10.04
N CYS H 173 -5.64 -23.35 10.46
CA CYS H 173 -5.28 -22.53 11.61
CA CYS H 173 -5.34 -22.45 11.54
C CYS H 173 -4.01 -21.77 11.29
N THR H 174 -4.06 -20.45 11.32
CA THR H 174 -2.92 -19.58 11.07
C THR H 174 -2.57 -18.92 12.39
N ASP H 175 -1.27 -18.84 12.70
CA ASP H 175 -0.87 -18.20 13.95
C ASP H 175 -1.56 -16.84 14.10
N PRO H 176 -2.19 -16.55 15.24
CA PRO H 176 -2.81 -15.22 15.40
C PRO H 176 -1.78 -14.09 15.50
N GLN H 177 -0.57 -14.37 15.94
CA GLN H 177 0.49 -13.37 15.98
C GLN H 177 1.73 -13.90 15.28
N PRO H 178 2.48 -13.05 14.60
CA PRO H 178 3.72 -13.51 13.97
C PRO H 178 4.81 -13.71 15.02
N LEU H 179 5.83 -14.44 14.62
CA LEU H 179 7.01 -14.70 15.42
C LEU H 179 8.10 -13.72 15.00
N LYS H 180 8.75 -13.09 15.98
CA LYS H 180 9.95 -12.30 15.66
C LYS H 180 11.10 -13.25 15.41
N GLU H 181 11.72 -13.15 14.22
CA GLU H 181 12.82 -14.06 13.93
C GLU H 181 14.03 -13.77 14.79
N GLN H 182 14.21 -12.52 15.21
CA GLN H 182 15.26 -12.13 16.15
C GLN H 182 14.61 -11.35 17.28
N PRO H 183 14.11 -12.04 18.31
CA PRO H 183 13.26 -11.38 19.31
C PRO H 183 13.89 -10.17 20.01
N ALA H 184 15.22 -10.02 19.97
CA ALA H 184 15.86 -8.90 20.65
C ALA H 184 15.82 -7.61 19.83
N LEU H 185 15.75 -7.71 18.51
CA LEU H 185 15.82 -6.52 17.66
C LEU H 185 14.46 -5.83 17.58
N ASN H 186 14.48 -4.50 17.70
CA ASN H 186 13.24 -3.73 17.63
C ASN H 186 12.56 -3.85 16.27
N ASP H 187 13.35 -4.00 15.20
CA ASP H 187 12.82 -4.08 13.84
C ASP H 187 13.02 -5.46 13.22
N SER H 188 13.02 -6.49 14.08
CA SER H 188 13.13 -7.88 13.64
C SER H 188 12.15 -8.17 12.52
N ARG H 189 12.62 -8.89 11.50
CA ARG H 189 11.69 -9.46 10.54
C ARG H 189 10.86 -10.58 11.20
N TYR H 190 9.76 -10.94 10.55
CA TYR H 190 8.74 -11.80 11.16
C TYR H 190 8.61 -13.11 10.40
N ALA H 191 8.03 -14.09 11.11
CA ALA H 191 7.62 -15.36 10.53
C ALA H 191 6.19 -15.68 10.95
N LEU H 192 5.46 -16.34 10.06
CA LEU H 192 4.07 -16.72 10.28
C LEU H 192 3.88 -18.13 9.75
N SER H 193 3.25 -18.99 10.54
CA SER H 193 2.97 -20.34 10.08
C SER H 193 1.47 -20.54 10.02
N SER H 194 1.05 -21.42 9.11
CA SER H 194 -0.34 -21.81 9.01
C SER H 194 -0.40 -23.29 8.68
N ARG H 195 -1.46 -23.94 9.15
CA ARG H 195 -1.71 -25.35 8.85
C ARG H 195 -3.06 -25.49 8.18
N LEU H 196 -3.14 -26.43 7.24
CA LEU H 196 -4.39 -26.88 6.64
C LEU H 196 -4.44 -28.39 6.83
N ARG H 197 -5.47 -28.90 7.50
CA ARG H 197 -5.55 -30.34 7.74
C ARG H 197 -6.76 -30.89 7.01
N VAL H 198 -6.55 -31.97 6.24
CA VAL H 198 -7.62 -32.58 5.46
C VAL H 198 -7.63 -34.07 5.79
N SER H 199 -8.65 -34.76 5.31
CA SER H 199 -8.65 -36.21 5.46
C SER H 199 -7.55 -36.82 4.58
N ALA H 200 -7.05 -37.98 4.99
CA ALA H 200 -6.09 -38.71 4.17
C ALA H 200 -6.66 -39.01 2.78
N THR H 201 -7.95 -39.35 2.70
CA THR H 201 -8.56 -39.60 1.39
CA THR H 201 -8.56 -39.60 1.39
C THR H 201 -8.52 -38.36 0.51
N PHE H 202 -8.74 -37.18 1.09
CA PHE H 202 -8.68 -35.96 0.29
C PHE H 202 -7.27 -35.69 -0.19
N TRP H 203 -6.28 -35.89 0.67
CA TRP H 203 -4.89 -35.68 0.28
C TRP H 203 -4.45 -36.67 -0.80
N GLN H 204 -4.97 -37.88 -0.76
CA GLN H 204 -4.52 -38.95 -1.67
C GLN H 204 -5.16 -38.87 -3.05
N ASN H 205 -6.05 -37.93 -3.28
CA ASN H 205 -6.64 -37.71 -4.60
C ASN H 205 -5.65 -36.89 -5.41
N PRO H 206 -5.06 -37.46 -6.47
CA PRO H 206 -3.99 -36.75 -7.19
C PRO H 206 -4.48 -35.54 -7.98
N ARG H 207 -5.77 -35.35 -8.11
CA ARG H 207 -6.27 -34.19 -8.82
CA ARG H 207 -6.27 -34.18 -8.81
C ARG H 207 -6.54 -33.00 -7.88
N ASN H 208 -6.39 -33.17 -6.57
CA ASN H 208 -6.56 -32.07 -5.64
C ASN H 208 -5.31 -31.21 -5.57
N HIS H 209 -5.50 -29.90 -5.51
CA HIS H 209 -4.42 -28.93 -5.60
C HIS H 209 -4.52 -27.95 -4.45
N PHE H 210 -3.39 -27.66 -3.81
CA PHE H 210 -3.36 -26.83 -2.61
C PHE H 210 -2.41 -25.66 -2.84
N ARG H 211 -2.81 -24.46 -2.42
CA ARG H 211 -1.94 -23.32 -2.55
C ARG H 211 -2.07 -22.46 -1.31
N CYS H 212 -0.95 -21.97 -0.81
CA CYS H 212 -0.90 -20.98 0.25
CA CYS H 212 -0.90 -20.97 0.26
CA CYS H 212 -0.99 -20.96 0.23
C CYS H 212 -0.48 -19.65 -0.36
N GLN H 213 -1.21 -18.59 -0.03
CA GLN H 213 -1.01 -17.32 -0.69
C GLN H 213 -0.90 -16.25 0.37
N VAL H 214 0.07 -15.35 0.23
CA VAL H 214 0.26 -14.27 1.20
C VAL H 214 0.24 -12.94 0.46
N GLN H 215 -0.73 -12.09 0.80
CA GLN H 215 -0.74 -10.72 0.34
C GLN H 215 0.14 -9.90 1.30
N PHE H 216 1.15 -9.25 0.75
CA PHE H 216 2.00 -8.34 1.52
C PHE H 216 1.68 -6.91 1.13
N TYR H 217 1.54 -6.03 2.14
CA TYR H 217 1.32 -4.60 1.93
C TYR H 217 2.65 -3.89 2.19
N GLY H 218 3.22 -3.29 1.15
CA GLY H 218 4.54 -2.71 1.29
C GLY H 218 4.63 -1.35 0.64
N LEU H 219 5.62 -1.17 -0.23
CA LEU H 219 5.88 0.11 -0.85
C LEU H 219 5.03 0.30 -2.10
N SER H 220 4.91 1.55 -2.52
CA SER H 220 4.19 1.89 -3.74
C SER H 220 5.11 2.70 -4.64
N GLU H 221 4.55 3.12 -5.78
CA GLU H 221 5.35 3.73 -6.84
C GLU H 221 6.11 4.94 -6.34
N ASN H 222 5.48 5.77 -5.49
CA ASN H 222 6.06 7.04 -5.08
C ASN H 222 7.08 6.91 -3.96
N ASP H 223 7.13 5.78 -3.25
CA ASP H 223 8.18 5.56 -2.29
C ASP H 223 9.53 5.47 -2.98
N GLU H 224 10.53 6.14 -2.40
CA GLU H 224 11.88 6.12 -2.97
C GLU H 224 12.62 4.85 -2.57
N TRP H 225 13.32 4.25 -3.52
CA TRP H 225 14.06 3.02 -3.25
C TRP H 225 15.47 3.20 -3.76
N THR H 226 16.47 2.90 -2.90
CA THR H 226 17.87 3.09 -3.24
C THR H 226 18.72 1.87 -2.90
N GLN H 227 18.10 0.77 -2.44
CA GLN H 227 18.86 -0.41 -2.09
C GLN H 227 19.17 -1.25 -3.33
N ASP H 228 20.14 -2.15 -3.17
CA ASP H 228 20.55 -3.05 -4.25
C ASP H 228 19.50 -4.11 -4.52
N ARG H 229 18.75 -4.52 -3.51
CA ARG H 229 17.77 -5.57 -3.68
C ARG H 229 16.49 -5.02 -4.33
N ALA H 230 15.54 -5.91 -4.59
CA ALA H 230 14.34 -5.52 -5.30
C ALA H 230 13.45 -4.68 -4.38
N LYS H 231 12.85 -3.65 -4.95
CA LYS H 231 11.94 -2.78 -4.19
C LYS H 231 10.79 -3.59 -3.62
N PRO H 232 10.55 -3.55 -2.27
CA PRO H 232 9.54 -4.43 -1.63
C PRO H 232 8.13 -3.84 -1.71
N VAL H 233 7.58 -3.88 -2.92
CA VAL H 233 6.26 -3.34 -3.19
C VAL H 233 5.17 -4.29 -2.66
N THR H 234 3.98 -3.73 -2.49
CA THR H 234 2.79 -4.54 -2.26
C THR H 234 2.68 -5.62 -3.33
N GLN H 235 2.39 -6.85 -2.89
CA GLN H 235 2.53 -7.99 -3.79
C GLN H 235 1.99 -9.25 -3.12
N ILE H 236 1.73 -10.25 -3.96
CA ILE H 236 1.25 -11.55 -3.50
C ILE H 236 2.35 -12.55 -3.74
N VAL H 237 2.68 -13.34 -2.73
CA VAL H 237 3.68 -14.41 -2.84
C VAL H 237 2.98 -15.74 -2.50
N SER H 238 3.18 -16.79 -3.30
CA SER H 238 2.45 -18.02 -3.04
CA SER H 238 2.44 -18.02 -3.07
C SER H 238 3.33 -19.25 -3.27
N ALA H 239 2.84 -20.40 -2.78
CA ALA H 239 3.49 -21.67 -3.01
C ALA H 239 2.42 -22.76 -3.03
N GLU H 240 2.65 -23.83 -3.79
CA GLU H 240 1.57 -24.80 -3.94
C GLU H 240 2.07 -26.22 -3.74
N ALA H 241 1.10 -27.13 -3.63
CA ALA H 241 1.33 -28.57 -3.59
C ALA H 241 0.16 -29.28 -4.25
N TRP H 242 0.42 -30.46 -4.81
CA TRP H 242 -0.60 -31.34 -5.33
C TRP H 242 -0.74 -32.56 -4.45
N GLY H 243 -1.97 -33.09 -4.38
CA GLY H 243 -2.19 -34.35 -3.69
C GLY H 243 -1.36 -35.47 -4.30
N ARG H 244 -1.22 -36.54 -3.52
CA ARG H 244 -0.33 -37.64 -3.90
C ARG H 244 -1.06 -38.95 -3.67
N ALA H 245 -1.23 -39.72 -4.73
CA ALA H 245 -1.83 -41.05 -4.64
C ALA H 245 -0.88 -42.01 -3.92
#